data_3NVZ
#
_entry.id   3NVZ
#
_cell.length_a   133.409
_cell.length_b   73.704
_cell.length_c   138.922
_cell.angle_alpha   90.000
_cell.angle_beta   97.120
_cell.angle_gamma   90.000
#
_symmetry.space_group_name_H-M   'P 1 21 1'
#
loop_
_entity.id
_entity.type
_entity.pdbx_description
1 polymer 'Xanthine dehydrogenase/oxidase'
2 polymer 'Xanthine dehydrogenase/oxidase'
3 polymer 'Xanthine dehydrogenase/oxidase'
4 non-polymer 'FE2/S2 (INORGANIC) CLUSTER'
5 non-polymer 'FLAVIN-ADENINE DINUCLEOTIDE'
6 non-polymer 'PHOSPHONIC ACIDMONO-(2-AMINO-5,6-DIMERCAPTO-4-OXO-3,7,8A,9,10,10A-HEXAHYDRO-4H-8-OXA-1,3,9,10-TETRAAZA-ANTHRACEN-7-YLMETHYL)ESTER'
7 non-polymer 'DIOXOTHIOMOLYBDENUM(VI) ION'
8 non-polymer 1H-INDOLE-3-CARBALDEHYDE
9 water water
#
loop_
_entity_poly.entity_id
_entity_poly.type
_entity_poly.pdbx_seq_one_letter_code
_entity_poly.pdbx_strand_id
1 'polypeptide(L)'
;TADELVFFVNGKKVVEKNADPETTLLAYLRRKLGLRGTKLGCGEGGCGACTVMLSKYDRLQDKIIHFSANACLAPICTLH
HVAVTTVEGIGSTKTRLHPVQERIAKSHGSQCGFCTPGIVMSMYTLLRNQPEPTVEEIEDAFQGNLCRCTGYRPILQGFR
TFAK
;
A,J
2 'polypeptide(L)'
;PKQLRFEGERVTWIQASTLKELLDLKAQHPEAKLVVGNTEIGIEMKFKNQLFPMIICPAWIPELNAVEHGPEGISFGAAC
ALSSVEKTLLEAVAKLPTQKTEVFRGVLEQLRWFAGKQVKSVASLGGNIITASPISDLNPVFMASGTKLTIVSRGTRRTV
PMDHTFFPSYRKTLLGPEEILLSIEIPYSREDEFFSAFKQASRREDDIAKVTCGMRVLFQPGSMQVKELALCYGGMADRT
ISALKTTQKQLSKFWNEKLLQDVCAGLAEELSLSPDAPGGMIEFRRTLTLSFFFKFYLTVLKKLG
;
B,K
3 'polypeptide(L)'
;DTVGRPLPHLAAAMQASGEAVYCDDIPRYENELFLRLVTSTRAHAKIKSIDVSEAQKVPGFVCFLSADDIPGSNETGLFN
DETVFAKDTVTCVGHIIGAVVADTPEHAERAAHVVKVTYEDLPAIITIEDAIKNNSFYGSELKIEKGDLKKGFSEADNVV
SGELYIGGQDHFYLETHCTIAIPKGEEGEMELFVSTQNAMKTQSFVAKMLGVPVNRILVRVKRMGGGFGGKETRSTLVSV
AVALAAYKTGHPVRCMLDRNEDMLITGGRHPFLARYKVGFMKTGTIVALEVDHYSNAGNSRDLSHSIMERALFHMDNCYK
IPNIRGTGRLCKTNLSSNTAFRGFGGPQALFIAENWMSEVAVTCGLPAEEVRWKNMYKEGDLTHFNQRLEGFSVPRCWDE
CLKSSQYYARKSEVDKFNKENCWKKRGLCIIPTKFGISFTVPFLNQAGALIHVYTDGSVLVSHGGTEMGQGLHTKMVQVA
SKALKIPISKIYISETSTNTVPNSSPTAASVSTDIYGQAVYEACQTILKRLEPFKKKNPDGSWEDWVMAAYQDRVSLSTT
GFYRTPNLGYSFETNSGNAFHYFTYGVACSEVEIDCLTGDHKNLRTDIVMDVGSSLNPAIDIGQVEGAFVQGLGLFTLEE
LHYSPEGSLHTRGPSTYKIPAFGSIPTEFRVSLLRDCPNKKAIYASKAVGEPPLFLGASVFFAIKDAIRAARAQHTNNNT
KELFRLDSPATPEKIRNACVDKFTTLCVTGAPGNC
;
C,L
#
loop_
_chem_comp.id
_chem_comp.type
_chem_comp.name
_chem_comp.formula
FAD non-polymer 'FLAVIN-ADENINE DINUCLEOTIDE' 'C27 H33 N9 O15 P2'
FES non-polymer 'FE2/S2 (INORGANIC) CLUSTER' 'Fe2 S2'
I3A non-polymer 1H-INDOLE-3-CARBALDEHYDE 'C9 H7 N O'
MOS non-polymer 'DIOXOTHIOMOLYBDENUM(VI) ION' 'H Mo O2 S'
MTE non-polymer 'PHOSPHONIC ACIDMONO-(2-AMINO-5,6-DIMERCAPTO-4-OXO-3,7,8A,9,10,10A-HEXAHYDRO-4H-8-OXA-1,3,9,10-TETRAAZA-ANTHRACEN-7-YLMETHYL)ESTER' 'C10 H14 N5 O6 P S2'
#
# COMPACT_ATOMS: atom_id res chain seq x y z
N THR A 1 -30.37 -18.38 19.04
CA THR A 1 -30.38 -16.89 18.86
C THR A 1 -29.49 -16.22 19.90
N ALA A 2 -28.45 -15.53 19.42
CA ALA A 2 -27.37 -15.06 20.26
C ALA A 2 -27.62 -13.73 20.97
N ASP A 3 -27.09 -13.63 22.18
CA ASP A 3 -27.06 -12.39 22.93
C ASP A 3 -25.96 -11.47 22.38
N GLU A 4 -26.13 -10.16 22.56
CA GLU A 4 -25.07 -9.21 22.21
C GLU A 4 -24.00 -9.24 23.29
N LEU A 5 -22.75 -9.14 22.86
CA LEU A 5 -21.60 -8.96 23.75
C LEU A 5 -21.25 -7.49 23.82
N VAL A 6 -21.20 -6.98 25.05
CA VAL A 6 -20.93 -5.55 25.30
C VAL A 6 -19.68 -5.37 26.19
N PHE A 7 -18.66 -4.73 25.65
CA PHE A 7 -17.46 -4.37 26.44
C PHE A 7 -16.93 -3.00 26.02
N PHE A 8 -15.90 -2.49 26.71
CA PHE A 8 -15.34 -1.18 26.39
C PHE A 8 -13.87 -1.31 26.06
N VAL A 9 -13.40 -0.50 25.12
CA VAL A 9 -11.98 -0.43 24.79
C VAL A 9 -11.54 1.02 24.77
N ASN A 10 -10.60 1.36 25.64
CA ASN A 10 -10.09 2.74 25.76
C ASN A 10 -11.23 3.74 25.92
N GLY A 11 -12.20 3.37 26.76
CA GLY A 11 -13.32 4.25 27.12
C GLY A 11 -14.49 4.22 26.17
N LYS A 12 -14.36 3.47 25.07
CA LYS A 12 -15.40 3.47 24.03
C LYS A 12 -16.16 2.15 23.98
N LYS A 13 -17.49 2.25 23.90
CA LYS A 13 -18.36 1.08 23.89
C LYS A 13 -18.25 0.24 22.61
N VAL A 14 -18.08 -1.06 22.81
CA VAL A 14 -18.10 -2.04 21.71
C VAL A 14 -19.33 -2.93 21.87
N VAL A 15 -20.21 -2.92 20.86
CA VAL A 15 -21.35 -3.84 20.82
C VAL A 15 -21.11 -4.88 19.74
N GLU A 16 -20.80 -6.10 20.15
CA GLU A 16 -20.57 -7.18 19.21
C GLU A 16 -21.78 -8.09 19.14
N LYS A 17 -22.50 -8.02 18.02
CA LYS A 17 -23.78 -8.70 17.88
C LYS A 17 -23.66 -10.18 17.56
N ASN A 18 -22.48 -10.60 17.06
CA ASN A 18 -22.26 -11.97 16.63
C ASN A 18 -20.88 -12.48 17.07
N ALA A 19 -20.63 -12.35 18.37
CA ALA A 19 -19.41 -12.85 18.99
C ALA A 19 -19.21 -14.34 18.73
N ASP A 20 -18.04 -14.71 18.24
CA ASP A 20 -17.64 -16.11 18.13
C ASP A 20 -16.83 -16.47 19.37
N PRO A 21 -17.25 -17.53 20.10
CA PRO A 21 -16.53 -17.97 21.31
C PRO A 21 -15.03 -18.24 21.08
N GLU A 22 -14.64 -18.57 19.86
CA GLU A 22 -13.24 -18.85 19.54
C GLU A 22 -12.35 -17.61 19.41
N THR A 23 -12.96 -16.42 19.31
CA THR A 23 -12.23 -15.18 19.07
C THR A 23 -11.50 -14.65 20.33
N THR A 24 -10.20 -14.38 20.19
CA THR A 24 -9.37 -13.88 21.29
C THR A 24 -9.43 -12.35 21.32
N LEU A 25 -9.15 -11.74 22.46
CA LEU A 25 -9.13 -10.29 22.51
C LEU A 25 -8.05 -9.74 21.56
N LEU A 26 -6.91 -10.42 21.49
CA LEU A 26 -5.82 -9.93 20.63
C LEU A 26 -6.27 -9.84 19.17
N ALA A 27 -6.93 -10.91 18.70
CA ALA A 27 -7.49 -10.91 17.35
C ALA A 27 -8.50 -9.77 17.16
N TYR A 28 -9.36 -9.58 18.17
CA TYR A 28 -10.40 -8.54 18.11
C TYR A 28 -9.80 -7.14 18.04
N LEU A 29 -8.83 -6.85 18.90
CA LEU A 29 -8.18 -5.54 18.93
C LEU A 29 -7.47 -5.22 17.61
N ARG A 30 -6.68 -6.16 17.13
CA ARG A 30 -5.83 -5.96 15.97
C ARG A 30 -6.63 -5.98 14.67
N ARG A 31 -7.57 -6.93 14.56
CA ARG A 31 -8.19 -7.22 13.26
C ARG A 31 -9.63 -6.77 13.09
N LYS A 32 -10.30 -6.49 14.20
CA LYS A 32 -11.63 -5.87 14.10
C LYS A 32 -11.57 -4.38 14.42
N LEU A 33 -10.89 -4.00 15.50
CA LEU A 33 -10.85 -2.58 15.89
C LEU A 33 -9.70 -1.76 15.29
N GLY A 34 -8.70 -2.44 14.75
CA GLY A 34 -7.60 -1.78 14.08
C GLY A 34 -6.64 -1.10 15.05
N LEU A 35 -6.60 -1.57 16.31
CA LEU A 35 -5.65 -1.07 17.32
C LEU A 35 -4.46 -2.03 17.38
N ARG A 36 -3.39 -1.67 16.66
CA ARG A 36 -2.28 -2.59 16.46
C ARG A 36 -1.09 -2.43 17.41
N GLY A 37 -1.24 -1.54 18.39
CA GLY A 37 -0.23 -1.39 19.46
C GLY A 37 0.05 -2.68 20.22
N THR A 38 -1.01 -3.43 20.51
CA THR A 38 -0.93 -4.70 21.22
C THR A 38 -0.44 -5.75 20.22
N LYS A 39 0.63 -6.46 20.61
CA LYS A 39 1.33 -7.39 19.69
C LYS A 39 1.16 -8.86 20.00
N LEU A 40 1.35 -9.69 18.97
CA LEU A 40 1.51 -11.13 19.06
C LEU A 40 3.01 -11.48 19.10
N GLY A 41 3.38 -12.18 20.17
CA GLY A 41 4.76 -12.64 20.37
C GLY A 41 4.87 -14.18 20.55
N CYS A 42 3.81 -14.82 21.05
CA CYS A 42 3.86 -16.29 21.19
C CYS A 42 2.50 -17.03 21.16
N GLY A 43 1.42 -16.37 21.55
CA GLY A 43 0.10 -17.02 21.59
C GLY A 43 -0.12 -18.00 22.73
N GLU A 44 0.81 -18.08 23.67
CA GLU A 44 0.75 -19.10 24.72
C GLU A 44 1.01 -18.54 26.14
N GLY A 45 0.94 -17.22 26.29
CA GLY A 45 0.97 -16.60 27.62
C GLY A 45 2.34 -16.36 28.23
N GLY A 46 3.40 -16.74 27.52
CA GLY A 46 4.75 -16.62 28.06
C GLY A 46 5.52 -15.34 27.84
N CYS A 47 5.11 -14.51 26.87
CA CYS A 47 5.99 -13.40 26.48
C CYS A 47 5.47 -12.00 26.87
N GLY A 48 4.16 -11.84 27.07
CA GLY A 48 3.60 -10.56 27.52
C GLY A 48 3.49 -9.45 26.47
N ALA A 49 3.89 -9.71 25.21
CA ALA A 49 3.79 -8.69 24.14
C ALA A 49 2.35 -8.20 23.93
N CYS A 50 1.39 -9.05 24.32
CA CYS A 50 -0.04 -8.81 24.11
C CYS A 50 -0.72 -8.26 25.39
N THR A 51 0.09 -7.86 26.37
CA THR A 51 -0.44 -7.42 27.67
C THR A 51 -1.37 -6.21 27.55
N VAL A 52 -2.55 -6.31 28.16
CA VAL A 52 -3.47 -5.18 28.26
C VAL A 52 -3.91 -5.01 29.72
N MET A 53 -4.56 -3.90 30.04
CA MET A 53 -5.19 -3.79 31.36
C MET A 53 -6.69 -4.05 31.24
N LEU A 54 -7.22 -4.84 32.18
CA LEU A 54 -8.66 -5.06 32.25
C LEU A 54 -9.17 -4.41 33.53
N SER A 55 -10.36 -3.81 33.44
CA SER A 55 -11.04 -3.22 34.59
C SER A 55 -12.48 -3.67 34.63
N LYS A 56 -13.00 -3.87 35.84
CA LYS A 56 -14.44 -4.10 35.96
C LYS A 56 -14.92 -3.71 37.36
N TYR A 57 -16.22 -3.54 37.47
CA TYR A 57 -16.81 -3.37 38.79
C TYR A 57 -17.09 -4.77 39.30
N ASP A 58 -16.30 -5.20 40.28
CA ASP A 58 -16.49 -6.52 40.89
C ASP A 58 -17.67 -6.48 41.86
N ARG A 59 -18.79 -7.10 41.47
CA ARG A 59 -20.01 -7.11 42.26
C ARG A 59 -19.83 -7.80 43.63
N LEU A 60 -18.90 -8.74 43.70
CA LEU A 60 -18.69 -9.49 44.93
C LEU A 60 -17.80 -8.75 45.94
N GLN A 61 -17.06 -7.75 45.47
CA GLN A 61 -16.22 -6.94 46.35
C GLN A 61 -16.79 -5.55 46.52
N ASP A 62 -17.80 -5.23 45.71
CA ASP A 62 -18.37 -3.88 45.58
C ASP A 62 -17.30 -2.81 45.29
N LYS A 63 -16.43 -3.11 44.32
CA LYS A 63 -15.22 -2.34 44.11
C LYS A 63 -14.85 -2.43 42.64
N ILE A 64 -14.37 -1.31 42.06
CA ILE A 64 -13.71 -1.34 40.75
C ILE A 64 -12.33 -1.99 40.95
N ILE A 65 -11.98 -2.94 40.08
CA ILE A 65 -10.67 -3.60 40.13
C ILE A 65 -9.96 -3.46 38.79
N HIS A 66 -8.63 -3.42 38.81
CA HIS A 66 -7.81 -3.24 37.61
C HIS A 66 -6.72 -4.29 37.65
N PHE A 67 -6.58 -5.06 36.58
CA PHE A 67 -5.50 -6.07 36.52
C PHE A 67 -5.00 -6.24 35.09
N SER A 68 -3.84 -6.88 34.94
CA SER A 68 -3.28 -7.13 33.62
C SER A 68 -3.65 -8.52 33.14
N ALA A 69 -3.64 -8.69 31.81
CA ALA A 69 -4.00 -9.96 31.20
C ALA A 69 -3.35 -10.06 29.83
N ASN A 70 -3.11 -11.31 29.41
CA ASN A 70 -2.61 -11.60 28.09
C ASN A 70 -3.77 -11.57 27.09
N ALA A 71 -3.76 -10.61 26.17
CA ALA A 71 -4.88 -10.57 25.21
C ALA A 71 -4.91 -11.79 24.27
N CYS A 72 -3.79 -12.49 24.14
CA CYS A 72 -3.71 -13.64 23.24
C CYS A 72 -4.49 -14.87 23.74
N LEU A 73 -4.80 -14.91 25.05
CA LEU A 73 -5.50 -16.04 25.65
C LEU A 73 -6.90 -15.70 26.17
N ALA A 74 -7.24 -14.41 26.25
CA ALA A 74 -8.54 -13.96 26.75
C ALA A 74 -9.62 -14.08 25.67
N PRO A 75 -10.61 -14.97 25.86
CA PRO A 75 -11.72 -15.05 24.91
C PRO A 75 -12.55 -13.78 25.06
N ILE A 76 -13.00 -13.17 23.95
CA ILE A 76 -13.85 -11.99 24.09
C ILE A 76 -15.13 -12.33 24.85
N CYS A 77 -15.58 -13.58 24.73
CA CYS A 77 -16.81 -14.03 25.43
C CYS A 77 -16.72 -14.04 26.97
N THR A 78 -15.53 -13.83 27.53
CA THR A 78 -15.37 -13.64 28.98
C THR A 78 -15.48 -12.17 29.41
N LEU A 79 -15.56 -11.26 28.43
CA LEU A 79 -15.34 -9.83 28.67
C LEU A 79 -16.63 -9.01 28.75
N HIS A 80 -17.78 -9.66 28.91
CA HIS A 80 -19.04 -8.89 28.94
C HIS A 80 -19.00 -7.94 30.14
N HIS A 81 -19.22 -6.65 29.89
CA HIS A 81 -19.13 -5.59 30.92
C HIS A 81 -17.73 -5.42 31.57
N VAL A 82 -16.70 -5.68 30.78
CA VAL A 82 -15.32 -5.39 31.19
C VAL A 82 -14.76 -4.27 30.32
N ALA A 83 -13.92 -3.43 30.90
CA ALA A 83 -13.25 -2.35 30.17
C ALA A 83 -11.80 -2.71 29.90
N VAL A 84 -11.43 -2.67 28.62
CA VAL A 84 -10.05 -2.94 28.18
C VAL A 84 -9.29 -1.63 27.97
N THR A 85 -8.06 -1.56 28.49
CA THR A 85 -7.14 -0.46 28.19
C THR A 85 -5.89 -1.03 27.49
N THR A 86 -5.58 -0.46 26.33
CA THR A 86 -4.38 -0.85 25.56
C THR A 86 -3.40 0.30 25.60
N VAL A 87 -2.21 0.07 25.04
CA VAL A 87 -1.17 1.09 25.02
C VAL A 87 -1.69 2.44 24.45
N GLU A 88 -2.55 2.40 23.42
CA GLU A 88 -3.02 3.64 22.81
C GLU A 88 -4.06 4.39 23.67
N GLY A 89 -4.52 3.74 24.74
CA GLY A 89 -5.47 4.34 25.69
C GLY A 89 -4.84 5.19 26.77
N ILE A 90 -3.52 5.12 26.93
CA ILE A 90 -2.87 5.82 28.04
C ILE A 90 -2.08 7.06 27.62
N GLY A 91 -1.74 7.15 26.35
CA GLY A 91 -0.96 8.28 25.81
C GLY A 91 -0.50 8.06 24.38
N SER A 92 -0.12 9.14 23.70
CA SER A 92 0.43 9.05 22.34
C SER A 92 1.30 10.26 22.00
N THR A 93 2.15 10.10 20.99
CA THR A 93 3.02 11.20 20.52
C THR A 93 2.21 12.31 19.84
N LYS A 94 0.96 12.03 19.54
CA LYS A 94 0.08 12.98 18.87
C LYS A 94 -0.72 13.80 19.89
N THR A 95 -0.77 13.33 21.13
CA THR A 95 -1.41 14.05 22.21
C THR A 95 -0.34 14.34 23.26
N ARG A 96 -0.17 13.44 24.23
CA ARG A 96 0.90 13.53 25.20
C ARG A 96 1.21 12.12 25.67
N LEU A 97 2.49 11.79 25.81
CA LEU A 97 2.89 10.50 26.34
C LEU A 97 2.58 10.37 27.84
N HIS A 98 2.17 9.18 28.27
CA HIS A 98 2.08 8.87 29.70
C HIS A 98 3.48 8.82 30.30
N PRO A 99 3.63 9.20 31.58
CA PRO A 99 4.96 9.08 32.18
C PRO A 99 5.63 7.70 31.99
N VAL A 100 4.86 6.61 32.03
CA VAL A 100 5.43 5.27 31.80
C VAL A 100 6.11 5.20 30.41
N GLN A 101 5.41 5.72 29.40
CA GLN A 101 5.88 5.70 28.02
C GLN A 101 7.09 6.63 27.87
N GLU A 102 7.01 7.82 28.47
CA GLU A 102 8.14 8.77 28.37
C GLU A 102 9.42 8.21 28.99
N ARG A 103 9.27 7.54 30.13
CA ARG A 103 10.45 7.11 30.89
C ARG A 103 11.14 5.91 30.26
N ILE A 104 10.39 4.96 29.74
CA ILE A 104 11.01 3.81 29.08
C ILE A 104 11.73 4.24 27.80
N ALA A 105 11.15 5.18 27.06
CA ALA A 105 11.82 5.70 25.85
C ALA A 105 13.10 6.47 26.17
N LYS A 106 13.03 7.40 27.11
CA LYS A 106 14.18 8.28 27.40
C LYS A 106 15.30 7.53 28.15
N SER A 107 14.94 6.47 28.86
CA SER A 107 15.93 5.67 29.58
C SER A 107 16.64 4.59 28.72
N HIS A 108 16.36 4.59 27.42
CA HIS A 108 16.94 3.60 26.48
C HIS A 108 16.44 2.18 26.80
N GLY A 109 15.17 2.10 27.24
CA GLY A 109 14.52 0.83 27.55
C GLY A 109 13.81 0.21 26.36
N SER A 110 13.91 0.86 25.20
CA SER A 110 13.29 0.35 23.96
C SER A 110 14.31 0.31 22.80
N GLN A 111 14.60 -0.90 22.29
CA GLN A 111 15.48 -1.02 21.12
C GLN A 111 14.63 -1.31 19.85
N CYS A 112 14.38 -2.59 19.57
CA CYS A 112 13.48 -2.90 18.46
C CYS A 112 12.05 -2.40 18.68
N GLY A 113 11.67 -2.30 19.97
CA GLY A 113 10.37 -1.75 20.38
C GLY A 113 9.20 -2.75 20.44
N PHE A 114 9.41 -4.00 20.00
CA PHE A 114 8.26 -4.90 19.88
C PHE A 114 7.65 -5.29 21.22
N CYS A 115 8.47 -5.38 22.27
CA CYS A 115 8.00 -5.73 23.63
C CYS A 115 7.52 -4.52 24.43
N THR A 116 7.79 -3.32 23.92
CA THR A 116 7.58 -2.11 24.73
C THR A 116 6.11 -1.84 25.14
N PRO A 117 5.13 -1.95 24.20
CA PRO A 117 3.71 -1.85 24.62
C PRO A 117 3.31 -2.80 25.77
N GLY A 118 3.71 -4.07 25.72
CA GLY A 118 3.39 -5.02 26.79
C GLY A 118 4.02 -4.64 28.14
N ILE A 119 5.25 -4.16 28.10
CA ILE A 119 5.94 -3.75 29.33
C ILE A 119 5.32 -2.47 29.89
N VAL A 120 5.00 -1.53 28.99
CA VAL A 120 4.32 -0.31 29.38
C VAL A 120 3.02 -0.65 30.11
N MET A 121 2.23 -1.58 29.55
CA MET A 121 0.95 -1.97 30.15
C MET A 121 1.12 -2.69 31.51
N SER A 122 2.14 -3.55 31.63
CA SER A 122 2.49 -4.12 32.94
C SER A 122 2.84 -3.04 34.00
N MET A 123 3.63 -2.03 33.63
CA MET A 123 3.98 -0.95 34.57
C MET A 123 2.77 -0.07 34.88
N TYR A 124 2.00 0.25 33.85
CA TYR A 124 0.82 1.06 34.01
C TYR A 124 -0.16 0.39 34.98
N THR A 125 -0.35 -0.92 34.82
CA THR A 125 -1.28 -1.65 35.67
C THR A 125 -0.84 -1.57 37.14
N LEU A 126 0.47 -1.77 37.36
CA LEU A 126 1.00 -1.67 38.71
C LEU A 126 0.67 -0.32 39.32
N LEU A 127 0.99 0.76 38.60
CA LEU A 127 0.75 2.12 39.12
C LEU A 127 -0.73 2.41 39.38
N ARG A 128 -1.60 1.78 38.58
CA ARG A 128 -3.04 1.93 38.74
C ARG A 128 -3.55 1.27 40.03
N ASN A 129 -2.86 0.23 40.47
CA ASN A 129 -3.19 -0.45 41.74
C ASN A 129 -2.45 0.17 42.92
N GLN A 130 -1.20 0.56 42.67
CA GLN A 130 -0.33 1.11 43.70
C GLN A 130 0.46 2.28 43.12
N PRO A 131 0.00 3.53 43.37
CA PRO A 131 0.71 4.70 42.85
C PRO A 131 2.02 5.02 43.56
N GLU A 132 2.29 4.33 44.67
CA GLU A 132 3.57 4.49 45.36
C GLU A 132 4.20 3.12 45.61
N PRO A 133 4.66 2.45 44.53
CA PRO A 133 5.21 1.12 44.72
C PRO A 133 6.60 1.16 45.31
N THR A 134 7.05 0.00 45.78
CA THR A 134 8.42 -0.16 46.21
C THR A 134 9.23 -0.66 45.03
N VAL A 135 10.54 -0.50 45.12
CA VAL A 135 11.46 -1.07 44.14
C VAL A 135 11.14 -2.54 43.90
N GLU A 136 10.85 -3.25 44.99
CA GLU A 136 10.64 -4.70 44.94
C GLU A 136 9.41 -5.08 44.13
N GLU A 137 8.31 -4.34 44.32
CA GLU A 137 7.07 -4.57 43.58
C GLU A 137 7.27 -4.31 42.09
N ILE A 138 8.14 -3.35 41.76
CA ILE A 138 8.43 -3.01 40.37
C ILE A 138 9.08 -4.17 39.57
N GLU A 139 10.11 -4.85 40.10
CA GLU A 139 10.63 -6.03 39.35
C GLU A 139 9.65 -7.20 39.19
N ASP A 140 8.95 -7.55 40.27
CA ASP A 140 7.94 -8.62 40.24
C ASP A 140 6.84 -8.38 39.23
N ALA A 141 6.71 -7.13 38.77
CA ALA A 141 5.63 -6.76 37.86
C ALA A 141 5.82 -7.32 36.45
N PHE A 142 7.04 -7.77 36.16
CA PHE A 142 7.43 -8.11 34.78
C PHE A 142 7.79 -9.58 34.54
N GLN A 143 7.37 -10.46 35.46
CA GLN A 143 7.69 -11.88 35.29
C GLN A 143 7.08 -12.41 33.99
N GLY A 144 5.99 -11.78 33.55
CA GLY A 144 5.30 -12.20 32.32
C GLY A 144 5.73 -11.49 31.04
N ASN A 145 6.76 -10.65 31.12
CA ASN A 145 7.19 -9.89 29.91
C ASN A 145 8.64 -10.19 29.52
N LEU A 146 8.85 -10.62 28.27
CA LEU A 146 10.20 -10.88 27.73
C LEU A 146 10.68 -9.80 26.75
N CYS A 147 11.98 -9.51 26.82
CA CYS A 147 12.61 -8.55 25.91
C CYS A 147 13.90 -9.19 25.45
N ARG A 148 14.07 -9.29 24.14
CA ARG A 148 15.27 -9.91 23.58
C ARG A 148 16.45 -8.96 23.34
N CYS A 149 16.18 -7.65 23.32
CA CYS A 149 17.17 -6.66 22.87
C CYS A 149 17.96 -5.98 23.97
N THR A 150 17.28 -5.66 25.09
CA THR A 150 17.84 -4.65 26.01
C THR A 150 18.69 -5.20 27.17
N GLY A 151 18.52 -6.46 27.52
CA GLY A 151 19.19 -6.98 28.72
C GLY A 151 18.53 -6.44 29.98
N TYR A 152 17.38 -5.78 29.85
CA TYR A 152 16.47 -5.40 30.96
C TYR A 152 16.91 -4.25 31.88
N ARG A 153 18.22 -4.11 32.12
CA ARG A 153 18.79 -3.09 33.01
C ARG A 153 18.19 -1.68 32.82
N PRO A 154 18.17 -1.16 31.57
CA PRO A 154 17.62 0.20 31.37
C PRO A 154 16.15 0.30 31.66
N ILE A 155 15.39 -0.76 31.42
CA ILE A 155 13.96 -0.73 31.69
C ILE A 155 13.73 -0.56 33.19
N LEU A 156 14.41 -1.39 33.98
CA LEU A 156 14.29 -1.32 35.44
C LEU A 156 14.81 0.03 35.98
N GLN A 157 15.92 0.51 35.44
CA GLN A 157 16.46 1.79 35.88
C GLN A 157 15.48 2.95 35.70
N GLY A 158 14.90 3.09 34.51
CA GLY A 158 13.90 4.11 34.24
C GLY A 158 12.66 3.98 35.11
N PHE A 159 12.23 2.74 35.37
CA PHE A 159 11.01 2.53 36.14
C PHE A 159 11.20 2.70 37.65
N ARG A 160 12.43 2.48 38.10
CA ARG A 160 12.76 2.61 39.54
C ARG A 160 12.47 4.03 40.02
N THR A 161 12.42 4.98 39.07
CA THR A 161 12.08 6.38 39.36
C THR A 161 10.64 6.57 39.88
N PHE A 162 9.80 5.56 39.73
CA PHE A 162 8.43 5.60 40.26
C PHE A 162 8.38 5.10 41.72
N ALA A 163 9.47 4.55 42.21
CA ALA A 163 9.47 3.86 43.51
C ALA A 163 9.30 4.78 44.72
N LYS A 164 8.86 4.17 45.82
CA LYS A 164 8.57 4.79 47.13
C LYS A 164 8.01 6.20 47.04
N PRO B 1 -27.22 -10.07 36.75
CA PRO B 1 -26.76 -10.82 35.60
C PRO B 1 -27.81 -11.81 35.11
N LYS B 2 -27.75 -12.14 33.83
CA LYS B 2 -28.59 -13.19 33.26
C LYS B 2 -27.69 -14.08 32.41
N GLN B 3 -28.12 -15.32 32.22
CA GLN B 3 -27.44 -16.25 31.32
C GLN B 3 -27.34 -15.71 29.88
N LEU B 4 -26.15 -15.79 29.29
CA LEU B 4 -25.92 -15.35 27.90
C LEU B 4 -25.49 -16.52 27.02
N ARG B 5 -25.86 -16.44 25.74
CA ARG B 5 -25.53 -17.47 24.76
C ARG B 5 -24.84 -16.78 23.59
N PHE B 6 -23.65 -17.28 23.23
CA PHE B 6 -22.92 -16.82 22.05
C PHE B 6 -22.72 -18.01 21.12
N GLU B 7 -22.87 -17.76 19.81
CA GLU B 7 -22.85 -18.83 18.84
C GLU B 7 -21.82 -18.57 17.76
N GLY B 8 -20.88 -19.49 17.58
CA GLY B 8 -19.81 -19.33 16.60
C GLY B 8 -19.95 -20.28 15.43
N GLU B 9 -18.88 -20.37 14.65
CA GLU B 9 -18.85 -21.29 13.51
C GLU B 9 -18.85 -22.74 13.98
N ARG B 10 -18.27 -22.99 15.15
CA ARG B 10 -18.03 -24.34 15.63
C ARG B 10 -18.43 -24.52 17.08
N VAL B 11 -18.57 -23.43 17.82
CA VAL B 11 -18.71 -23.46 19.27
C VAL B 11 -19.89 -22.64 19.75
N THR B 12 -20.62 -23.20 20.73
CA THR B 12 -21.67 -22.49 21.46
C THR B 12 -21.15 -22.25 22.87
N TRP B 13 -21.26 -21.02 23.34
CA TRP B 13 -20.73 -20.61 24.65
C TRP B 13 -21.89 -20.14 25.52
N ILE B 14 -22.04 -20.73 26.70
CA ILE B 14 -23.08 -20.30 27.65
C ILE B 14 -22.41 -19.68 28.88
N GLN B 15 -22.73 -18.42 29.12
CA GLN B 15 -22.26 -17.75 30.31
C GLN B 15 -23.32 -17.98 31.40
N ALA B 16 -22.99 -18.82 32.37
CA ALA B 16 -23.90 -19.20 33.45
C ALA B 16 -23.90 -18.11 34.53
N SER B 17 -25.09 -17.66 34.93
CA SER B 17 -25.18 -16.63 35.98
C SER B 17 -25.30 -17.17 37.40
N THR B 18 -25.87 -18.37 37.56
CA THR B 18 -26.03 -18.98 38.89
C THR B 18 -25.57 -20.42 38.93
N LEU B 19 -25.22 -20.89 40.13
CA LEU B 19 -24.84 -22.29 40.35
C LEU B 19 -25.91 -23.27 39.87
N LYS B 20 -27.18 -22.94 40.11
CA LYS B 20 -28.28 -23.79 39.66
C LYS B 20 -28.27 -23.93 38.14
N GLU B 21 -28.03 -22.83 37.43
CA GLU B 21 -27.92 -22.85 35.97
C GLU B 21 -26.79 -23.76 35.51
N LEU B 22 -25.61 -23.61 36.11
CA LEU B 22 -24.45 -24.42 35.75
C LEU B 22 -24.72 -25.93 35.90
N LEU B 23 -25.34 -26.32 37.02
CA LEU B 23 -25.60 -27.74 37.30
C LEU B 23 -26.70 -28.30 36.39
N ASP B 24 -27.69 -27.46 36.05
CA ASP B 24 -28.72 -27.83 35.08
C ASP B 24 -28.12 -28.04 33.69
N LEU B 25 -27.31 -27.09 33.22
CA LEU B 25 -26.64 -27.20 31.91
C LEU B 25 -25.70 -28.39 31.83
N LYS B 26 -25.01 -28.69 32.93
CA LYS B 26 -24.09 -29.81 32.97
C LYS B 26 -24.81 -31.16 33.00
N ALA B 27 -26.02 -31.16 33.55
CA ALA B 27 -26.87 -32.36 33.49
C ALA B 27 -27.46 -32.52 32.10
N GLN B 28 -27.84 -31.41 31.48
CA GLN B 28 -28.40 -31.41 30.13
C GLN B 28 -27.35 -31.77 29.08
N HIS B 29 -26.11 -31.33 29.30
CA HIS B 29 -24.99 -31.61 28.41
C HIS B 29 -23.74 -31.93 29.25
N PRO B 30 -23.56 -33.21 29.62
CA PRO B 30 -22.41 -33.63 30.43
C PRO B 30 -21.07 -33.44 29.73
N GLU B 31 -21.11 -33.32 28.40
CA GLU B 31 -19.88 -33.17 27.60
C GLU B 31 -19.45 -31.70 27.47
N ALA B 32 -20.33 -30.77 27.84
CA ALA B 32 -20.02 -29.33 27.83
C ALA B 32 -18.71 -29.07 28.56
N LYS B 33 -17.86 -28.23 27.98
CA LYS B 33 -16.56 -27.94 28.56
C LYS B 33 -16.57 -26.66 29.41
N LEU B 34 -16.12 -26.75 30.67
CA LEU B 34 -16.00 -25.54 31.49
C LEU B 34 -14.78 -24.74 31.06
N VAL B 35 -14.94 -23.42 31.04
CA VAL B 35 -13.82 -22.46 30.82
C VAL B 35 -13.94 -21.30 31.81
N VAL B 36 -12.84 -21.01 32.50
CA VAL B 36 -12.77 -19.84 33.35
C VAL B 36 -11.73 -18.85 32.78
N GLY B 37 -10.45 -19.11 33.02
CA GLY B 37 -9.39 -18.26 32.48
C GLY B 37 -8.94 -18.59 31.06
N ASN B 38 -9.26 -19.79 30.59
CA ASN B 38 -8.90 -20.22 29.23
C ASN B 38 -7.39 -20.39 29.03
N THR B 39 -6.63 -20.38 30.12
CA THR B 39 -5.17 -20.45 30.00
C THR B 39 -4.67 -21.86 29.69
N GLU B 40 -5.57 -22.84 29.85
CA GLU B 40 -5.30 -24.21 29.42
C GLU B 40 -6.12 -24.53 28.17
N ILE B 41 -7.42 -24.24 28.21
CA ILE B 41 -8.28 -24.52 27.06
C ILE B 41 -7.82 -23.83 25.78
N GLY B 42 -7.36 -22.57 25.89
CA GLY B 42 -6.84 -21.82 24.74
C GLY B 42 -5.65 -22.53 24.08
N ILE B 43 -4.85 -23.20 24.89
CA ILE B 43 -3.67 -23.91 24.43
C ILE B 43 -4.09 -25.21 23.77
N GLU B 44 -5.04 -25.90 24.42
CA GLU B 44 -5.59 -27.13 23.87
C GLU B 44 -6.20 -26.92 22.50
N MET B 45 -6.97 -25.85 22.35
CA MET B 45 -7.63 -25.57 21.09
C MET B 45 -6.62 -25.18 20.00
N LYS B 46 -5.66 -24.33 20.35
CA LYS B 46 -4.72 -23.81 19.35
C LYS B 46 -3.61 -24.80 18.96
N PHE B 47 -3.04 -25.47 19.97
CA PHE B 47 -1.81 -26.26 19.80
C PHE B 47 -2.02 -27.77 19.79
N LYS B 48 -3.11 -28.23 20.38
CA LYS B 48 -3.42 -29.66 20.40
C LYS B 48 -4.69 -29.92 19.61
N ASN B 49 -5.11 -28.91 18.85
CA ASN B 49 -6.30 -28.96 17.98
C ASN B 49 -7.51 -29.69 18.58
N GLN B 50 -7.72 -29.48 19.88
CA GLN B 50 -8.94 -29.96 20.53
C GLN B 50 -10.10 -29.08 20.08
N LEU B 51 -11.29 -29.66 20.00
CA LEU B 51 -12.49 -28.86 19.76
C LEU B 51 -13.59 -29.28 20.72
N PHE B 52 -14.12 -28.29 21.44
CA PHE B 52 -15.20 -28.48 22.40
C PHE B 52 -16.38 -27.64 21.91
N PRO B 53 -17.32 -28.26 21.17
CA PRO B 53 -18.45 -27.56 20.55
C PRO B 53 -19.41 -26.86 21.53
N MET B 54 -19.42 -27.26 22.79
CA MET B 54 -20.14 -26.54 23.84
C MET B 54 -19.25 -26.17 25.04
N ILE B 55 -19.22 -24.88 25.34
CA ILE B 55 -18.44 -24.36 26.46
C ILE B 55 -19.41 -23.68 27.42
N ILE B 56 -19.19 -23.91 28.71
CA ILE B 56 -19.88 -23.18 29.76
C ILE B 56 -18.86 -22.38 30.56
N CYS B 57 -19.07 -21.07 30.68
CA CYS B 57 -18.25 -20.24 31.54
C CYS B 57 -18.99 -19.94 32.85
N PRO B 58 -18.48 -20.47 33.99
CA PRO B 58 -19.09 -20.19 35.30
C PRO B 58 -18.44 -19.04 36.09
N ALA B 59 -17.62 -18.20 35.44
CA ALA B 59 -16.86 -17.17 36.18
C ALA B 59 -17.73 -16.21 37.01
N TRP B 60 -18.94 -15.92 36.56
CA TRP B 60 -19.85 -14.99 37.25
C TRP B 60 -20.51 -15.54 38.53
N ILE B 61 -20.41 -16.84 38.76
CA ILE B 61 -21.17 -17.49 39.85
C ILE B 61 -20.51 -17.15 41.21
N PRO B 62 -21.31 -16.54 42.13
CA PRO B 62 -20.80 -16.15 43.45
C PRO B 62 -20.09 -17.30 44.21
N GLU B 63 -20.68 -18.49 44.21
CA GLU B 63 -20.16 -19.61 45.00
C GLU B 63 -18.77 -20.05 44.54
N LEU B 64 -18.51 -19.90 43.24
CA LEU B 64 -17.21 -20.29 42.65
C LEU B 64 -16.14 -19.22 42.86
N ASN B 65 -16.52 -18.08 43.45
CA ASN B 65 -15.59 -16.98 43.70
C ASN B 65 -15.42 -16.64 45.18
N ALA B 66 -16.11 -17.36 46.06
CA ALA B 66 -16.12 -17.04 47.48
C ALA B 66 -14.83 -17.45 48.18
N VAL B 67 -14.34 -16.56 49.04
CA VAL B 67 -13.22 -16.84 49.93
C VAL B 67 -13.73 -16.88 51.37
N GLU B 68 -13.58 -18.03 52.02
CA GLU B 68 -14.19 -18.28 53.33
C GLU B 68 -13.20 -18.83 54.34
N HIS B 69 -13.14 -18.19 55.50
CA HIS B 69 -12.29 -18.64 56.59
C HIS B 69 -13.09 -19.52 57.55
N GLY B 70 -12.59 -20.73 57.80
CA GLY B 70 -13.30 -21.71 58.62
C GLY B 70 -12.43 -22.21 59.77
N PRO B 71 -12.98 -23.14 60.58
CA PRO B 71 -12.19 -23.67 61.70
C PRO B 71 -10.95 -24.47 61.23
N GLU B 72 -11.07 -25.12 60.08
CA GLU B 72 -10.01 -26.04 59.63
C GLU B 72 -9.10 -25.51 58.51
N GLY B 73 -9.49 -24.39 57.89
CA GLY B 73 -8.67 -23.79 56.83
C GLY B 73 -9.33 -22.66 56.06
N ILE B 74 -8.74 -22.31 54.91
CA ILE B 74 -9.28 -21.25 54.06
C ILE B 74 -9.84 -21.87 52.78
N SER B 75 -11.12 -21.60 52.54
CA SER B 75 -11.83 -22.16 51.40
C SER B 75 -11.84 -21.14 50.26
N PHE B 76 -11.44 -21.59 49.07
CA PHE B 76 -11.45 -20.78 47.86
C PHE B 76 -12.41 -21.38 46.86
N GLY B 77 -13.30 -20.56 46.30
CA GLY B 77 -14.14 -21.01 45.18
C GLY B 77 -13.24 -21.38 44.01
N ALA B 78 -13.67 -22.36 43.21
CA ALA B 78 -12.81 -22.93 42.15
C ALA B 78 -12.44 -21.94 41.04
N ALA B 79 -13.22 -20.87 40.88
CA ALA B 79 -12.92 -19.84 39.87
C ALA B 79 -12.00 -18.71 40.37
N CYS B 80 -11.69 -18.70 41.66
CA CYS B 80 -10.75 -17.72 42.20
C CYS B 80 -9.43 -17.73 41.43
N ALA B 81 -9.02 -16.56 40.95
CA ALA B 81 -7.72 -16.40 40.29
C ALA B 81 -6.57 -16.67 41.25
N LEU B 82 -5.49 -17.25 40.72
CA LEU B 82 -4.31 -17.49 41.52
C LEU B 82 -3.77 -16.24 42.23
N SER B 83 -3.97 -15.07 41.62
CA SER B 83 -3.51 -13.81 42.23
C SER B 83 -4.27 -13.54 43.53
N SER B 84 -5.55 -13.87 43.52
CA SER B 84 -6.43 -13.71 44.69
C SER B 84 -6.06 -14.69 45.77
N VAL B 85 -5.76 -15.94 45.38
CA VAL B 85 -5.30 -16.94 46.35
C VAL B 85 -4.00 -16.47 47.01
N GLU B 86 -3.07 -16.02 46.20
CA GLU B 86 -1.77 -15.51 46.66
C GLU B 86 -1.96 -14.36 47.65
N LYS B 87 -2.81 -13.40 47.30
CA LYS B 87 -3.05 -12.27 48.20
C LYS B 87 -3.60 -12.72 49.56
N THR B 88 -4.63 -13.58 49.52
CA THR B 88 -5.30 -14.08 50.72
C THR B 88 -4.32 -14.87 51.60
N LEU B 89 -3.52 -15.73 50.98
CA LEU B 89 -2.54 -16.50 51.75
C LEU B 89 -1.41 -15.63 52.34
N LEU B 90 -0.99 -14.59 51.62
CA LEU B 90 0.06 -13.71 52.12
C LEU B 90 -0.43 -12.98 53.36
N GLU B 91 -1.70 -12.58 53.33
CA GLU B 91 -2.30 -11.91 54.48
C GLU B 91 -2.39 -12.83 55.68
N ALA B 92 -2.84 -14.07 55.43
CA ALA B 92 -2.93 -15.08 56.47
C ALA B 92 -1.57 -15.36 57.13
N VAL B 93 -0.54 -15.57 56.31
CA VAL B 93 0.81 -15.78 56.80
C VAL B 93 1.31 -14.61 57.66
N ALA B 94 0.99 -13.39 57.21
CA ALA B 94 1.40 -12.17 57.93
C ALA B 94 0.74 -12.03 59.31
N LYS B 95 -0.50 -12.48 59.46
CA LYS B 95 -1.27 -12.29 60.71
C LYS B 95 -1.30 -13.49 61.66
N LEU B 96 -1.17 -14.70 61.12
CA LEU B 96 -1.34 -15.91 61.92
C LEU B 96 0.01 -16.45 62.43
N PRO B 97 -0.02 -17.25 63.51
CA PRO B 97 1.23 -17.82 64.01
C PRO B 97 1.82 -18.78 62.98
N THR B 98 3.15 -18.81 62.90
CA THR B 98 3.91 -19.66 61.98
C THR B 98 3.39 -21.11 61.98
N GLN B 99 3.12 -21.64 63.16
CA GLN B 99 2.72 -23.05 63.30
C GLN B 99 1.41 -23.42 62.61
N LYS B 100 0.59 -22.43 62.29
CA LYS B 100 -0.68 -22.66 61.62
C LYS B 100 -0.61 -22.48 60.10
N THR B 101 0.49 -21.92 59.61
CA THR B 101 0.56 -21.52 58.20
C THR B 101 1.57 -22.31 57.36
N GLU B 102 1.96 -23.50 57.82
CA GLU B 102 2.97 -24.32 57.11
C GLU B 102 2.52 -24.72 55.69
N VAL B 103 1.25 -25.08 55.55
CA VAL B 103 0.72 -25.44 54.24
C VAL B 103 0.59 -24.19 53.34
N PHE B 104 0.10 -23.09 53.92
CA PHE B 104 -0.01 -21.82 53.17
C PHE B 104 1.33 -21.35 52.58
N ARG B 105 2.38 -21.47 53.38
CA ARG B 105 3.72 -21.08 53.02
C ARG B 105 4.21 -21.94 51.85
N GLY B 106 3.86 -23.23 51.88
CA GLY B 106 4.16 -24.15 50.78
C GLY B 106 3.48 -23.73 49.48
N VAL B 107 2.20 -23.41 49.54
CA VAL B 107 1.48 -22.92 48.34
C VAL B 107 2.17 -21.65 47.78
N LEU B 108 2.51 -20.72 48.66
CA LEU B 108 3.13 -19.46 48.27
C LEU B 108 4.49 -19.66 47.62
N GLU B 109 5.25 -20.65 48.10
CA GLU B 109 6.55 -20.98 47.52
C GLU B 109 6.39 -21.48 46.09
N GLN B 110 5.34 -22.26 45.86
CA GLN B 110 5.08 -22.80 44.52
C GLN B 110 4.56 -21.74 43.55
N LEU B 111 3.93 -20.72 44.11
CA LEU B 111 3.43 -19.59 43.31
C LEU B 111 4.47 -18.51 43.05
N ARG B 112 5.62 -18.56 43.71
CA ARG B 112 6.61 -17.45 43.69
C ARG B 112 7.15 -17.05 42.31
N TRP B 113 7.67 -18.04 41.59
CA TRP B 113 8.23 -17.86 40.24
C TRP B 113 7.47 -18.76 39.29
N PHE B 114 6.22 -18.37 39.07
CA PHE B 114 5.15 -19.12 38.46
C PHE B 114 4.43 -18.10 37.60
N ALA B 115 4.76 -18.02 36.33
CA ALA B 115 4.03 -17.13 35.42
C ALA B 115 3.92 -15.64 35.85
N GLY B 116 3.66 -14.78 34.89
CA GLY B 116 3.56 -13.36 35.19
C GLY B 116 2.29 -13.01 35.94
N LYS B 117 2.22 -11.74 36.35
CA LYS B 117 1.00 -11.19 36.92
C LYS B 117 -0.19 -11.39 35.96
N GLN B 118 0.07 -11.32 34.64
CA GLN B 118 -0.98 -11.48 33.60
C GLN B 118 -1.66 -12.83 33.69
N VAL B 119 -0.88 -13.89 33.82
CA VAL B 119 -1.42 -15.24 33.88
C VAL B 119 -2.13 -15.45 35.21
N LYS B 120 -1.46 -15.03 36.29
CA LYS B 120 -2.01 -15.28 37.62
C LYS B 120 -3.31 -14.50 37.88
N SER B 121 -3.55 -13.42 37.16
CA SER B 121 -4.78 -12.62 37.31
C SER B 121 -6.03 -13.28 36.73
N VAL B 122 -5.84 -14.23 35.82
CA VAL B 122 -6.97 -14.91 35.17
C VAL B 122 -7.00 -16.46 35.36
N ALA B 123 -5.84 -17.07 35.58
CA ALA B 123 -5.77 -18.51 35.84
C ALA B 123 -6.48 -18.86 37.15
N SER B 124 -7.49 -19.71 37.07
CA SER B 124 -8.22 -20.12 38.28
C SER B 124 -7.53 -21.26 39.04
N LEU B 125 -7.85 -21.35 40.33
CA LEU B 125 -7.31 -22.39 41.20
C LEU B 125 -7.82 -23.76 40.76
N GLY B 126 -9.14 -23.88 40.60
CA GLY B 126 -9.77 -25.12 40.13
C GLY B 126 -9.27 -25.55 38.76
N GLY B 127 -9.04 -24.58 37.87
CA GLY B 127 -8.50 -24.87 36.53
C GLY B 127 -7.17 -25.60 36.59
N ASN B 128 -6.26 -25.15 37.43
CA ASN B 128 -4.97 -25.84 37.60
C ASN B 128 -5.16 -27.26 38.10
N ILE B 129 -6.03 -27.43 39.10
CA ILE B 129 -6.31 -28.74 39.68
C ILE B 129 -6.87 -29.73 38.66
N ILE B 130 -7.97 -29.37 38.02
CA ILE B 130 -8.65 -30.24 37.07
C ILE B 130 -7.86 -30.45 35.76
N THR B 131 -7.10 -29.46 35.33
CA THR B 131 -6.17 -29.65 34.21
C THR B 131 -5.32 -30.91 34.44
N ALA B 132 -4.87 -31.10 35.68
CA ALA B 132 -4.21 -32.34 36.10
C ALA B 132 -2.92 -32.62 35.32
N SER B 133 -2.18 -31.57 35.02
CA SER B 133 -0.88 -31.75 34.36
C SER B 133 0.05 -32.58 35.26
N PRO B 134 0.81 -33.53 34.67
CA PRO B 134 1.82 -34.23 35.49
C PRO B 134 2.77 -33.26 36.20
N ILE B 135 2.92 -32.05 35.66
CA ILE B 135 3.89 -31.08 36.23
C ILE B 135 3.26 -29.85 36.90
N SER B 136 1.98 -29.96 37.25
CA SER B 136 1.33 -28.95 38.09
C SER B 136 2.16 -28.79 39.35
N ASP B 137 2.45 -27.54 39.72
CA ASP B 137 3.22 -27.26 40.93
C ASP B 137 2.31 -27.25 42.17
N LEU B 138 1.00 -27.17 41.93
CA LEU B 138 0.01 -27.04 43.00
C LEU B 138 -0.53 -28.39 43.48
N ASN B 139 -0.87 -29.28 42.57
CA ASN B 139 -1.43 -30.58 42.96
C ASN B 139 -0.54 -31.43 43.92
N PRO B 140 0.79 -31.43 43.72
CA PRO B 140 1.62 -32.08 44.75
C PRO B 140 1.42 -31.54 46.18
N VAL B 141 1.31 -30.22 46.33
CA VAL B 141 1.04 -29.59 47.65
C VAL B 141 -0.36 -29.92 48.19
N PHE B 142 -1.37 -29.88 47.32
CA PHE B 142 -2.75 -30.24 47.70
C PHE B 142 -2.88 -31.71 48.10
N MET B 143 -2.16 -32.59 47.40
CA MET B 143 -2.15 -34.00 47.74
C MET B 143 -1.48 -34.26 49.08
N ALA B 144 -0.27 -33.69 49.28
CA ALA B 144 0.52 -33.91 50.51
C ALA B 144 -0.15 -33.37 51.77
N SER B 145 -0.98 -32.35 51.59
CA SER B 145 -1.66 -31.68 52.69
C SER B 145 -3.09 -32.19 52.93
N GLY B 146 -3.59 -33.05 52.05
CA GLY B 146 -4.98 -33.51 52.13
C GLY B 146 -6.02 -32.40 51.98
N THR B 147 -5.70 -31.42 51.12
CA THR B 147 -6.62 -30.34 50.77
C THR B 147 -7.97 -30.88 50.31
N LYS B 148 -9.04 -30.36 50.93
CA LYS B 148 -10.39 -30.88 50.69
C LYS B 148 -11.07 -30.23 49.49
N LEU B 149 -11.62 -31.06 48.62
CA LEU B 149 -12.32 -30.61 47.45
C LEU B 149 -13.81 -30.90 47.56
N THR B 150 -14.61 -29.85 47.39
CA THR B 150 -16.06 -29.98 47.35
C THR B 150 -16.53 -30.05 45.91
N ILE B 151 -17.17 -31.17 45.59
CA ILE B 151 -17.53 -31.52 44.22
C ILE B 151 -19.04 -31.70 44.12
N VAL B 152 -19.66 -31.07 43.12
CA VAL B 152 -21.12 -31.01 43.01
C VAL B 152 -21.62 -31.32 41.59
N SER B 153 -22.83 -31.91 41.50
CA SER B 153 -23.61 -31.95 40.25
C SER B 153 -25.10 -31.73 40.60
N ARG B 154 -25.99 -31.76 39.61
CA ARG B 154 -27.43 -31.70 39.87
C ARG B 154 -27.80 -32.87 40.79
N GLY B 155 -28.04 -32.54 42.05
CA GLY B 155 -28.47 -33.54 43.03
C GLY B 155 -27.39 -34.33 43.75
N THR B 156 -26.13 -33.95 43.57
CA THR B 156 -25.02 -34.55 44.33
C THR B 156 -24.12 -33.47 44.93
N ARG B 157 -23.50 -33.81 46.05
CA ARG B 157 -22.55 -32.95 46.74
C ARG B 157 -21.70 -33.83 47.64
N ARG B 158 -20.37 -33.71 47.51
CA ARG B 158 -19.43 -34.52 48.29
C ARG B 158 -18.13 -33.77 48.47
N THR B 159 -17.53 -33.91 49.65
CA THR B 159 -16.25 -33.30 49.98
C THR B 159 -15.22 -34.39 50.26
N VAL B 160 -14.18 -34.45 49.44
CA VAL B 160 -13.12 -35.46 49.56
C VAL B 160 -11.75 -34.80 49.77
N PRO B 161 -10.91 -35.35 50.67
CA PRO B 161 -9.53 -34.87 50.71
C PRO B 161 -8.78 -35.39 49.49
N MET B 162 -7.94 -34.56 48.90
CA MET B 162 -7.13 -34.99 47.76
C MET B 162 -6.10 -36.01 48.25
N ASP B 163 -6.09 -37.18 47.61
CA ASP B 163 -5.03 -38.16 47.82
C ASP B 163 -4.64 -38.79 46.50
N HIS B 164 -3.77 -39.80 46.57
CA HIS B 164 -3.22 -40.43 45.38
C HIS B 164 -4.30 -40.90 44.38
N THR B 165 -5.47 -41.31 44.89
CA THR B 165 -6.55 -41.86 44.05
C THR B 165 -7.26 -40.83 43.17
N PHE B 166 -7.05 -39.53 43.46
CA PHE B 166 -7.78 -38.47 42.76
C PHE B 166 -7.34 -38.31 41.30
N PHE B 167 -6.11 -38.75 41.00
CA PHE B 167 -5.58 -38.71 39.65
C PHE B 167 -5.33 -40.14 39.18
N PRO B 168 -6.36 -40.78 38.59
CA PRO B 168 -6.23 -42.20 38.18
C PRO B 168 -5.30 -42.42 36.99
N SER B 169 -5.27 -41.47 36.05
CA SER B 169 -4.49 -41.60 34.81
C SER B 169 -4.19 -40.24 34.20
N TYR B 170 -3.45 -40.25 33.09
CA TYR B 170 -2.98 -39.02 32.41
C TYR B 170 -4.10 -38.00 32.17
N ARG B 171 -3.95 -36.81 32.77
CA ARG B 171 -4.89 -35.70 32.56
C ARG B 171 -6.34 -35.98 33.02
N LYS B 172 -6.52 -37.02 33.83
CA LYS B 172 -7.85 -37.40 34.33
C LYS B 172 -7.92 -37.20 35.85
N THR B 173 -9.10 -36.81 36.32
CA THR B 173 -9.38 -36.77 37.77
C THR B 173 -10.56 -37.68 38.10
N LEU B 174 -10.75 -37.93 39.39
CA LEU B 174 -11.86 -38.75 39.85
C LEU B 174 -13.12 -37.89 40.00
N LEU B 175 -13.57 -37.31 38.89
CA LEU B 175 -14.85 -36.59 38.81
C LEU B 175 -15.75 -37.31 37.82
N GLY B 176 -17.05 -37.25 38.07
CA GLY B 176 -18.05 -37.77 37.13
C GLY B 176 -18.17 -36.86 35.91
N PRO B 177 -18.77 -37.37 34.81
CA PRO B 177 -18.97 -36.54 33.62
C PRO B 177 -19.70 -35.22 33.89
N GLU B 178 -20.62 -35.21 34.86
CA GLU B 178 -21.45 -34.05 35.15
C GLU B 178 -20.91 -33.15 36.25
N GLU B 179 -19.96 -33.65 37.02
CA GLU B 179 -19.50 -32.97 38.23
C GLU B 179 -18.64 -31.73 37.95
N ILE B 180 -18.73 -30.74 38.84
CA ILE B 180 -17.87 -29.56 38.77
C ILE B 180 -17.21 -29.36 40.14
N LEU B 181 -16.00 -28.83 40.14
CA LEU B 181 -15.30 -28.52 41.38
C LEU B 181 -15.82 -27.18 41.88
N LEU B 182 -16.42 -27.18 43.07
CA LEU B 182 -16.99 -25.94 43.60
C LEU B 182 -16.00 -25.12 44.42
N SER B 183 -15.33 -25.77 45.37
CA SER B 183 -14.44 -25.07 46.29
C SER B 183 -13.32 -25.98 46.79
N ILE B 184 -12.27 -25.32 47.28
CA ILE B 184 -11.02 -25.98 47.69
C ILE B 184 -10.61 -25.42 49.05
N GLU B 185 -10.53 -26.29 50.06
CA GLU B 185 -10.12 -25.83 51.38
C GLU B 185 -8.68 -26.19 51.72
N ILE B 186 -7.82 -25.18 51.81
CA ILE B 186 -6.41 -25.36 52.13
C ILE B 186 -6.30 -25.31 53.65
N PRO B 187 -5.82 -26.40 54.26
CA PRO B 187 -5.92 -26.52 55.73
C PRO B 187 -4.88 -25.72 56.51
N TYR B 188 -5.25 -25.33 57.73
CA TYR B 188 -4.26 -24.89 58.72
C TYR B 188 -3.36 -26.05 59.10
N SER B 189 -2.11 -25.71 59.41
CA SER B 189 -1.17 -26.66 59.95
C SER B 189 -1.48 -26.84 61.43
N ARG B 190 -1.27 -28.05 61.95
CA ARG B 190 -1.48 -28.33 63.38
C ARG B 190 -0.17 -28.26 64.18
N GLU B 191 -0.27 -28.38 65.50
CA GLU B 191 0.94 -28.50 66.32
C GLU B 191 1.68 -29.78 65.87
N ASP B 192 3.01 -29.74 65.94
CA ASP B 192 3.88 -30.89 65.57
C ASP B 192 3.76 -31.26 64.09
N GLU B 193 3.28 -30.32 63.26
CA GLU B 193 3.10 -30.56 61.82
C GLU B 193 3.90 -29.56 60.98
N PHE B 194 4.69 -30.09 60.05
CA PHE B 194 5.58 -29.27 59.20
C PHE B 194 5.43 -29.58 57.72
N PHE B 195 5.71 -28.58 56.88
CA PHE B 195 5.46 -28.69 55.44
C PHE B 195 6.54 -27.95 54.65
N SER B 196 6.91 -28.50 53.50
CA SER B 196 7.80 -27.85 52.54
C SER B 196 7.31 -28.14 51.13
N ALA B 197 7.62 -27.26 50.20
CA ALA B 197 7.38 -27.50 48.79
C ALA B 197 8.61 -27.04 48.00
N PHE B 198 8.96 -27.80 46.97
CA PHE B 198 10.10 -27.46 46.11
C PHE B 198 9.78 -27.70 44.64
N LYS B 199 10.51 -27.03 43.75
CA LYS B 199 10.35 -27.30 42.32
C LYS B 199 11.62 -27.12 41.53
N GLN B 200 11.76 -27.98 40.52
CA GLN B 200 12.80 -27.88 39.51
C GLN B 200 12.77 -26.51 38.85
N ALA B 201 13.97 -26.03 38.53
CA ALA B 201 14.22 -24.67 38.01
C ALA B 201 14.33 -24.62 36.48
N SER B 202 13.90 -25.70 35.82
CA SER B 202 13.97 -25.83 34.35
C SER B 202 12.78 -26.65 33.85
N ARG B 203 12.38 -26.42 32.61
CA ARG B 203 11.29 -27.18 31.98
C ARG B 203 11.62 -27.29 30.50
N ARG B 204 11.55 -28.50 29.97
CA ARG B 204 12.05 -28.81 28.62
C ARG B 204 11.00 -29.48 27.72
N GLU B 205 9.91 -29.93 28.33
CA GLU B 205 8.83 -30.63 27.63
C GLU B 205 7.53 -30.00 28.09
N ASP B 206 6.51 -30.05 27.25
CA ASP B 206 5.25 -29.35 27.49
C ASP B 206 4.58 -29.63 28.85
N ASP B 207 4.46 -30.90 29.23
CA ASP B 207 3.79 -31.23 30.50
C ASP B 207 4.32 -32.49 31.21
N ILE B 208 5.59 -32.81 30.99
CA ILE B 208 6.23 -33.91 31.71
C ILE B 208 7.64 -33.53 32.21
N ALA B 209 8.14 -34.31 33.18
CA ALA B 209 9.56 -34.31 33.56
C ALA B 209 10.11 -32.99 34.15
N LYS B 210 9.27 -32.31 34.90
CA LYS B 210 9.70 -31.24 35.78
C LYS B 210 9.37 -31.65 37.21
N VAL B 211 10.39 -31.93 38.03
CA VAL B 211 10.15 -32.38 39.39
C VAL B 211 9.58 -31.24 40.24
N THR B 212 8.53 -31.56 40.98
CA THR B 212 7.87 -30.57 41.84
C THR B 212 7.24 -31.35 42.97
N CYS B 213 7.27 -30.83 44.19
CA CYS B 213 6.80 -31.66 45.30
C CYS B 213 6.17 -30.92 46.46
N GLY B 214 5.39 -31.68 47.22
CA GLY B 214 4.85 -31.26 48.51
C GLY B 214 5.23 -32.32 49.53
N MET B 215 5.68 -31.87 50.71
CA MET B 215 6.12 -32.81 51.76
C MET B 215 5.56 -32.38 53.11
N ARG B 216 4.90 -33.32 53.79
CA ARG B 216 4.30 -33.06 55.12
C ARG B 216 4.71 -34.13 56.12
N VAL B 217 5.04 -33.70 57.33
CA VAL B 217 5.26 -34.62 58.45
C VAL B 217 4.43 -34.17 59.66
N LEU B 218 3.73 -35.12 60.28
CA LEU B 218 3.06 -34.92 61.58
C LEU B 218 3.69 -35.87 62.59
N PHE B 219 4.18 -35.30 63.70
CA PHE B 219 4.78 -36.09 64.78
C PHE B 219 3.77 -36.40 65.90
N GLN B 220 4.03 -37.45 66.68
CA GLN B 220 3.30 -37.69 67.92
C GLN B 220 3.58 -36.47 68.83
N PRO B 221 2.58 -36.05 69.64
CA PRO B 221 2.66 -34.79 70.42
C PRO B 221 3.98 -34.58 71.15
N GLY B 222 4.65 -33.46 70.82
CA GLY B 222 5.89 -33.05 71.46
C GLY B 222 7.13 -33.90 71.17
N SER B 223 7.04 -34.77 70.16
CA SER B 223 8.08 -35.76 69.86
C SER B 223 8.73 -35.55 68.49
N MET B 224 9.72 -36.41 68.20
CA MET B 224 10.33 -36.52 66.87
C MET B 224 9.92 -37.84 66.26
N GLN B 225 8.81 -38.39 66.75
CA GLN B 225 8.33 -39.68 66.29
C GLN B 225 7.25 -39.46 65.25
N VAL B 226 7.47 -40.05 64.08
CA VAL B 226 6.57 -39.88 62.94
C VAL B 226 5.21 -40.53 63.18
N LYS B 227 4.16 -39.71 63.07
CA LYS B 227 2.78 -40.19 63.09
C LYS B 227 2.17 -40.23 61.69
N GLU B 228 2.47 -39.21 60.88
CA GLU B 228 2.07 -39.17 59.46
C GLU B 228 3.22 -38.62 58.61
N LEU B 229 3.35 -39.16 57.39
CA LEU B 229 4.34 -38.64 56.44
C LEU B 229 3.81 -38.76 55.02
N ALA B 230 3.92 -37.67 54.27
CA ALA B 230 3.42 -37.63 52.92
C ALA B 230 4.43 -36.90 52.03
N LEU B 231 4.83 -37.58 50.96
CA LEU B 231 5.74 -37.02 49.98
C LEU B 231 5.14 -37.24 48.60
N CYS B 232 4.67 -36.14 47.99
CA CYS B 232 3.99 -36.23 46.71
C CYS B 232 4.75 -35.45 45.65
N TYR B 233 4.86 -36.04 44.47
CA TYR B 233 5.72 -35.54 43.40
C TYR B 233 5.00 -35.40 42.07
N GLY B 234 5.26 -34.29 41.36
CA GLY B 234 4.92 -34.18 39.94
C GLY B 234 6.19 -34.43 39.14
N GLY B 235 6.05 -34.70 37.83
CA GLY B 235 7.20 -34.76 36.92
C GLY B 235 7.99 -36.06 37.00
N MET B 236 7.45 -37.04 37.71
CA MET B 236 8.08 -38.36 37.89
C MET B 236 7.25 -39.49 37.27
N ALA B 237 6.15 -39.13 36.63
CA ALA B 237 5.20 -40.08 36.04
C ALA B 237 4.22 -39.30 35.18
N ASP B 238 3.15 -39.96 34.73
CA ASP B 238 2.16 -39.26 33.89
C ASP B 238 1.01 -38.64 34.71
N ARG B 239 1.25 -38.49 36.02
CA ARG B 239 0.31 -37.84 36.92
C ARG B 239 1.03 -37.53 38.22
N THR B 240 0.40 -36.70 39.06
CA THR B 240 0.90 -36.50 40.42
C THR B 240 0.82 -37.81 41.19
N ILE B 241 1.91 -38.16 41.87
CA ILE B 241 1.98 -39.43 42.62
C ILE B 241 2.45 -39.21 44.06
N SER B 242 2.20 -40.22 44.91
CA SER B 242 2.60 -40.21 46.32
C SER B 242 3.52 -41.40 46.56
N ALA B 243 4.62 -41.20 47.29
CA ALA B 243 5.58 -42.25 47.59
C ALA B 243 5.08 -43.04 48.82
N LEU B 244 3.92 -43.66 48.66
CA LEU B 244 3.19 -44.28 49.78
C LEU B 244 3.92 -45.46 50.39
N LYS B 245 4.54 -46.28 49.54
CA LYS B 245 5.26 -47.46 49.99
C LYS B 245 6.42 -47.02 50.88
N THR B 246 7.13 -45.96 50.47
CA THR B 246 8.24 -45.42 51.24
C THR B 246 7.79 -44.79 52.56
N THR B 247 6.76 -43.94 52.52
CA THR B 247 6.32 -43.20 53.72
C THR B 247 5.67 -44.11 54.77
N GLN B 248 4.92 -45.11 54.31
CA GLN B 248 4.28 -46.09 55.21
C GLN B 248 5.31 -46.78 56.10
N LYS B 249 6.49 -47.02 55.55
CA LYS B 249 7.58 -47.70 56.26
C LYS B 249 8.18 -46.87 57.39
N GLN B 250 7.94 -45.55 57.39
CA GLN B 250 8.58 -44.67 58.38
C GLN B 250 7.72 -44.36 59.61
N LEU B 251 6.50 -44.87 59.59
CA LEU B 251 5.58 -44.62 60.70
C LEU B 251 6.11 -45.18 62.02
N SER B 252 6.07 -44.34 63.04
CA SER B 252 6.64 -44.59 64.38
C SER B 252 8.17 -44.49 64.47
N LYS B 253 8.84 -44.28 63.35
CA LYS B 253 10.30 -44.03 63.37
C LYS B 253 10.61 -42.61 63.81
N PHE B 254 11.84 -42.42 64.27
CA PHE B 254 12.30 -41.12 64.76
C PHE B 254 13.04 -40.36 63.67
N TRP B 255 12.92 -39.02 63.69
CA TRP B 255 13.49 -38.13 62.65
C TRP B 255 14.99 -38.00 62.80
N ASN B 256 15.73 -38.94 62.21
CA ASN B 256 17.20 -38.99 62.35
C ASN B 256 17.90 -39.51 61.08
N GLU B 257 19.22 -39.72 61.14
CA GLU B 257 19.99 -40.15 59.97
C GLU B 257 19.51 -41.47 59.37
N LYS B 258 19.03 -42.38 60.23
CA LYS B 258 18.51 -43.66 59.77
C LYS B 258 17.25 -43.47 58.90
N LEU B 259 16.37 -42.56 59.32
CA LEU B 259 15.18 -42.24 58.54
C LEU B 259 15.58 -41.60 57.21
N LEU B 260 16.53 -40.67 57.25
CA LEU B 260 17.06 -40.06 56.02
C LEU B 260 17.53 -41.13 55.03
N GLN B 261 18.37 -42.07 55.51
CA GLN B 261 18.85 -43.20 54.71
C GLN B 261 17.72 -44.05 54.12
N ASP B 262 16.77 -44.46 54.95
CA ASP B 262 15.67 -45.34 54.54
C ASP B 262 14.73 -44.66 53.55
N VAL B 263 14.36 -43.40 53.83
CA VAL B 263 13.49 -42.66 52.90
C VAL B 263 14.18 -42.51 51.54
N CYS B 264 15.45 -42.10 51.55
CA CYS B 264 16.22 -41.96 50.31
C CYS B 264 16.32 -43.28 49.52
N ALA B 265 16.56 -44.38 50.23
CA ALA B 265 16.54 -45.72 49.61
C ALA B 265 15.16 -46.04 49.03
N GLY B 266 14.10 -45.71 49.76
CA GLY B 266 12.73 -45.94 49.28
C GLY B 266 12.41 -45.12 48.04
N LEU B 267 12.75 -43.83 48.06
CA LEU B 267 12.47 -42.94 46.93
C LEU B 267 13.18 -43.37 45.66
N ALA B 268 14.44 -43.78 45.80
CA ALA B 268 15.24 -44.22 44.66
C ALA B 268 14.60 -45.41 43.98
N GLU B 269 13.99 -46.29 44.76
CA GLU B 269 13.30 -47.48 44.25
C GLU B 269 11.89 -47.18 43.76
N GLU B 270 11.06 -46.60 44.61
CA GLU B 270 9.65 -46.39 44.30
C GLU B 270 9.45 -45.49 43.10
N LEU B 271 10.32 -44.49 42.94
CA LEU B 271 10.16 -43.50 41.87
C LEU B 271 11.13 -43.71 40.72
N SER B 272 11.72 -44.91 40.66
CA SER B 272 12.75 -45.23 39.66
C SER B 272 12.22 -45.01 38.26
N LEU B 273 13.07 -44.47 37.40
CA LEU B 273 12.73 -44.18 36.01
C LEU B 273 13.52 -45.06 35.05
N SER B 274 12.83 -45.65 34.07
CA SER B 274 13.50 -46.41 33.02
C SER B 274 14.43 -45.50 32.21
N PRO B 275 15.53 -46.06 31.67
CA PRO B 275 16.44 -45.24 30.86
C PRO B 275 15.73 -44.49 29.74
N ASP B 276 14.65 -45.05 29.21
CA ASP B 276 13.92 -44.41 28.11
C ASP B 276 12.62 -43.71 28.55
N ALA B 277 12.51 -43.40 29.84
CA ALA B 277 11.32 -42.72 30.36
C ALA B 277 11.06 -41.40 29.62
N PRO B 278 9.78 -41.05 29.36
CA PRO B 278 9.48 -39.79 28.64
C PRO B 278 10.03 -38.57 29.40
N GLY B 279 10.72 -37.70 28.68
CA GLY B 279 11.29 -36.49 29.27
C GLY B 279 12.77 -36.56 29.60
N GLY B 280 13.33 -37.77 29.67
CA GLY B 280 14.77 -37.94 29.90
C GLY B 280 15.21 -37.33 31.22
N MET B 281 16.42 -36.76 31.25
CA MET B 281 16.98 -36.18 32.49
C MET B 281 16.84 -37.14 33.67
N ILE B 282 17.11 -38.43 33.40
CA ILE B 282 16.83 -39.52 34.32
C ILE B 282 17.60 -39.37 35.65
N GLU B 283 18.91 -39.22 35.54
CA GLU B 283 19.77 -39.07 36.71
C GLU B 283 19.39 -37.82 37.52
N PHE B 284 19.23 -36.69 36.82
CA PHE B 284 18.88 -35.41 37.43
C PHE B 284 17.58 -35.51 38.25
N ARG B 285 16.55 -36.08 37.66
CA ARG B 285 15.26 -36.17 38.33
C ARG B 285 15.34 -37.05 39.59
N ARG B 286 16.02 -38.20 39.49
CA ARG B 286 16.21 -39.03 40.68
C ARG B 286 16.96 -38.22 41.75
N THR B 287 18.05 -37.57 41.36
CA THR B 287 18.85 -36.78 42.31
C THR B 287 17.96 -35.72 42.99
N LEU B 288 17.11 -35.06 42.21
CA LEU B 288 16.22 -34.05 42.78
C LEU B 288 15.23 -34.61 43.79
N THR B 289 14.63 -35.77 43.49
CA THR B 289 13.67 -36.34 44.46
C THR B 289 14.34 -36.53 45.83
N LEU B 290 15.58 -37.02 45.82
CA LEU B 290 16.36 -37.20 47.05
C LEU B 290 16.83 -35.87 47.66
N SER B 291 17.38 -34.98 46.83
CA SER B 291 17.85 -33.67 47.30
C SER B 291 16.75 -32.82 47.93
N PHE B 292 15.55 -32.84 47.32
CA PHE B 292 14.41 -32.13 47.90
C PHE B 292 14.04 -32.72 49.26
N PHE B 293 14.04 -34.06 49.37
CA PHE B 293 13.74 -34.65 50.67
C PHE B 293 14.78 -34.26 51.70
N PHE B 294 16.05 -34.20 51.31
CA PHE B 294 17.14 -33.81 52.20
C PHE B 294 16.87 -32.41 52.76
N LYS B 295 16.46 -31.50 51.87
CA LYS B 295 16.16 -30.12 52.27
C LYS B 295 15.01 -30.10 53.29
N PHE B 296 13.96 -30.86 53.01
CA PHE B 296 12.82 -31.05 53.94
C PHE B 296 13.30 -31.60 55.31
N TYR B 297 14.09 -32.66 55.27
CA TYR B 297 14.69 -33.28 56.47
C TYR B 297 15.42 -32.25 57.33
N LEU B 298 16.31 -31.47 56.72
CA LEU B 298 17.05 -30.43 57.45
C LEU B 298 16.12 -29.34 57.96
N THR B 299 15.17 -28.93 57.13
CA THR B 299 14.25 -27.88 57.51
C THR B 299 13.39 -28.26 58.73
N VAL B 300 12.90 -29.50 58.74
CA VAL B 300 12.10 -30.07 59.83
C VAL B 300 12.92 -30.14 61.12
N LEU B 301 14.18 -30.54 61.03
CA LEU B 301 15.11 -30.50 62.17
C LEU B 301 15.28 -29.09 62.76
N LYS B 302 15.39 -28.09 61.88
CA LYS B 302 15.51 -26.69 62.32
C LYS B 302 14.21 -26.20 62.99
N LYS B 303 13.08 -26.62 62.44
CA LYS B 303 11.76 -26.30 63.01
C LYS B 303 11.53 -27.00 64.35
N LEU B 304 12.02 -28.23 64.46
CA LEU B 304 11.96 -28.99 65.72
C LEU B 304 12.88 -28.40 66.78
N GLY B 305 13.92 -27.69 66.35
CA GLY B 305 14.89 -27.10 67.25
C GLY B 305 14.93 -25.58 67.15
N ASP C 1 25.95 19.27 16.47
CA ASP C 1 26.75 18.02 16.34
C ASP C 1 26.46 17.07 17.51
N THR C 2 25.70 16.01 17.24
CA THR C 2 25.27 15.06 18.27
C THR C 2 26.12 13.78 18.32
N VAL C 3 27.12 13.69 17.45
CA VAL C 3 27.99 12.52 17.43
C VAL C 3 28.73 12.41 18.77
N GLY C 4 28.59 11.27 19.43
CA GLY C 4 29.15 11.06 20.76
C GLY C 4 28.19 11.38 21.91
N ARG C 5 27.01 11.90 21.59
CA ARG C 5 25.96 12.17 22.57
C ARG C 5 24.97 10.99 22.70
N PRO C 6 24.42 10.77 23.90
CA PRO C 6 23.51 9.64 24.12
C PRO C 6 22.07 9.94 23.68
N LEU C 7 21.89 10.20 22.39
CA LEU C 7 20.57 10.51 21.85
C LEU C 7 19.69 9.24 21.89
N PRO C 8 18.47 9.33 22.45
CA PRO C 8 17.59 8.14 22.41
C PRO C 8 17.33 7.69 20.96
N HIS C 9 17.17 6.37 20.77
CA HIS C 9 16.72 5.78 19.49
C HIS C 9 15.57 6.62 18.94
N LEU C 10 15.67 7.03 17.68
CA LEU C 10 14.71 7.97 17.08
C LEU C 10 13.25 7.52 17.13
N ALA C 11 13.01 6.20 17.14
CA ALA C 11 11.62 5.73 17.17
C ALA C 11 11.13 5.33 18.55
N ALA C 12 11.93 5.58 19.58
CA ALA C 12 11.65 5.09 20.93
C ALA C 12 10.28 5.52 21.44
N ALA C 13 9.94 6.80 21.25
CA ALA C 13 8.68 7.33 21.77
C ALA C 13 7.49 6.66 21.06
N MET C 14 7.61 6.46 19.75
CA MET C 14 6.53 5.81 18.99
C MET C 14 6.43 4.32 19.36
N GLN C 15 7.55 3.72 19.70
CA GLN C 15 7.55 2.32 20.14
C GLN C 15 6.83 2.16 21.49
N ALA C 16 7.07 3.10 22.40
CA ALA C 16 6.43 3.11 23.71
C ALA C 16 4.93 3.38 23.65
N SER C 17 4.49 4.06 22.57
CA SER C 17 3.08 4.48 22.42
C SER C 17 2.30 3.51 21.51
N GLY C 18 3.00 2.53 20.94
CA GLY C 18 2.35 1.54 20.04
C GLY C 18 1.98 2.14 18.70
N GLU C 19 2.62 3.25 18.34
CA GLU C 19 2.41 3.94 17.06
C GLU C 19 3.40 3.49 15.97
N ALA C 20 4.57 2.97 16.37
CA ALA C 20 5.56 2.47 15.40
C ALA C 20 4.95 1.27 14.69
N VAL C 21 5.02 1.30 13.35
CA VAL C 21 4.41 0.25 12.55
C VAL C 21 5.39 -0.90 12.21
N TYR C 22 5.03 -2.12 12.61
CA TYR C 22 5.74 -3.33 12.16
C TYR C 22 4.93 -3.97 11.02
N CYS C 23 5.53 -4.94 10.34
CA CYS C 23 4.93 -5.47 9.12
C CYS C 23 3.45 -5.84 9.28
N ASP C 24 3.11 -6.63 10.30
CA ASP C 24 1.69 -7.06 10.46
C ASP C 24 0.77 -5.93 10.93
N ASP C 25 1.35 -4.81 11.36
CA ASP C 25 0.55 -3.64 11.77
C ASP C 25 0.03 -2.84 10.56
N ILE C 26 0.59 -3.09 9.39
CA ILE C 26 0.17 -2.38 8.17
C ILE C 26 -1.28 -2.76 7.88
N PRO C 27 -2.14 -1.77 7.55
CA PRO C 27 -3.53 -2.07 7.23
C PRO C 27 -3.64 -3.10 6.10
N ARG C 28 -4.68 -3.91 6.20
CA ARG C 28 -5.00 -4.93 5.23
C ARG C 28 -5.78 -4.28 4.07
N TYR C 29 -5.47 -4.66 2.84
CA TYR C 29 -6.38 -4.35 1.72
C TYR C 29 -7.71 -5.07 1.90
N GLU C 30 -8.77 -4.47 1.33
CA GLU C 30 -10.12 -5.03 1.40
C GLU C 30 -10.18 -6.52 1.00
N ASN C 31 -9.35 -6.88 0.02
CA ASN C 31 -9.32 -8.21 -0.58
C ASN C 31 -8.12 -9.06 -0.18
N GLU C 32 -7.44 -8.68 0.89
CA GLU C 32 -6.18 -9.33 1.24
C GLU C 32 -6.42 -10.69 1.87
N LEU C 33 -5.64 -11.68 1.46
CA LEU C 33 -5.76 -13.05 1.98
C LEU C 33 -4.58 -13.40 2.90
N PHE C 34 -4.67 -14.58 3.52
CA PHE C 34 -3.69 -15.04 4.52
C PHE C 34 -3.15 -16.40 4.16
N LEU C 35 -1.86 -16.60 4.42
CA LEU C 35 -1.18 -17.83 4.06
C LEU C 35 -0.75 -18.54 5.36
N ARG C 36 -0.85 -19.87 5.37
CA ARG C 36 -0.29 -20.69 6.46
C ARG C 36 0.52 -21.82 5.83
N LEU C 37 1.79 -21.92 6.20
CA LEU C 37 2.63 -23.01 5.70
C LEU C 37 2.16 -24.40 6.17
N VAL C 38 2.32 -25.38 5.28
CA VAL C 38 2.13 -26.78 5.61
C VAL C 38 3.51 -27.46 5.55
N THR C 39 3.82 -28.18 6.61
CA THR C 39 5.18 -28.52 6.93
C THR C 39 5.30 -30.01 7.31
N SER C 40 6.45 -30.62 6.98
CA SER C 40 6.75 -32.03 7.30
C SER C 40 6.74 -32.36 8.79
N THR C 41 6.21 -33.54 9.12
CA THR C 41 6.24 -34.04 10.49
C THR C 41 7.28 -35.17 10.64
N ARG C 42 8.05 -35.40 9.59
CA ARG C 42 9.06 -36.48 9.55
C ARG C 42 10.44 -35.91 9.21
N ALA C 43 11.47 -36.48 9.85
CA ALA C 43 12.85 -36.02 9.61
C ALA C 43 13.33 -36.34 8.21
N HIS C 44 12.96 -37.51 7.68
CA HIS C 44 13.44 -37.89 6.35
C HIS C 44 12.47 -38.94 5.80
N ALA C 45 11.80 -38.61 4.71
CA ALA C 45 10.78 -39.52 4.15
C ALA C 45 10.35 -39.12 2.75
N LYS C 46 9.82 -40.09 2.01
CA LYS C 46 9.18 -39.83 0.73
C LYS C 46 7.76 -39.33 0.99
N ILE C 47 7.34 -38.32 0.24
CA ILE C 47 5.96 -37.87 0.27
C ILE C 47 5.14 -38.74 -0.69
N LYS C 48 4.16 -39.46 -0.13
CA LYS C 48 3.30 -40.38 -0.90
C LYS C 48 1.94 -39.82 -1.30
N SER C 49 1.42 -38.89 -0.52
CA SER C 49 0.16 -38.22 -0.82
C SER C 49 -0.05 -36.99 0.04
N ILE C 50 -0.75 -36.02 -0.54
CA ILE C 50 -1.20 -34.84 0.19
C ILE C 50 -2.70 -34.73 -0.03
N ASP C 51 -3.47 -34.81 1.05
CA ASP C 51 -4.93 -34.78 0.96
C ASP C 51 -5.47 -33.48 1.54
N VAL C 52 -6.11 -32.69 0.68
CA VAL C 52 -6.67 -31.39 1.07
C VAL C 52 -8.21 -31.39 1.10
N SER C 53 -8.83 -32.57 0.99
CA SER C 53 -10.30 -32.65 0.98
C SER C 53 -10.96 -32.08 2.24
N GLU C 54 -10.37 -32.31 3.40
CA GLU C 54 -10.88 -31.78 4.66
C GLU C 54 -10.59 -30.28 4.81
N ALA C 55 -9.45 -29.83 4.30
CA ALA C 55 -9.12 -28.41 4.30
C ALA C 55 -10.07 -27.58 3.44
N GLN C 56 -10.55 -28.15 2.34
CA GLN C 56 -11.51 -27.47 1.45
C GLN C 56 -12.89 -27.22 2.08
N LYS C 57 -13.16 -27.90 3.19
CA LYS C 57 -14.42 -27.77 3.90
C LYS C 57 -14.41 -26.61 4.88
N VAL C 58 -13.24 -26.04 5.11
CA VAL C 58 -13.11 -24.97 6.08
C VAL C 58 -13.64 -23.68 5.46
N PRO C 59 -14.55 -22.99 6.17
CA PRO C 59 -15.06 -21.72 5.69
C PRO C 59 -13.92 -20.79 5.31
N GLY C 60 -14.04 -20.08 4.19
CA GLY C 60 -13.03 -19.11 3.78
C GLY C 60 -11.80 -19.69 3.09
N PHE C 61 -11.75 -21.00 2.92
CA PHE C 61 -10.62 -21.62 2.20
C PHE C 61 -10.54 -21.16 0.75
N VAL C 62 -9.35 -20.77 0.31
CA VAL C 62 -9.15 -20.32 -1.06
C VAL C 62 -8.47 -21.39 -1.91
N CYS C 63 -7.24 -21.78 -1.54
CA CYS C 63 -6.50 -22.79 -2.32
C CYS C 63 -5.37 -23.40 -1.51
N PHE C 64 -4.88 -24.54 -1.98
CA PHE C 64 -3.62 -25.10 -1.50
C PHE C 64 -2.57 -24.94 -2.58
N LEU C 65 -1.40 -24.41 -2.20
CA LEU C 65 -0.26 -24.22 -3.09
C LEU C 65 0.78 -25.29 -2.80
N SER C 66 1.31 -25.88 -3.86
CA SER C 66 2.45 -26.77 -3.77
C SER C 66 3.39 -26.51 -4.94
N ALA C 67 4.42 -27.35 -5.04
CA ALA C 67 5.49 -27.23 -6.04
C ALA C 67 4.97 -27.02 -7.47
N ASP C 68 3.96 -27.80 -7.86
CA ASP C 68 3.37 -27.73 -9.21
C ASP C 68 2.80 -26.36 -9.59
N ASP C 69 2.53 -25.50 -8.60
CA ASP C 69 1.95 -24.18 -8.86
C ASP C 69 2.98 -23.08 -9.24
N ILE C 70 4.25 -23.37 -8.99
CA ILE C 70 5.32 -22.40 -9.22
C ILE C 70 5.54 -22.13 -10.73
N PRO C 71 5.46 -20.85 -11.16
CA PRO C 71 5.61 -20.54 -12.59
C PRO C 71 7.05 -20.53 -13.11
N GLY C 72 8.00 -20.26 -12.21
CA GLY C 72 9.39 -20.04 -12.58
C GLY C 72 10.31 -21.16 -12.16
N SER C 73 10.73 -21.17 -10.90
CA SER C 73 11.69 -22.18 -10.41
C SER C 73 11.42 -22.62 -8.97
N ASN C 74 11.49 -23.93 -8.70
CA ASN C 74 11.34 -24.46 -7.35
C ASN C 74 12.69 -24.60 -6.64
N GLU C 75 13.73 -24.09 -7.27
CA GLU C 75 15.10 -24.15 -6.74
C GLU C 75 15.49 -22.83 -6.08
N THR C 76 15.86 -22.89 -4.80
CA THR C 76 16.09 -21.69 -4.03
C THR C 76 17.19 -21.88 -2.98
N GLY C 77 17.43 -20.86 -2.16
CA GLY C 77 18.41 -20.93 -1.09
C GLY C 77 19.70 -20.31 -1.55
N LEU C 78 20.52 -19.87 -0.60
CA LEU C 78 21.76 -19.18 -0.93
C LEU C 78 22.63 -19.97 -1.93
N PHE C 79 22.70 -21.29 -1.77
CA PHE C 79 23.50 -22.16 -2.67
C PHE C 79 22.64 -23.05 -3.58
N ASN C 80 21.37 -22.66 -3.74
CA ASN C 80 20.46 -23.28 -4.73
C ASN C 80 20.21 -24.76 -4.48
N ASP C 81 20.29 -25.15 -3.20
CA ASP C 81 20.20 -26.55 -2.76
C ASP C 81 18.93 -26.76 -1.93
N GLU C 82 18.00 -25.81 -2.02
CA GLU C 82 16.73 -25.92 -1.34
C GLU C 82 15.56 -25.95 -2.34
N THR C 83 14.40 -26.39 -1.87
CA THR C 83 13.15 -26.23 -2.63
C THR C 83 12.35 -25.11 -1.99
N VAL C 84 11.54 -24.42 -2.80
CA VAL C 84 10.52 -23.51 -2.23
C VAL C 84 9.48 -24.39 -1.55
N PHE C 85 8.97 -25.39 -2.27
CA PHE C 85 8.07 -26.40 -1.71
C PHE C 85 8.64 -27.79 -2.03
N ALA C 86 8.74 -28.64 -1.00
CA ALA C 86 9.26 -30.00 -1.17
C ALA C 86 8.38 -30.78 -2.15
N LYS C 87 8.99 -31.58 -3.00
CA LYS C 87 8.22 -32.21 -4.07
C LYS C 87 8.02 -33.71 -3.83
N ASP C 88 9.12 -34.43 -3.72
CA ASP C 88 9.07 -35.89 -3.60
C ASP C 88 9.50 -36.38 -2.24
N THR C 89 10.43 -35.65 -1.61
CA THR C 89 10.99 -36.09 -0.34
C THR C 89 11.07 -34.91 0.63
N VAL C 90 10.87 -35.19 1.92
CA VAL C 90 11.10 -34.23 3.00
C VAL C 90 12.40 -34.60 3.70
N THR C 91 13.17 -33.61 4.15
CA THR C 91 14.50 -33.87 4.71
C THR C 91 14.69 -33.25 6.09
N CYS C 92 13.61 -32.72 6.67
CA CYS C 92 13.55 -32.37 8.09
C CYS C 92 12.13 -32.21 8.58
N VAL C 93 11.91 -32.39 9.88
CA VAL C 93 10.66 -31.96 10.49
C VAL C 93 10.63 -30.43 10.31
N GLY C 94 9.53 -29.92 9.77
CA GLY C 94 9.45 -28.48 9.52
C GLY C 94 9.71 -28.12 8.07
N HIS C 95 10.11 -29.11 7.25
CA HIS C 95 10.39 -28.87 5.84
C HIS C 95 9.09 -28.44 5.15
N ILE C 96 9.12 -27.28 4.50
CA ILE C 96 7.89 -26.73 3.90
C ILE C 96 7.46 -27.54 2.68
N ILE C 97 6.24 -28.06 2.72
CA ILE C 97 5.66 -28.89 1.67
C ILE C 97 4.65 -28.13 0.78
N GLY C 98 3.90 -27.21 1.38
CA GLY C 98 2.93 -26.40 0.64
C GLY C 98 2.42 -25.28 1.52
N ALA C 99 1.31 -24.70 1.12
CA ALA C 99 0.71 -23.64 1.91
C ALA C 99 -0.79 -23.61 1.64
N VAL C 100 -1.54 -23.28 2.67
CA VAL C 100 -2.95 -22.96 2.53
C VAL C 100 -3.15 -21.43 2.46
N VAL C 101 -4.07 -21.01 1.60
CA VAL C 101 -4.49 -19.62 1.51
C VAL C 101 -5.97 -19.56 1.93
N ALA C 102 -6.32 -18.59 2.79
CA ALA C 102 -7.71 -18.41 3.23
C ALA C 102 -8.05 -16.94 3.52
N ASP C 103 -9.33 -16.66 3.80
CA ASP C 103 -9.80 -15.27 3.97
C ASP C 103 -9.45 -14.64 5.31
N THR C 104 -9.07 -15.47 6.31
CA THR C 104 -8.63 -14.97 7.64
C THR C 104 -7.47 -15.84 8.14
N PRO C 105 -6.62 -15.28 9.04
CA PRO C 105 -5.53 -16.14 9.54
C PRO C 105 -6.03 -17.33 10.38
N GLU C 106 -7.16 -17.15 11.10
CA GLU C 106 -7.80 -18.24 11.84
C GLU C 106 -8.23 -19.36 10.88
N HIS C 107 -8.83 -18.99 9.75
CA HIS C 107 -9.27 -19.96 8.76
C HIS C 107 -8.08 -20.70 8.11
N ALA C 108 -7.03 -19.92 7.78
CA ALA C 108 -5.79 -20.52 7.25
C ALA C 108 -5.22 -21.56 8.23
N GLU C 109 -5.21 -21.20 9.51
CA GLU C 109 -4.67 -22.07 10.54
C GLU C 109 -5.49 -23.36 10.59
N ARG C 110 -6.81 -23.21 10.64
CA ARG C 110 -7.74 -24.34 10.73
C ARG C 110 -7.53 -25.29 9.58
N ALA C 111 -7.48 -24.72 8.37
CA ALA C 111 -7.32 -25.50 7.15
C ALA C 111 -5.97 -26.24 7.15
N ALA C 112 -4.91 -25.56 7.55
CA ALA C 112 -3.57 -26.18 7.48
C ALA C 112 -3.50 -27.41 8.38
N HIS C 113 -4.17 -27.34 9.53
CA HIS C 113 -4.10 -28.45 10.47
C HIS C 113 -4.73 -29.73 9.95
N VAL C 114 -5.70 -29.62 9.04
CA VAL C 114 -6.40 -30.83 8.54
C VAL C 114 -5.92 -31.29 7.17
N VAL C 115 -4.83 -30.69 6.67
CA VAL C 115 -4.14 -31.24 5.50
C VAL C 115 -3.44 -32.51 5.94
N LYS C 116 -3.73 -33.63 5.25
CA LYS C 116 -3.19 -34.93 5.63
C LYS C 116 -2.06 -35.33 4.66
N VAL C 117 -0.91 -35.64 5.22
CA VAL C 117 0.25 -36.06 4.44
C VAL C 117 0.60 -37.50 4.82
N THR C 118 0.88 -38.31 3.80
CA THR C 118 1.28 -39.70 3.94
C THR C 118 2.73 -39.85 3.51
N TYR C 119 3.51 -40.55 4.33
CA TYR C 119 4.96 -40.62 4.16
C TYR C 119 5.48 -42.06 4.11
N GLU C 120 6.67 -42.23 3.56
CA GLU C 120 7.42 -43.47 3.70
C GLU C 120 8.80 -43.09 4.25
N ASP C 121 9.05 -43.45 5.51
CA ASP C 121 10.31 -43.09 6.17
C ASP C 121 11.55 -43.58 5.45
N LEU C 122 12.58 -42.75 5.52
CA LEU C 122 13.92 -43.04 5.05
C LEU C 122 14.90 -42.88 6.23
N PRO C 123 16.03 -43.61 6.19
CA PRO C 123 17.05 -43.48 7.25
C PRO C 123 17.44 -42.01 7.46
N ALA C 124 17.34 -41.55 8.71
CA ALA C 124 17.63 -40.15 9.03
C ALA C 124 18.94 -40.02 9.79
N ILE C 125 19.57 -38.85 9.66
CA ILE C 125 20.78 -38.49 10.39
C ILE C 125 20.50 -37.19 11.15
N ILE C 126 20.57 -37.25 12.48
CA ILE C 126 20.17 -36.10 13.30
C ILE C 126 21.33 -35.45 14.08
N THR C 127 22.13 -36.27 14.75
CA THR C 127 23.20 -35.73 15.60
C THR C 127 24.50 -35.57 14.81
N ILE C 128 25.41 -34.77 15.36
CA ILE C 128 26.76 -34.66 14.80
C ILE C 128 27.44 -36.03 14.73
N GLU C 129 27.33 -36.81 15.82
CA GLU C 129 27.91 -38.15 15.86
C GLU C 129 27.37 -39.04 14.72
N ASP C 130 26.05 -39.02 14.54
CA ASP C 130 25.35 -39.68 13.40
C ASP C 130 26.06 -39.27 12.09
N ALA C 131 26.21 -37.97 11.89
CA ALA C 131 26.79 -37.42 10.67
C ALA C 131 28.25 -37.87 10.46
N ILE C 132 29.06 -37.81 11.51
CA ILE C 132 30.47 -38.25 11.41
C ILE C 132 30.53 -39.74 11.04
N LYS C 133 29.76 -40.56 11.76
CA LYS C 133 29.70 -42.00 11.50
C LYS C 133 29.31 -42.31 10.05
N ASN C 134 28.41 -41.51 9.49
CA ASN C 134 27.91 -41.71 8.14
C ASN C 134 28.62 -40.91 7.05
N ASN C 135 29.70 -40.22 7.41
CA ASN C 135 30.42 -39.34 6.48
C ASN C 135 29.47 -38.35 5.76
N SER C 136 28.57 -37.73 6.53
CA SER C 136 27.53 -36.87 5.96
C SER C 136 27.89 -35.40 6.16
N PHE C 137 28.60 -34.84 5.17
CA PHE C 137 29.14 -33.47 5.23
C PHE C 137 28.80 -32.63 3.99
N TYR C 138 28.75 -31.31 4.17
CA TYR C 138 28.72 -30.37 3.04
C TYR C 138 30.16 -29.96 2.75
N GLY C 139 30.62 -30.22 1.53
CA GLY C 139 31.98 -29.83 1.11
C GLY C 139 33.12 -30.50 1.87
N SER C 140 34.31 -29.96 1.67
CA SER C 140 35.54 -30.53 2.24
C SER C 140 35.94 -29.82 3.54
N GLU C 141 36.98 -30.34 4.18
CA GLU C 141 37.51 -29.81 5.42
C GLU C 141 38.06 -28.40 5.23
N LEU C 142 37.69 -27.48 6.12
CA LEU C 142 38.33 -26.17 6.22
C LEU C 142 39.48 -26.24 7.23
N LYS C 143 40.56 -25.51 6.97
CA LYS C 143 41.74 -25.59 7.84
C LYS C 143 42.58 -24.31 7.89
N ILE C 144 43.10 -24.00 9.07
CA ILE C 144 44.14 -23.00 9.21
C ILE C 144 45.21 -23.65 10.05
N GLU C 145 46.45 -23.57 9.57
CA GLU C 145 47.60 -24.13 10.27
C GLU C 145 48.78 -23.15 10.26
N LYS C 146 49.48 -23.06 11.38
CA LYS C 146 50.65 -22.23 11.52
C LYS C 146 51.65 -22.96 12.45
N GLY C 147 52.92 -22.87 12.12
CA GLY C 147 53.95 -23.49 12.94
C GLY C 147 54.10 -24.98 12.72
N ASP C 148 54.60 -25.66 13.75
CA ASP C 148 55.00 -27.06 13.66
C ASP C 148 54.41 -27.79 14.86
N LEU C 149 53.27 -28.44 14.66
CA LEU C 149 52.52 -29.09 15.75
C LEU C 149 53.31 -30.20 16.42
N LYS C 150 53.88 -31.10 15.63
CA LYS C 150 54.91 -32.01 16.10
C LYS C 150 56.08 -31.07 16.34
N LYS C 151 56.74 -31.18 17.47
CA LYS C 151 57.77 -30.21 17.89
C LYS C 151 57.14 -29.40 18.97
N GLY C 152 56.06 -28.68 18.64
CA GLY C 152 55.27 -27.99 19.64
C GLY C 152 54.85 -28.95 20.74
N PHE C 153 54.26 -30.07 20.35
CA PHE C 153 53.84 -31.10 21.32
C PHE C 153 55.04 -31.79 22.00
N SER C 154 56.17 -31.86 21.31
CA SER C 154 57.41 -32.40 21.87
C SER C 154 57.94 -31.53 23.00
N GLU C 155 57.86 -30.23 22.81
CA GLU C 155 58.40 -29.26 23.76
C GLU C 155 57.50 -29.07 24.97
N ALA C 156 56.24 -29.47 24.86
CA ALA C 156 55.27 -29.32 25.95
C ALA C 156 55.64 -30.13 27.19
N ASP C 157 55.41 -29.53 28.37
CA ASP C 157 55.51 -30.25 29.65
C ASP C 157 54.27 -31.11 29.88
N ASN C 158 53.10 -30.58 29.52
CA ASN C 158 51.82 -31.27 29.75
C ASN C 158 51.00 -31.29 28.47
N VAL C 159 50.12 -32.28 28.35
CA VAL C 159 49.18 -32.36 27.24
C VAL C 159 47.80 -32.71 27.81
N VAL C 160 46.77 -32.01 27.32
CA VAL C 160 45.41 -32.28 27.72
C VAL C 160 44.60 -32.47 26.43
N SER C 161 43.82 -33.54 26.35
CA SER C 161 42.94 -33.73 25.20
C SER C 161 41.52 -34.00 25.68
N GLY C 162 40.54 -33.63 24.88
CA GLY C 162 39.16 -33.77 25.31
C GLY C 162 38.16 -33.57 24.20
N GLU C 163 36.89 -33.64 24.57
CA GLU C 163 35.80 -33.37 23.64
C GLU C 163 34.81 -32.41 24.32
N LEU C 164 34.14 -31.59 23.52
CA LEU C 164 33.23 -30.57 24.06
C LEU C 164 32.07 -30.32 23.09
N TYR C 165 30.89 -30.07 23.65
CA TYR C 165 29.71 -29.79 22.83
C TYR C 165 29.07 -28.48 23.31
N ILE C 166 28.60 -27.69 22.35
CA ILE C 166 27.86 -26.47 22.64
C ILE C 166 26.54 -26.51 21.84
N GLY C 167 25.45 -26.48 22.57
CA GLY C 167 24.11 -26.54 21.93
C GLY C 167 23.81 -25.26 21.15
N GLY C 168 22.82 -25.35 20.26
CA GLY C 168 22.42 -24.22 19.41
C GLY C 168 21.53 -23.23 20.16
N GLN C 169 20.74 -22.47 19.43
CA GLN C 169 20.02 -21.33 20.01
C GLN C 169 18.94 -20.84 19.07
N ASP C 170 17.75 -20.61 19.60
CA ASP C 170 16.68 -20.03 18.78
C ASP C 170 16.78 -18.51 18.86
N HIS C 171 16.61 -17.80 17.74
CA HIS C 171 16.74 -16.33 17.77
C HIS C 171 15.77 -15.65 18.76
N PHE C 172 14.51 -16.10 18.78
CA PHE C 172 13.48 -15.50 19.66
C PHE C 172 13.43 -13.95 19.56
N TYR C 173 13.58 -13.41 18.35
CA TYR C 173 13.13 -12.05 18.05
C TYR C 173 11.67 -11.96 18.53
N LEU C 174 11.29 -10.86 19.16
CA LEU C 174 9.91 -10.82 19.65
C LEU C 174 8.89 -10.77 18.49
N GLU C 175 9.27 -10.14 17.38
CA GLU C 175 8.48 -10.20 16.14
C GLU C 175 8.96 -11.39 15.29
N THR C 176 8.07 -12.35 15.02
CA THR C 176 8.43 -13.49 14.18
C THR C 176 8.51 -13.05 12.71
N HIS C 177 8.78 -14.00 11.82
CA HIS C 177 8.90 -13.68 10.39
C HIS C 177 7.55 -13.26 9.81
N CYS C 178 7.55 -12.26 8.93
CA CYS C 178 6.32 -11.72 8.37
C CYS C 178 6.56 -11.14 6.98
N THR C 179 5.64 -11.38 6.04
CA THR C 179 5.69 -10.76 4.73
C THR C 179 4.28 -10.42 4.27
N ILE C 180 4.14 -9.25 3.65
CA ILE C 180 2.95 -8.88 2.86
C ILE C 180 3.40 -8.79 1.40
N ALA C 181 2.65 -9.38 0.46
CA ALA C 181 2.98 -9.28 -0.97
C ALA C 181 1.81 -8.72 -1.72
N ILE C 182 2.05 -7.67 -2.51
CA ILE C 182 0.99 -6.97 -3.22
C ILE C 182 1.25 -7.13 -4.70
N PRO C 183 0.45 -7.95 -5.42
CA PRO C 183 0.65 -8.11 -6.87
C PRO C 183 0.00 -6.90 -7.55
N LYS C 184 0.68 -6.26 -8.51
CA LYS C 184 0.10 -5.08 -9.18
C LYS C 184 -0.80 -5.42 -10.39
N GLY C 185 -0.53 -6.56 -11.00
CA GLY C 185 -1.36 -7.04 -12.13
C GLY C 185 -0.83 -6.54 -13.47
N GLU C 186 0.28 -5.81 -13.44
CA GLU C 186 0.98 -5.31 -14.63
C GLU C 186 2.37 -5.87 -14.70
N GLU C 187 2.68 -6.55 -15.80
CA GLU C 187 4.07 -6.85 -16.14
C GLU C 187 4.84 -7.67 -15.08
N GLY C 188 4.11 -8.40 -14.23
CA GLY C 188 4.74 -9.18 -13.17
C GLY C 188 5.11 -8.37 -11.93
N GLU C 189 4.78 -7.08 -11.93
CA GLU C 189 5.16 -6.18 -10.83
C GLU C 189 4.59 -6.65 -9.48
N MET C 190 5.43 -6.60 -8.45
CA MET C 190 5.02 -6.95 -7.09
C MET C 190 5.77 -6.08 -6.10
N GLU C 191 5.06 -5.63 -5.06
CA GLU C 191 5.63 -4.80 -4.00
C GLU C 191 5.43 -5.58 -2.71
N LEU C 192 6.53 -5.77 -1.98
CA LEU C 192 6.47 -6.59 -0.76
C LEU C 192 6.97 -5.76 0.42
N PHE C 193 6.30 -5.93 1.56
CA PHE C 193 6.71 -5.36 2.84
C PHE C 193 7.15 -6.54 3.69
N VAL C 194 8.41 -6.53 4.13
CA VAL C 194 9.01 -7.72 4.73
C VAL C 194 9.83 -7.39 5.99
N SER C 195 9.71 -8.24 7.00
CA SER C 195 10.59 -8.16 8.18
C SER C 195 11.88 -8.95 7.80
N THR C 196 12.83 -8.28 7.13
CA THR C 196 14.07 -8.94 6.71
C THR C 196 15.28 -8.03 6.84
N GLN C 197 16.44 -8.65 7.11
CA GLN C 197 17.74 -7.96 7.12
C GLN C 197 18.32 -7.98 5.68
N ASN C 198 17.63 -8.64 4.74
CA ASN C 198 18.18 -8.88 3.42
C ASN C 198 17.15 -8.66 2.30
N ALA C 199 16.84 -7.38 2.06
CA ALA C 199 15.91 -7.00 0.99
C ALA C 199 16.42 -7.47 -0.40
N MET C 200 17.72 -7.37 -0.63
CA MET C 200 18.29 -7.82 -1.92
C MET C 200 18.02 -9.30 -2.24
N LYS C 201 18.31 -10.20 -1.31
CA LYS C 201 18.07 -11.63 -1.57
C LYS C 201 16.58 -11.91 -1.60
N THR C 202 15.81 -11.23 -0.76
CA THR C 202 14.35 -11.36 -0.81
C THR C 202 13.88 -11.05 -2.24
N GLN C 203 14.34 -9.92 -2.78
CA GLN C 203 13.95 -9.47 -4.12
C GLN C 203 14.35 -10.51 -5.19
N SER C 204 15.60 -10.98 -5.12
CA SER C 204 16.13 -11.94 -6.09
C SER C 204 15.41 -13.29 -6.03
N PHE C 205 15.16 -13.77 -4.81
CA PHE C 205 14.57 -15.09 -4.61
C PHE C 205 13.11 -15.07 -5.07
N VAL C 206 12.39 -14.00 -4.74
CA VAL C 206 11.03 -13.86 -5.27
C VAL C 206 11.02 -13.83 -6.82
N ALA C 207 11.90 -13.02 -7.41
CA ALA C 207 11.95 -12.88 -8.86
C ALA C 207 12.25 -14.25 -9.51
N LYS C 208 13.21 -14.95 -8.94
CA LYS C 208 13.60 -16.29 -9.43
C LYS C 208 12.45 -17.30 -9.39
N MET C 209 11.67 -17.31 -8.29
CA MET C 209 10.56 -18.24 -8.17
C MET C 209 9.46 -17.93 -9.21
N LEU C 210 9.14 -16.64 -9.35
CA LEU C 210 8.15 -16.16 -10.33
C LEU C 210 8.58 -16.30 -11.80
N GLY C 211 9.89 -16.36 -12.01
CA GLY C 211 10.48 -16.31 -13.36
C GLY C 211 10.37 -14.96 -14.05
N VAL C 212 10.41 -13.86 -13.26
CA VAL C 212 10.41 -12.49 -13.82
C VAL C 212 11.74 -11.76 -13.54
N PRO C 213 12.05 -10.70 -14.32
CA PRO C 213 13.29 -9.95 -14.04
C PRO C 213 13.25 -9.32 -12.64
N VAL C 214 14.43 -9.15 -12.05
CA VAL C 214 14.53 -8.55 -10.71
C VAL C 214 13.90 -7.13 -10.63
N ASN C 215 13.97 -6.36 -11.70
CA ASN C 215 13.44 -4.99 -11.71
C ASN C 215 11.91 -4.88 -11.54
N ARG C 216 11.21 -6.02 -11.58
CA ARG C 216 9.77 -6.04 -11.39
C ARG C 216 9.38 -6.08 -9.90
N ILE C 217 10.35 -6.36 -9.04
CA ILE C 217 10.05 -6.66 -7.64
C ILE C 217 10.60 -5.56 -6.76
N LEU C 218 9.72 -4.99 -5.94
CA LEU C 218 10.12 -3.93 -5.01
C LEU C 218 9.97 -4.48 -3.61
N VAL C 219 11.05 -4.44 -2.82
CA VAL C 219 11.02 -4.89 -1.42
C VAL C 219 11.27 -3.70 -0.49
N ARG C 220 10.39 -3.54 0.49
CA ARG C 220 10.42 -2.41 1.45
C ARG C 220 10.50 -2.92 2.87
N VAL C 221 11.42 -2.33 3.64
CA VAL C 221 11.63 -2.68 5.05
C VAL C 221 11.69 -1.40 5.88
N LYS C 222 10.64 -1.21 6.66
CA LYS C 222 10.59 -0.07 7.57
C LYS C 222 11.40 -0.39 8.83
N ARG C 223 11.03 -1.48 9.49
CA ARG C 223 11.76 -1.94 10.67
C ARG C 223 11.42 -3.40 10.95
N MET C 224 12.28 -4.04 11.74
CA MET C 224 12.04 -5.37 12.32
C MET C 224 11.94 -5.31 13.85
N GLY C 225 11.06 -6.11 14.44
CA GLY C 225 11.09 -6.33 15.87
C GLY C 225 12.14 -7.38 16.22
N GLY C 226 13.40 -7.08 15.93
CA GLY C 226 14.52 -8.00 16.16
C GLY C 226 14.79 -8.84 14.92
N GLY C 227 16.08 -9.15 14.70
CA GLY C 227 16.55 -10.04 13.63
C GLY C 227 17.61 -11.01 14.15
N PHE C 228 18.68 -10.47 14.73
CA PHE C 228 19.78 -11.23 15.36
C PHE C 228 20.45 -12.24 14.39
N GLY C 229 20.30 -12.01 13.09
CA GLY C 229 20.88 -12.91 12.08
C GLY C 229 19.86 -13.89 11.51
N GLY C 230 18.79 -14.14 12.27
CA GLY C 230 17.76 -15.08 11.83
C GLY C 230 16.91 -14.58 10.66
N LYS C 231 17.05 -13.29 10.32
CA LYS C 231 16.34 -12.71 9.18
C LYS C 231 17.32 -12.28 8.07
N GLU C 232 18.53 -12.83 8.11
CA GLU C 232 19.54 -12.52 7.10
C GLU C 232 19.26 -13.31 5.83
N THR C 233 18.78 -14.55 5.98
CA THR C 233 18.43 -15.35 4.80
C THR C 233 17.11 -16.10 4.93
N ARG C 234 16.79 -16.56 6.14
CA ARG C 234 15.67 -17.52 6.31
C ARG C 234 14.30 -16.89 6.16
N SER C 235 14.27 -15.55 6.16
CA SER C 235 13.01 -14.83 5.95
C SER C 235 12.41 -15.17 4.59
N THR C 236 13.24 -15.63 3.65
CA THR C 236 12.74 -15.93 2.28
C THR C 236 11.83 -17.16 2.25
N LEU C 237 11.97 -18.01 3.27
CA LEU C 237 11.05 -19.16 3.41
C LEU C 237 9.59 -18.71 3.39
N VAL C 238 9.28 -17.65 4.14
CA VAL C 238 7.93 -17.05 4.15
C VAL C 238 7.71 -16.14 2.92
N SER C 239 8.67 -15.25 2.62
CA SER C 239 8.48 -14.25 1.55
C SER C 239 8.13 -14.89 0.20
N VAL C 240 8.85 -15.97 -0.13
CA VAL C 240 8.69 -16.56 -1.46
C VAL C 240 7.31 -17.28 -1.53
N ALA C 241 6.94 -17.98 -0.46
CA ALA C 241 5.60 -18.60 -0.35
C ALA C 241 4.46 -17.58 -0.51
N VAL C 242 4.53 -16.49 0.24
CA VAL C 242 3.53 -15.43 0.14
C VAL C 242 3.53 -14.81 -1.27
N ALA C 243 4.71 -14.56 -1.83
CA ALA C 243 4.77 -14.03 -3.21
C ALA C 243 4.04 -14.98 -4.17
N LEU C 244 4.20 -16.29 -3.96
CA LEU C 244 3.54 -17.23 -4.88
C LEU C 244 2.03 -17.15 -4.75
N ALA C 245 1.54 -17.06 -3.50
CA ALA C 245 0.10 -16.91 -3.24
C ALA C 245 -0.45 -15.66 -3.92
N ALA C 246 0.30 -14.56 -3.82
CA ALA C 246 -0.09 -13.28 -4.44
C ALA C 246 -0.19 -13.43 -5.96
N TYR C 247 0.83 -14.06 -6.54
CA TYR C 247 0.88 -14.28 -7.98
C TYR C 247 -0.32 -15.12 -8.43
N LYS C 248 -0.56 -16.21 -7.71
CA LYS C 248 -1.57 -17.20 -8.11
C LYS C 248 -2.98 -16.64 -7.99
N THR C 249 -3.25 -15.93 -6.89
CA THR C 249 -4.61 -15.44 -6.61
C THR C 249 -4.90 -14.08 -7.26
N GLY C 250 -3.85 -13.28 -7.49
CA GLY C 250 -4.00 -11.89 -7.93
C GLY C 250 -4.43 -10.96 -6.80
N HIS C 251 -4.54 -11.49 -5.58
CA HIS C 251 -4.87 -10.68 -4.40
C HIS C 251 -3.60 -10.36 -3.59
N PRO C 252 -3.61 -9.26 -2.83
CA PRO C 252 -2.59 -9.16 -1.78
C PRO C 252 -2.69 -10.36 -0.81
N VAL C 253 -1.55 -10.78 -0.26
CA VAL C 253 -1.50 -11.89 0.67
C VAL C 253 -0.47 -11.58 1.76
N ARG C 254 -0.73 -12.02 2.97
CA ARG C 254 0.26 -11.91 4.03
C ARG C 254 0.37 -13.15 4.88
N CYS C 255 1.49 -13.25 5.57
CA CYS C 255 1.70 -14.32 6.55
C CYS C 255 2.60 -13.79 7.66
N MET C 256 2.17 -13.96 8.90
CA MET C 256 3.09 -13.83 10.07
C MET C 256 3.15 -15.18 10.82
N LEU C 257 4.35 -15.66 11.12
CA LEU C 257 4.47 -16.97 11.76
C LEU C 257 4.05 -16.92 13.21
N ASP C 258 3.36 -17.97 13.67
CA ASP C 258 3.24 -18.16 15.11
C ASP C 258 4.62 -18.62 15.65
N ARG C 259 4.86 -18.36 16.92
CA ARG C 259 6.14 -18.75 17.57
C ARG C 259 6.53 -20.19 17.29
N ASN C 260 5.58 -21.13 17.44
CA ASN C 260 5.90 -22.56 17.28
C ASN C 260 6.36 -22.91 15.87
N GLU C 261 5.76 -22.24 14.86
CA GLU C 261 6.16 -22.40 13.46
C GLU C 261 7.56 -21.87 13.25
N ASP C 262 7.79 -20.66 13.78
CA ASP C 262 9.04 -19.96 13.61
C ASP C 262 10.20 -20.78 14.19
N MET C 263 10.04 -21.25 15.43
CA MET C 263 11.08 -22.05 16.09
C MET C 263 11.36 -23.36 15.35
N LEU C 264 10.32 -23.97 14.78
CA LEU C 264 10.51 -25.23 14.05
C LEU C 264 11.16 -25.05 12.68
N ILE C 265 10.76 -24.03 11.95
CA ILE C 265 11.04 -23.95 10.51
C ILE C 265 12.32 -23.18 10.16
N THR C 266 12.58 -22.09 10.87
CA THR C 266 13.49 -21.06 10.37
C THR C 266 14.97 -21.20 10.72
N GLY C 267 15.34 -22.20 11.52
CA GLY C 267 16.77 -22.41 11.82
C GLY C 267 17.23 -21.55 13.00
N GLY C 268 18.37 -21.95 13.57
CA GLY C 268 18.93 -21.29 14.75
C GLY C 268 20.46 -21.23 14.62
N ARG C 269 21.10 -20.96 15.75
CA ARG C 269 22.56 -21.03 15.85
C ARG C 269 23.02 -22.49 15.62
N HIS C 270 24.21 -22.66 15.05
CA HIS C 270 24.79 -23.99 14.85
C HIS C 270 25.31 -24.58 16.17
N PRO C 271 24.81 -25.77 16.56
CA PRO C 271 25.50 -26.57 17.58
C PRO C 271 26.91 -26.88 17.08
N PHE C 272 27.88 -26.98 17.99
CA PHE C 272 29.27 -27.33 17.62
C PHE C 272 29.74 -28.48 18.49
N LEU C 273 30.50 -29.41 17.91
CA LEU C 273 31.24 -30.41 18.66
C LEU C 273 32.71 -30.14 18.34
N ALA C 274 33.55 -30.18 19.36
CA ALA C 274 34.99 -29.98 19.19
C ALA C 274 35.75 -31.15 19.80
N ARG C 275 36.77 -31.64 19.09
CA ARG C 275 37.76 -32.53 19.69
C ARG C 275 39.07 -31.74 19.71
N TYR C 276 39.72 -31.64 20.87
CA TYR C 276 40.87 -30.74 21.02
C TYR C 276 42.02 -31.37 21.79
N LYS C 277 43.22 -30.84 21.54
CA LYS C 277 44.43 -31.28 22.23
C LYS C 277 45.30 -30.05 22.39
N VAL C 278 45.69 -29.77 23.63
CA VAL C 278 46.57 -28.62 23.91
C VAL C 278 47.82 -29.07 24.63
N GLY C 279 48.96 -28.49 24.22
CA GLY C 279 50.26 -28.74 24.85
C GLY C 279 50.75 -27.45 25.47
N PHE C 280 51.23 -27.54 26.71
CA PHE C 280 51.55 -26.32 27.47
C PHE C 280 52.69 -26.59 28.45
N MET C 281 53.34 -25.52 28.89
CA MET C 281 54.42 -25.63 29.87
C MET C 281 53.88 -25.64 31.31
N LYS C 282 54.74 -25.98 32.27
CA LYS C 282 54.30 -26.01 33.67
C LYS C 282 53.93 -24.60 34.18
N THR C 283 54.38 -23.58 33.46
CA THR C 283 54.03 -22.17 33.72
C THR C 283 52.63 -21.81 33.20
N GLY C 284 52.07 -22.67 32.36
CA GLY C 284 50.77 -22.37 31.74
C GLY C 284 50.87 -21.77 30.34
N THR C 285 52.09 -21.53 29.86
CA THR C 285 52.29 -21.01 28.51
C THR C 285 51.91 -22.07 27.46
N ILE C 286 51.10 -21.67 26.49
CA ILE C 286 50.65 -22.59 25.42
C ILE C 286 51.74 -22.75 24.35
N VAL C 287 52.03 -23.99 23.97
CA VAL C 287 52.98 -24.27 22.88
C VAL C 287 52.40 -25.00 21.66
N ALA C 288 51.24 -25.64 21.81
CA ALA C 288 50.62 -26.34 20.68
C ALA C 288 49.13 -26.52 20.88
N LEU C 289 48.39 -26.37 19.81
CA LEU C 289 46.93 -26.56 19.89
C LEU C 289 46.41 -27.21 18.62
N GLU C 290 45.61 -28.26 18.76
CA GLU C 290 44.91 -28.86 17.64
C GLU C 290 43.42 -28.93 18.01
N VAL C 291 42.56 -28.40 17.13
CA VAL C 291 41.10 -28.45 17.36
C VAL C 291 40.39 -28.83 16.07
N ASP C 292 39.57 -29.87 16.15
CA ASP C 292 38.70 -30.25 15.03
C ASP C 292 37.29 -29.84 15.43
N HIS C 293 36.70 -28.94 14.64
CA HIS C 293 35.36 -28.40 14.86
C HIS C 293 34.42 -29.12 13.91
N TYR C 294 33.21 -29.41 14.41
CA TYR C 294 32.11 -29.93 13.58
C TYR C 294 30.86 -29.12 13.91
N SER C 295 30.18 -28.58 12.90
CA SER C 295 28.92 -27.87 13.16
C SER C 295 27.74 -28.68 12.67
N ASN C 296 26.60 -28.54 13.34
CA ASN C 296 25.39 -29.18 12.85
C ASN C 296 24.67 -28.20 11.95
N ALA C 297 24.82 -28.40 10.65
CA ALA C 297 24.37 -27.46 9.61
C ALA C 297 22.91 -27.63 9.20
N GLY C 298 22.35 -28.81 9.45
CA GLY C 298 20.96 -29.04 9.02
C GLY C 298 20.87 -29.37 7.54
N ASN C 299 19.69 -29.15 6.96
CA ASN C 299 19.36 -29.74 5.67
C ASN C 299 19.61 -28.87 4.41
N SER C 300 20.35 -27.77 4.56
CA SER C 300 20.93 -27.08 3.40
C SER C 300 22.20 -26.35 3.83
N ARG C 301 22.95 -25.83 2.87
CA ARG C 301 24.19 -25.17 3.19
C ARG C 301 23.92 -23.82 3.88
N ASP C 302 23.08 -22.97 3.27
CA ASP C 302 22.84 -21.60 3.79
C ASP C 302 24.20 -20.95 4.13
N LEU C 303 24.34 -20.32 5.30
CA LEU C 303 25.58 -19.59 5.67
C LEU C 303 26.60 -20.44 6.45
N SER C 304 26.40 -21.77 6.46
CA SER C 304 27.20 -22.69 7.27
C SER C 304 28.71 -22.59 6.99
N HIS C 305 29.09 -22.48 5.72
CA HIS C 305 30.52 -22.43 5.41
C HIS C 305 31.17 -21.19 6.00
N SER C 306 30.56 -20.02 5.77
CA SER C 306 31.14 -18.77 6.32
C SER C 306 31.15 -18.72 7.85
N ILE C 307 30.15 -19.36 8.44
CA ILE C 307 30.09 -19.47 9.89
C ILE C 307 31.31 -20.26 10.40
N MET C 308 31.64 -21.37 9.71
CA MET C 308 32.81 -22.17 10.12
C MET C 308 34.15 -21.41 9.91
N GLU C 309 34.22 -20.63 8.82
CA GLU C 309 35.39 -19.78 8.55
C GLU C 309 35.60 -18.82 9.72
N ARG C 310 34.51 -18.15 10.13
CA ARG C 310 34.60 -17.25 11.30
C ARG C 310 35.01 -17.98 12.59
N ALA C 311 34.45 -19.17 12.80
CA ALA C 311 34.87 -20.00 13.95
C ALA C 311 36.39 -20.21 13.90
N LEU C 312 36.91 -20.66 12.74
CA LEU C 312 38.35 -20.91 12.60
C LEU C 312 39.17 -19.63 12.83
N PHE C 313 38.65 -18.48 12.38
CA PHE C 313 39.34 -17.20 12.64
C PHE C 313 39.38 -16.78 14.14
N HIS C 314 38.56 -17.42 14.98
CA HIS C 314 38.48 -16.99 16.37
C HIS C 314 38.88 -18.09 17.37
N MET C 315 39.45 -19.19 16.89
CA MET C 315 39.90 -20.28 17.78
C MET C 315 41.05 -19.90 18.74
N ASP C 316 41.69 -18.76 18.47
CA ASP C 316 42.78 -18.18 19.29
C ASP C 316 42.28 -17.32 20.46
N ASN C 317 41.02 -16.91 20.41
CA ASN C 317 40.53 -15.78 21.19
C ASN C 317 41.61 -14.68 21.25
N CYS C 318 42.15 -14.42 22.45
CA CYS C 318 43.11 -13.34 22.64
C CYS C 318 44.51 -13.84 22.97
N TYR C 319 44.80 -15.08 22.56
CA TYR C 319 46.00 -15.80 22.99
C TYR C 319 46.95 -16.14 21.87
N LYS C 320 48.24 -15.91 22.12
CA LYS C 320 49.26 -16.20 21.15
C LYS C 320 49.66 -17.67 21.27
N ILE C 321 49.54 -18.40 20.15
CA ILE C 321 49.79 -19.85 20.09
C ILE C 321 50.72 -20.13 18.89
N PRO C 322 52.00 -20.43 19.16
CA PRO C 322 52.95 -20.53 18.04
C PRO C 322 52.73 -21.70 17.09
N ASN C 323 52.18 -22.81 17.59
CA ASN C 323 51.95 -23.99 16.77
C ASN C 323 50.50 -24.38 16.89
N ILE C 324 49.79 -24.32 15.76
CA ILE C 324 48.33 -24.38 15.83
C ILE C 324 47.72 -25.00 14.58
N ARG C 325 46.71 -25.82 14.77
CA ARG C 325 45.96 -26.37 13.64
C ARG C 325 44.50 -26.46 14.02
N GLY C 326 43.67 -25.74 13.26
CA GLY C 326 42.23 -25.79 13.42
C GLY C 326 41.59 -26.29 12.14
N THR C 327 40.65 -27.20 12.26
CA THR C 327 39.87 -27.67 11.11
C THR C 327 38.38 -27.58 11.42
N GLY C 328 37.60 -27.59 10.34
CA GLY C 328 36.15 -27.53 10.47
C GLY C 328 35.44 -28.35 9.43
N ARG C 329 34.36 -29.01 9.85
CA ARG C 329 33.54 -29.75 8.92
C ARG C 329 32.08 -29.38 9.17
N LEU C 330 31.31 -29.27 8.09
CA LEU C 330 29.88 -28.95 8.18
C LEU C 330 29.08 -30.22 8.08
N CYS C 331 28.37 -30.59 9.16
CA CYS C 331 27.57 -31.81 9.16
C CYS C 331 26.23 -31.61 8.46
N LYS C 332 25.94 -32.52 7.53
CA LYS C 332 24.70 -32.52 6.75
C LYS C 332 23.67 -33.45 7.44
N THR C 333 22.59 -32.85 7.95
CA THR C 333 21.65 -33.59 8.81
C THR C 333 20.19 -33.23 8.50
N ASN C 334 19.30 -34.11 8.94
CA ASN C 334 17.86 -33.98 8.73
C ASN C 334 17.20 -33.13 9.83
N LEU C 335 17.66 -31.89 9.88
CA LEU C 335 17.17 -30.89 10.80
C LEU C 335 17.03 -29.60 10.01
N SER C 336 16.14 -28.71 10.44
CA SER C 336 15.99 -27.42 9.76
C SER C 336 17.37 -26.76 9.60
N SER C 337 17.58 -26.15 8.45
CA SER C 337 18.89 -25.56 8.13
C SER C 337 19.23 -24.48 9.14
N ASN C 338 20.40 -24.60 9.76
CA ASN C 338 20.86 -23.56 10.71
C ASN C 338 21.50 -22.39 9.97
N THR C 339 21.60 -21.24 10.63
CA THR C 339 21.85 -20.01 9.90
C THR C 339 22.70 -19.01 10.73
N ALA C 340 22.74 -17.76 10.29
CA ALA C 340 23.38 -16.67 11.04
C ALA C 340 22.69 -16.45 12.39
N PHE C 341 23.49 -16.25 13.43
CA PHE C 341 22.98 -15.81 14.73
C PHE C 341 24.10 -14.97 15.33
N ARG C 342 23.75 -13.75 15.76
CA ARG C 342 24.66 -12.79 16.40
C ARG C 342 25.95 -13.42 16.92
N GLY C 343 27.08 -13.10 16.25
CA GLY C 343 28.39 -13.71 16.54
C GLY C 343 28.89 -14.67 15.45
N PHE C 344 27.96 -15.37 14.80
CA PHE C 344 28.23 -16.01 13.51
C PHE C 344 29.41 -17.00 13.54
N GLY C 345 29.36 -17.98 14.46
CA GLY C 345 30.44 -19.00 14.59
C GLY C 345 31.51 -18.59 15.58
N GLY C 346 31.63 -17.28 15.80
CA GLY C 346 32.60 -16.73 16.76
C GLY C 346 32.44 -17.24 18.18
N PRO C 347 31.23 -17.06 18.79
CA PRO C 347 30.97 -17.53 20.17
C PRO C 347 31.29 -19.01 20.38
N GLN C 348 30.95 -19.87 19.42
CA GLN C 348 31.28 -21.31 19.54
C GLN C 348 32.80 -21.55 19.63
N ALA C 349 33.58 -20.92 18.75
CA ALA C 349 35.03 -21.13 18.68
C ALA C 349 35.68 -20.54 19.94
N LEU C 350 35.20 -19.36 20.34
CA LEU C 350 35.70 -18.69 21.53
C LEU C 350 35.41 -19.49 22.80
N PHE C 351 34.24 -20.10 22.86
CA PHE C 351 33.85 -20.98 23.98
C PHE C 351 34.81 -22.17 24.09
N ILE C 352 35.12 -22.76 22.93
CA ILE C 352 36.02 -23.91 22.87
C ILE C 352 37.42 -23.48 23.35
N ALA C 353 37.89 -22.33 22.88
CA ALA C 353 39.17 -21.77 23.33
C ALA C 353 39.23 -21.60 24.84
N GLU C 354 38.22 -20.93 25.41
CA GLU C 354 38.20 -20.67 26.87
C GLU C 354 38.07 -21.94 27.71
N ASN C 355 37.42 -22.96 27.15
CA ASN C 355 37.34 -24.25 27.83
C ASN C 355 38.72 -24.91 28.03
N TRP C 356 39.51 -25.12 26.96
CA TRP C 356 40.87 -25.66 27.17
C TRP C 356 41.78 -24.72 27.95
N MET C 357 41.62 -23.40 27.80
CA MET C 357 42.39 -22.46 28.62
C MET C 357 42.06 -22.65 30.10
N SER C 358 40.79 -22.87 30.42
CA SER C 358 40.38 -23.13 31.81
C SER C 358 41.08 -24.39 32.35
N GLU C 359 41.20 -25.41 31.49
CA GLU C 359 41.84 -26.69 31.86
C GLU C 359 43.38 -26.57 32.00
N VAL C 360 44.00 -25.75 31.16
CA VAL C 360 45.42 -25.41 31.35
C VAL C 360 45.69 -24.87 32.75
N ALA C 361 44.88 -23.90 33.18
CA ALA C 361 45.06 -23.30 34.50
C ALA C 361 44.91 -24.34 35.60
N VAL C 362 43.85 -25.15 35.51
CA VAL C 362 43.62 -26.19 36.53
C VAL C 362 44.78 -27.18 36.57
N THR C 363 45.22 -27.62 35.41
CA THR C 363 46.28 -28.64 35.32
C THR C 363 47.57 -28.11 35.94
N CYS C 364 47.86 -26.83 35.71
CA CYS C 364 49.09 -26.21 36.19
C CYS C 364 48.99 -25.82 37.67
N GLY C 365 47.78 -25.85 38.20
CA GLY C 365 47.49 -25.41 39.55
C GLY C 365 47.77 -23.93 39.75
N LEU C 366 47.50 -23.13 38.72
CA LEU C 366 47.75 -21.69 38.78
C LEU C 366 46.45 -20.89 38.64
N PRO C 367 46.42 -19.65 39.16
CA PRO C 367 45.21 -18.83 39.04
C PRO C 367 44.89 -18.55 37.58
N ALA C 368 43.60 -18.66 37.25
CA ALA C 368 43.18 -18.57 35.86
C ALA C 368 43.56 -17.23 35.22
N GLU C 369 43.38 -16.12 35.94
CA GLU C 369 43.69 -14.79 35.37
C GLU C 369 45.16 -14.67 34.99
N GLU C 370 46.04 -15.28 35.80
CA GLU C 370 47.49 -15.27 35.56
C GLU C 370 47.83 -15.98 34.26
N VAL C 371 47.18 -17.11 34.04
CA VAL C 371 47.44 -17.95 32.89
C VAL C 371 46.91 -17.27 31.62
N ARG C 372 45.75 -16.62 31.73
CA ARG C 372 45.19 -15.89 30.58
C ARG C 372 46.09 -14.72 30.21
N TRP C 373 46.44 -13.89 31.20
CA TRP C 373 47.33 -12.76 30.99
C TRP C 373 48.66 -13.18 30.33
N LYS C 374 49.30 -14.22 30.86
CA LYS C 374 50.59 -14.74 30.36
C LYS C 374 50.60 -15.06 28.89
N ASN C 375 49.46 -15.57 28.42
CA ASN C 375 49.29 -16.08 27.06
C ASN C 375 48.71 -15.05 26.09
N MET C 376 48.38 -13.87 26.60
CA MET C 376 47.76 -12.85 25.77
C MET C 376 48.67 -12.34 24.64
N TYR C 377 48.08 -12.05 23.49
CA TYR C 377 48.77 -11.34 22.42
C TYR C 377 49.32 -10.02 22.95
N LYS C 378 50.33 -9.49 22.27
CA LYS C 378 50.81 -8.12 22.51
C LYS C 378 50.53 -7.28 21.26
N GLU C 379 50.50 -5.96 21.44
CA GLU C 379 50.43 -5.02 20.31
C GLU C 379 51.39 -5.41 19.17
N GLY C 380 50.87 -5.51 17.94
CA GLY C 380 51.70 -5.81 16.80
C GLY C 380 51.91 -7.28 16.46
N ASP C 381 51.50 -8.18 17.35
CA ASP C 381 51.57 -9.64 17.07
C ASP C 381 50.71 -10.01 15.86
N LEU C 382 51.06 -11.11 15.20
CA LEU C 382 50.23 -11.73 14.16
C LEU C 382 49.34 -12.82 14.76
N THR C 383 48.08 -12.86 14.34
CA THR C 383 47.20 -13.98 14.66
C THR C 383 47.65 -15.26 13.93
N HIS C 384 46.94 -16.36 14.18
CA HIS C 384 47.23 -17.63 13.54
C HIS C 384 46.98 -17.60 12.03
N PHE C 385 46.17 -16.64 11.60
CA PHE C 385 45.95 -16.39 10.18
C PHE C 385 46.77 -15.21 9.67
N ASN C 386 47.80 -14.84 10.44
CA ASN C 386 48.84 -13.90 10.00
C ASN C 386 48.38 -12.44 9.80
N GLN C 387 47.29 -12.05 10.44
CA GLN C 387 46.92 -10.64 10.46
C GLN C 387 47.52 -9.95 11.69
N ARG C 388 48.08 -8.78 11.46
CA ARG C 388 48.65 -7.95 12.52
C ARG C 388 47.60 -7.31 13.43
N LEU C 389 47.84 -7.42 14.73
CA LEU C 389 46.95 -6.81 15.73
C LEU C 389 47.36 -5.37 16.06
N GLU C 390 46.78 -4.42 15.31
CA GLU C 390 47.10 -3.00 15.46
C GLU C 390 46.06 -2.33 16.34
N GLY C 391 46.49 -1.67 17.40
CA GLY C 391 45.54 -1.08 18.36
C GLY C 391 44.91 -2.14 19.24
N PHE C 392 45.74 -3.01 19.80
CA PHE C 392 45.27 -4.15 20.59
C PHE C 392 44.99 -3.71 22.04
N SER C 393 43.71 -3.48 22.36
CA SER C 393 43.36 -2.80 23.62
C SER C 393 42.94 -3.75 24.75
N VAL C 394 42.97 -5.06 24.49
CA VAL C 394 42.61 -6.04 25.53
C VAL C 394 43.38 -5.81 26.86
N PRO C 395 44.72 -5.62 26.80
CA PRO C 395 45.41 -5.35 28.08
C PRO C 395 44.83 -4.17 28.89
N ARG C 396 44.47 -3.06 28.23
CA ARG C 396 43.79 -1.92 28.88
C ARG C 396 42.41 -2.29 29.45
N CYS C 397 41.56 -2.92 28.63
CA CYS C 397 40.28 -3.43 29.12
C CYS C 397 40.43 -4.37 30.32
N TRP C 398 41.44 -5.23 30.28
CA TRP C 398 41.72 -6.22 31.32
C TRP C 398 42.08 -5.54 32.64
N ASP C 399 43.09 -4.68 32.59
CA ASP C 399 43.52 -3.89 33.74
C ASP C 399 42.40 -3.04 34.34
N GLU C 400 41.64 -2.34 33.50
CA GLU C 400 40.54 -1.54 34.02
C GLU C 400 39.40 -2.38 34.60
N CYS C 401 39.10 -3.52 33.98
CA CYS C 401 38.06 -4.40 34.51
C CYS C 401 38.47 -5.02 35.86
N LEU C 402 39.71 -5.48 35.94
CA LEU C 402 40.27 -6.00 37.21
C LEU C 402 40.12 -5.01 38.35
N LYS C 403 40.36 -3.73 38.05
CA LYS C 403 40.34 -2.68 39.06
C LYS C 403 38.93 -2.28 39.47
N SER C 404 38.09 -1.99 38.47
CA SER C 404 36.75 -1.50 38.73
C SER C 404 35.81 -2.57 39.28
N SER C 405 36.06 -3.84 38.91
CA SER C 405 35.30 -4.96 39.45
C SER C 405 35.83 -5.41 40.81
N GLN C 406 36.96 -4.86 41.23
CA GLN C 406 37.64 -5.24 42.47
C GLN C 406 37.87 -6.75 42.54
N TYR C 407 38.37 -7.30 41.44
CA TYR C 407 38.50 -8.74 41.24
C TYR C 407 39.20 -9.47 42.39
N TYR C 408 40.37 -8.98 42.79
CA TYR C 408 41.22 -9.73 43.74
C TYR C 408 40.60 -9.79 45.13
N ALA C 409 39.98 -8.69 45.57
CA ALA C 409 39.26 -8.65 46.84
C ALA C 409 38.04 -9.57 46.82
N ARG C 410 37.31 -9.56 45.71
CA ARG C 410 36.12 -10.39 45.59
C ARG C 410 36.46 -11.87 45.50
N LYS C 411 37.63 -12.19 44.94
CA LYS C 411 38.13 -13.57 44.89
C LYS C 411 38.31 -14.15 46.32
N SER C 412 38.88 -13.35 47.22
CA SER C 412 39.02 -13.74 48.63
C SER C 412 37.67 -13.98 49.32
N GLU C 413 36.67 -13.16 48.97
CA GLU C 413 35.34 -13.28 49.54
C GLU C 413 34.67 -14.55 49.04
N VAL C 414 34.90 -14.88 47.77
CA VAL C 414 34.43 -16.13 47.18
C VAL C 414 35.04 -17.32 47.91
N ASP C 415 36.37 -17.30 48.10
CA ASP C 415 37.04 -18.35 48.87
C ASP C 415 36.47 -18.45 50.29
N LYS C 416 36.27 -17.33 50.97
CA LYS C 416 35.67 -17.30 52.31
C LYS C 416 34.27 -17.92 52.31
N PHE C 417 33.44 -17.54 51.34
CA PHE C 417 32.11 -18.12 51.22
C PHE C 417 32.14 -19.64 51.09
N ASN C 418 33.00 -20.14 50.22
CA ASN C 418 33.09 -21.57 49.95
C ASN C 418 33.63 -22.33 51.16
N LYS C 419 34.45 -21.64 51.96
CA LYS C 419 34.98 -22.19 53.21
C LYS C 419 33.86 -22.43 54.23
N GLU C 420 32.87 -21.53 54.21
CA GLU C 420 31.81 -21.49 55.21
C GLU C 420 30.48 -22.15 54.81
N ASN C 421 30.36 -22.57 53.54
CA ASN C 421 29.10 -23.16 53.04
C ASN C 421 29.31 -24.52 52.40
N CYS C 422 28.48 -25.50 52.79
CA CYS C 422 28.62 -26.87 52.32
C CYS C 422 27.83 -27.17 51.06
N TRP C 423 26.62 -26.62 50.97
CA TRP C 423 25.66 -27.02 49.92
C TRP C 423 25.35 -25.90 48.93
N LYS C 424 26.05 -24.78 49.08
CA LYS C 424 26.05 -23.67 48.11
C LYS C 424 27.50 -23.23 47.92
N LYS C 425 27.85 -22.80 46.70
CA LYS C 425 29.22 -22.36 46.40
C LYS C 425 29.20 -21.17 45.44
N ARG C 426 30.18 -20.30 45.57
CA ARG C 426 30.37 -19.18 44.65
C ARG C 426 31.54 -19.39 43.71
N GLY C 427 31.44 -18.73 42.54
CA GLY C 427 32.49 -18.76 41.55
C GLY C 427 32.64 -17.40 40.92
N LEU C 428 33.84 -17.16 40.38
CA LEU C 428 34.19 -15.86 39.85
C LEU C 428 35.18 -16.06 38.71
N CYS C 429 34.92 -15.42 37.57
CA CYS C 429 35.83 -15.54 36.43
C CYS C 429 35.90 -14.24 35.63
N ILE C 430 37.08 -14.00 35.06
CA ILE C 430 37.30 -12.86 34.16
C ILE C 430 37.85 -13.36 32.83
N ILE C 431 37.19 -12.92 31.74
CA ILE C 431 37.36 -13.49 30.40
C ILE C 431 37.51 -12.32 29.42
N PRO C 432 38.50 -12.39 28.47
CA PRO C 432 38.63 -11.38 27.40
C PRO C 432 37.97 -11.85 26.12
N THR C 433 37.85 -10.93 25.15
CA THR C 433 37.42 -11.34 23.82
C THR C 433 37.94 -10.39 22.77
N LYS C 434 38.17 -10.94 21.58
CA LYS C 434 38.41 -10.12 20.38
C LYS C 434 37.48 -10.64 19.29
N PHE C 435 37.00 -9.74 18.43
CA PHE C 435 36.05 -10.10 17.38
C PHE C 435 36.41 -9.37 16.09
N GLY C 436 36.65 -10.13 15.02
CA GLY C 436 37.06 -9.54 13.75
C GLY C 436 35.90 -8.86 13.03
N ILE C 437 36.17 -7.66 12.52
CA ILE C 437 35.14 -6.82 11.92
C ILE C 437 35.28 -6.74 10.41
N SER C 438 34.27 -7.32 9.75
CA SER C 438 34.08 -7.41 8.27
C SER C 438 33.40 -8.72 7.87
N PHE C 439 32.64 -8.70 6.77
CA PHE C 439 32.20 -9.96 6.19
C PHE C 439 33.44 -10.75 5.73
N THR C 440 33.49 -12.04 6.05
CA THR C 440 34.60 -12.87 5.58
C THR C 440 34.54 -13.14 4.07
N VAL C 441 33.41 -12.81 3.44
CA VAL C 441 33.30 -12.78 1.98
C VAL C 441 33.58 -11.35 1.50
N PRO C 442 34.75 -11.11 0.85
CA PRO C 442 35.14 -9.73 0.51
C PRO C 442 34.03 -8.92 -0.18
N PHE C 443 33.35 -9.50 -1.17
CA PHE C 443 32.42 -8.68 -1.97
C PHE C 443 31.22 -8.09 -1.22
N LEU C 444 30.89 -8.63 -0.05
CA LEU C 444 29.77 -8.10 0.72
C LEU C 444 30.12 -6.81 1.47
N ASN C 445 31.42 -6.46 1.48
CA ASN C 445 31.87 -5.27 2.24
C ASN C 445 31.78 -4.05 1.30
N GLN C 446 30.54 -3.72 0.93
CA GLN C 446 30.19 -2.59 0.06
C GLN C 446 28.87 -2.02 0.56
N ALA C 447 28.68 -0.72 0.39
CA ALA C 447 27.49 -0.05 0.93
C ALA C 447 27.10 1.16 0.08
N GLY C 448 25.80 1.32 -0.12
CA GLY C 448 25.24 2.46 -0.86
C GLY C 448 24.35 3.37 -0.03
N ALA C 449 24.29 4.63 -0.45
CA ALA C 449 23.31 5.58 0.04
C ALA C 449 22.76 6.45 -1.08
N LEU C 450 21.62 7.06 -0.80
CA LEU C 450 20.99 8.02 -1.69
C LEU C 450 20.39 9.13 -0.83
N ILE C 451 20.80 10.37 -1.11
CA ILE C 451 20.35 11.52 -0.32
C ILE C 451 19.71 12.54 -1.25
N HIS C 452 18.57 13.09 -0.80
CA HIS C 452 17.88 14.18 -1.49
C HIS C 452 17.73 15.31 -0.49
N VAL C 453 17.98 16.53 -0.95
CA VAL C 453 17.66 17.71 -0.18
C VAL C 453 16.52 18.40 -0.92
N TYR C 454 15.38 18.56 -0.24
CA TYR C 454 14.22 19.20 -0.85
C TYR C 454 14.30 20.71 -0.73
N THR C 455 13.44 21.42 -1.47
CA THR C 455 13.59 22.87 -1.58
C THR C 455 13.25 23.63 -0.29
N ASP C 456 12.72 22.93 0.71
CA ASP C 456 12.52 23.54 2.03
C ASP C 456 13.76 23.35 2.94
N GLY C 457 14.81 22.75 2.39
CA GLY C 457 16.01 22.42 3.15
C GLY C 457 15.95 21.09 3.90
N SER C 458 14.76 20.46 3.96
CA SER C 458 14.70 19.15 4.60
C SER C 458 15.39 18.06 3.78
N VAL C 459 15.99 17.09 4.47
CA VAL C 459 16.82 16.06 3.85
C VAL C 459 16.23 14.67 4.08
N LEU C 460 16.16 13.86 3.00
CA LEU C 460 15.72 12.48 3.12
C LEU C 460 16.93 11.63 2.81
N VAL C 461 17.31 10.78 3.77
CA VAL C 461 18.41 9.83 3.59
C VAL C 461 17.85 8.43 3.39
N SER C 462 18.41 7.72 2.42
CA SER C 462 18.16 6.31 2.18
C SER C 462 19.51 5.61 2.16
N HIS C 463 19.60 4.44 2.80
CA HIS C 463 20.84 3.66 2.74
C HIS C 463 20.47 2.18 2.71
N GLY C 464 21.45 1.33 2.43
CA GLY C 464 21.22 -0.12 2.25
C GLY C 464 20.89 -0.87 3.53
N GLY C 465 21.08 -0.24 4.69
CA GLY C 465 20.94 -0.96 5.95
C GLY C 465 19.51 -0.92 6.46
N THR C 466 19.19 -1.92 7.30
CA THR C 466 17.84 -2.06 7.87
C THR C 466 17.88 -1.87 9.39
N GLU C 467 16.80 -1.29 9.94
CA GLU C 467 16.70 -1.08 11.38
C GLU C 467 16.02 -2.29 12.03
N MET C 468 16.70 -2.90 13.00
CA MET C 468 16.15 -4.05 13.72
C MET C 468 16.18 -3.86 15.24
N GLY C 469 16.35 -2.60 15.66
CA GLY C 469 16.39 -2.18 17.07
C GLY C 469 17.75 -1.70 17.51
N GLN C 470 18.75 -1.91 16.64
CA GLN C 470 20.16 -1.61 16.97
C GLN C 470 20.48 -0.11 16.82
N GLY C 471 19.52 0.66 16.32
CA GLY C 471 19.67 2.10 16.24
C GLY C 471 20.55 2.58 15.09
N LEU C 472 20.52 1.83 13.99
CA LEU C 472 21.28 2.21 12.78
C LEU C 472 20.78 3.53 12.19
N HIS C 473 19.46 3.68 11.99
CA HIS C 473 18.95 4.95 11.42
C HIS C 473 19.29 6.15 12.32
N THR C 474 19.13 5.95 13.62
CA THR C 474 19.57 6.97 14.59
C THR C 474 21.02 7.41 14.33
N LYS C 475 21.94 6.44 14.29
CA LYS C 475 23.35 6.76 14.05
C LYS C 475 23.57 7.41 12.68
N MET C 476 22.82 6.99 11.67
CA MET C 476 23.00 7.57 10.32
C MET C 476 22.53 9.04 10.28
N VAL C 477 21.47 9.33 11.03
CA VAL C 477 20.99 10.70 11.16
C VAL C 477 22.03 11.57 11.90
N GLN C 478 22.63 11.01 12.95
CA GLN C 478 23.68 11.71 13.70
C GLN C 478 24.87 12.01 12.79
N VAL C 479 25.27 11.02 11.98
CA VAL C 479 26.37 11.19 11.00
C VAL C 479 26.05 12.25 9.94
N ALA C 480 24.87 12.16 9.31
CA ALA C 480 24.45 13.15 8.31
C ALA C 480 24.42 14.59 8.86
N SER C 481 23.85 14.76 10.04
CA SER C 481 23.80 16.04 10.73
C SER C 481 25.18 16.61 10.96
N LYS C 482 26.10 15.79 11.49
CA LYS C 482 27.49 16.26 11.68
C LYS C 482 28.15 16.62 10.35
N ALA C 483 28.03 15.73 9.36
CA ALA C 483 28.67 15.95 8.06
C ALA C 483 28.19 17.24 7.38
N LEU C 484 26.86 17.45 7.37
CA LEU C 484 26.25 18.59 6.68
C LEU C 484 26.21 19.88 7.52
N LYS C 485 26.50 19.75 8.81
CA LYS C 485 26.45 20.85 9.78
C LYS C 485 25.06 21.50 9.87
N ILE C 486 24.03 20.66 9.98
CA ILE C 486 22.64 21.09 10.20
C ILE C 486 22.07 20.24 11.34
N PRO C 487 21.00 20.71 12.01
CA PRO C 487 20.40 19.96 13.11
C PRO C 487 19.80 18.62 12.66
N ILE C 488 19.82 17.62 13.55
CA ILE C 488 19.14 16.33 13.27
C ILE C 488 17.67 16.50 12.87
N SER C 489 17.03 17.58 13.36
CA SER C 489 15.62 17.85 13.07
C SER C 489 15.33 18.06 11.56
N LYS C 490 16.35 18.35 10.76
CA LYS C 490 16.21 18.59 9.31
C LYS C 490 16.37 17.30 8.48
N ILE C 491 16.72 16.22 9.15
CA ILE C 491 17.04 14.94 8.45
C ILE C 491 16.03 13.85 8.81
N TYR C 492 15.69 13.00 7.84
CA TYR C 492 14.73 11.92 8.09
C TYR C 492 15.15 10.69 7.30
N ILE C 493 14.94 9.53 7.92
CA ILE C 493 15.06 8.25 7.22
C ILE C 493 13.72 7.54 7.41
N SER C 494 13.08 7.19 6.29
CA SER C 494 11.76 6.59 6.31
C SER C 494 11.83 5.07 6.34
N GLU C 495 12.67 4.48 5.50
CA GLU C 495 12.70 3.00 5.33
C GLU C 495 13.84 2.58 4.42
N THR C 496 13.98 1.28 4.26
CA THR C 496 14.98 0.69 3.35
C THR C 496 14.24 0.08 2.18
N SER C 497 14.70 0.33 0.96
CA SER C 497 13.94 -0.10 -0.21
C SER C 497 14.86 -0.40 -1.40
N THR C 498 14.51 -1.43 -2.17
CA THR C 498 15.37 -1.89 -3.26
C THR C 498 15.37 -0.93 -4.47
N ASN C 499 14.42 0.01 -4.48
CA ASN C 499 14.33 0.99 -5.58
C ASN C 499 15.03 2.32 -5.26
N THR C 500 15.63 2.42 -4.08
CA THR C 500 16.43 3.58 -3.72
C THR C 500 17.91 3.23 -3.69
N VAL C 501 18.23 2.12 -3.00
CA VAL C 501 19.60 1.59 -2.99
C VAL C 501 19.54 0.10 -3.39
N PRO C 502 20.05 -0.24 -4.59
CA PRO C 502 20.02 -1.62 -5.09
C PRO C 502 21.20 -2.44 -4.59
N ASN C 503 21.08 -3.77 -4.67
CA ASN C 503 22.23 -4.66 -4.49
C ASN C 503 22.87 -4.57 -3.13
N SER C 504 22.06 -4.28 -2.10
CA SER C 504 22.65 -4.12 -0.77
C SER C 504 23.06 -5.47 -0.17
N SER C 505 24.17 -5.52 0.59
CA SER C 505 24.48 -6.67 1.43
C SER C 505 23.44 -6.83 2.58
N PRO C 506 23.33 -8.02 3.19
CA PRO C 506 22.44 -8.13 4.35
C PRO C 506 22.92 -7.19 5.46
N THR C 507 21.99 -6.72 6.29
CA THR C 507 22.40 -5.93 7.44
C THR C 507 22.97 -6.87 8.50
N ALA C 508 24.29 -7.02 8.50
CA ALA C 508 24.93 -8.10 9.26
C ALA C 508 26.40 -7.79 9.50
N ALA C 509 27.07 -8.70 10.22
CA ALA C 509 28.51 -8.67 10.49
C ALA C 509 28.91 -7.51 11.39
N SER C 510 27.94 -6.84 12.01
CA SER C 510 28.23 -5.69 12.90
C SER C 510 28.81 -4.42 12.21
N VAL C 511 28.85 -4.41 10.89
CA VAL C 511 29.56 -3.35 10.13
C VAL C 511 28.64 -2.27 9.53
N SER C 512 27.34 -2.37 9.77
CA SER C 512 26.41 -1.48 9.09
C SER C 512 26.72 -0.02 9.39
N THR C 513 27.00 0.29 10.65
CA THR C 513 27.35 1.66 11.02
C THR C 513 28.59 2.13 10.25
N ASP C 514 29.62 1.29 10.24
CA ASP C 514 30.86 1.59 9.52
C ASP C 514 30.60 1.88 8.03
N ILE C 515 29.91 0.96 7.34
CA ILE C 515 29.85 1.05 5.88
C ILE C 515 28.77 2.00 5.36
N TYR C 516 27.59 1.95 5.97
CA TYR C 516 26.56 2.92 5.59
C TYR C 516 26.90 4.33 6.11
N GLY C 517 27.62 4.41 7.23
CA GLY C 517 28.09 5.72 7.71
C GLY C 517 29.00 6.36 6.67
N GLN C 518 29.92 5.58 6.11
CA GLN C 518 30.83 6.08 5.07
C GLN C 518 30.07 6.48 3.82
N ALA C 519 29.11 5.64 3.41
CA ALA C 519 28.30 5.93 2.21
C ALA C 519 27.51 7.23 2.41
N VAL C 520 26.86 7.35 3.55
CA VAL C 520 26.10 8.56 3.91
C VAL C 520 27.07 9.77 3.93
N TYR C 521 28.20 9.63 4.63
CA TYR C 521 29.21 10.69 4.66
C TYR C 521 29.61 11.18 3.26
N GLU C 522 29.95 10.24 2.38
CA GLU C 522 30.36 10.60 1.02
C GLU C 522 29.26 11.34 0.26
N ALA C 523 28.02 10.88 0.38
CA ALA C 523 26.91 11.56 -0.27
C ALA C 523 26.79 13.01 0.26
N CYS C 524 26.99 13.15 1.56
CA CYS C 524 26.93 14.45 2.22
C CYS C 524 28.04 15.37 1.68
N GLN C 525 29.23 14.81 1.51
CA GLN C 525 30.36 15.55 0.90
C GLN C 525 30.01 16.12 -0.47
N THR C 526 29.37 15.30 -1.30
CA THR C 526 28.96 15.71 -2.64
C THR C 526 27.98 16.90 -2.57
N ILE C 527 26.96 16.77 -1.70
CA ILE C 527 26.03 17.88 -1.45
C ILE C 527 26.77 19.16 -1.05
N LEU C 528 27.70 19.07 -0.10
CA LEU C 528 28.44 20.25 0.36
C LEU C 528 29.28 20.87 -0.77
N LYS C 529 29.90 20.01 -1.58
CA LYS C 529 30.65 20.44 -2.77
C LYS C 529 29.75 21.27 -3.70
N ARG C 530 28.51 20.81 -3.91
CA ARG C 530 27.59 21.51 -4.81
C ARG C 530 27.05 22.84 -4.25
N LEU C 531 26.92 22.89 -2.92
CA LEU C 531 26.39 24.08 -2.26
C LEU C 531 27.48 25.11 -2.00
N GLU C 532 28.75 24.71 -2.12
CA GLU C 532 29.86 25.59 -1.72
C GLU C 532 29.85 26.97 -2.43
N PRO C 533 29.59 27.03 -3.77
CA PRO C 533 29.54 28.36 -4.41
C PRO C 533 28.48 29.29 -3.81
N PHE C 534 27.39 28.72 -3.32
CA PHE C 534 26.24 29.48 -2.82
C PHE C 534 26.50 29.96 -1.41
N LYS C 535 27.21 29.14 -0.65
CA LYS C 535 27.68 29.49 0.66
C LYS C 535 28.68 30.65 0.53
N LYS C 536 29.62 30.54 -0.41
CA LYS C 536 30.61 31.60 -0.69
C LYS C 536 29.95 32.94 -1.00
N LYS C 537 28.93 32.91 -1.84
CA LYS C 537 28.22 34.13 -2.26
C LYS C 537 27.38 34.73 -1.15
N ASN C 538 26.95 33.89 -0.19
CA ASN C 538 26.06 34.30 0.89
C ASN C 538 26.48 33.67 2.24
N PRO C 539 27.70 34.01 2.73
CA PRO C 539 28.26 33.29 3.89
C PRO C 539 27.46 33.43 5.19
N ASP C 540 26.62 34.47 5.27
CA ASP C 540 25.81 34.69 6.47
C ASP C 540 24.36 34.25 6.30
N GLY C 541 24.02 33.72 5.12
CA GLY C 541 22.69 33.17 4.88
C GLY C 541 22.48 31.85 5.60
N SER C 542 21.25 31.33 5.52
CA SER C 542 20.92 30.04 6.14
C SER C 542 21.08 28.88 5.16
N TRP C 543 21.10 27.67 5.72
CA TRP C 543 21.03 26.45 4.93
C TRP C 543 19.91 26.55 3.89
N GLU C 544 18.73 26.94 4.36
CA GLU C 544 17.56 27.11 3.48
C GLU C 544 17.79 28.04 2.30
N ASP C 545 18.46 29.18 2.57
CA ASP C 545 18.82 30.15 1.54
C ASP C 545 19.74 29.51 0.49
N TRP C 546 20.78 28.80 0.97
CA TRP C 546 21.74 28.12 0.07
C TRP C 546 21.04 27.08 -0.80
N VAL C 547 20.18 26.27 -0.17
CA VAL C 547 19.45 25.22 -0.92
C VAL C 547 18.54 25.82 -2.02
N MET C 548 17.76 26.84 -1.67
CA MET C 548 16.92 27.51 -2.67
C MET C 548 17.71 28.16 -3.82
N ALA C 549 18.85 28.79 -3.50
CA ALA C 549 19.72 29.40 -4.52
C ALA C 549 20.26 28.34 -5.48
N ALA C 550 20.67 27.20 -4.91
CA ALA C 550 21.17 26.09 -5.72
C ALA C 550 20.05 25.58 -6.62
N TYR C 551 18.86 25.36 -6.04
CA TYR C 551 17.72 24.92 -6.83
C TYR C 551 17.46 25.89 -8.01
N GLN C 552 17.40 27.19 -7.74
CA GLN C 552 17.11 28.20 -8.79
C GLN C 552 18.22 28.35 -9.86
N ASP C 553 19.42 27.89 -9.51
CA ASP C 553 20.55 27.86 -10.43
C ASP C 553 20.68 26.51 -11.13
N ARG C 554 19.71 25.63 -10.90
CA ARG C 554 19.63 24.31 -11.52
C ARG C 554 20.89 23.49 -11.23
N VAL C 555 21.24 23.47 -9.94
CA VAL C 555 22.23 22.55 -9.38
C VAL C 555 21.46 21.36 -8.76
N SER C 556 21.86 20.13 -9.06
CA SER C 556 21.14 18.96 -8.53
C SER C 556 21.35 18.82 -7.01
N LEU C 557 20.25 18.61 -6.29
CA LEU C 557 20.32 18.39 -4.85
C LEU C 557 20.09 16.90 -4.48
N SER C 558 20.47 16.01 -5.39
CA SER C 558 20.33 14.57 -5.18
C SER C 558 21.60 13.85 -5.57
N THR C 559 22.07 12.96 -4.69
CA THR C 559 23.27 12.20 -5.02
C THR C 559 23.29 10.83 -4.37
N THR C 560 24.02 9.93 -5.01
CA THR C 560 24.43 8.69 -4.37
C THR C 560 25.71 8.87 -3.57
N GLY C 561 25.95 7.90 -2.68
CA GLY C 561 27.23 7.75 -2.03
C GLY C 561 27.54 6.24 -2.02
N PHE C 562 28.82 5.89 -2.00
CA PHE C 562 29.20 4.47 -1.99
C PHE C 562 30.50 4.28 -1.20
N TYR C 563 30.62 3.14 -0.51
CA TYR C 563 31.85 2.77 0.21
C TYR C 563 32.18 1.29 0.01
N ARG C 564 33.46 0.98 -0.17
CA ARG C 564 33.93 -0.41 -0.17
C ARG C 564 35.14 -0.49 0.74
N THR C 565 35.11 -1.42 1.68
CA THR C 565 36.19 -1.56 2.65
C THR C 565 37.50 -1.91 1.94
N PRO C 566 38.55 -1.12 2.20
CA PRO C 566 39.78 -1.42 1.46
C PRO C 566 40.63 -2.52 2.09
N ASN C 567 41.51 -3.08 1.24
CA ASN C 567 42.60 -3.98 1.67
C ASN C 567 42.17 -5.28 2.33
N LEU C 568 41.04 -5.82 1.89
CA LEU C 568 40.52 -7.09 2.40
C LEU C 568 40.71 -8.20 1.39
N GLY C 569 41.04 -9.39 1.88
CA GLY C 569 41.09 -10.58 1.03
C GLY C 569 42.04 -11.62 1.57
N TYR C 570 41.52 -12.47 2.45
CA TYR C 570 42.31 -13.55 3.03
C TYR C 570 42.34 -14.75 2.09
N SER C 571 43.52 -15.35 1.96
CA SER C 571 43.70 -16.57 1.17
C SER C 571 44.00 -17.76 2.08
N PHE C 572 43.14 -18.79 2.06
CA PHE C 572 43.41 -20.06 2.77
C PHE C 572 44.61 -20.78 2.10
N GLU C 573 44.79 -20.52 0.80
CA GLU C 573 45.93 -21.02 0.04
C GLU C 573 46.97 -19.90 0.01
N THR C 574 47.54 -19.63 1.19
CA THR C 574 48.78 -18.86 1.43
C THR C 574 48.80 -18.51 2.92
N ASN C 575 47.63 -18.59 3.56
CA ASN C 575 47.43 -18.10 4.93
C ASN C 575 47.92 -16.65 5.08
N SER C 576 47.51 -15.79 4.15
CA SER C 576 47.87 -14.38 4.19
C SER C 576 46.76 -13.50 3.58
N GLY C 577 46.88 -12.19 3.80
CA GLY C 577 45.86 -11.22 3.40
C GLY C 577 44.89 -10.97 4.54
N ASN C 578 44.40 -9.73 4.63
CA ASN C 578 43.51 -9.32 5.73
C ASN C 578 42.14 -9.97 5.64
N ALA C 579 41.76 -10.71 6.68
CA ALA C 579 40.39 -11.22 6.77
C ALA C 579 39.48 -10.12 7.28
N PHE C 580 40.00 -9.29 8.17
CA PHE C 580 39.20 -8.23 8.83
C PHE C 580 39.78 -6.84 8.65
N HIS C 581 38.92 -5.82 8.81
CA HIS C 581 39.36 -4.42 8.76
C HIS C 581 40.08 -4.04 10.06
N TYR C 582 39.52 -4.49 11.17
CA TYR C 582 40.07 -4.28 12.53
C TYR C 582 39.32 -5.23 13.47
N PHE C 583 39.63 -5.15 14.75
CA PHE C 583 39.02 -6.01 15.77
C PHE C 583 38.37 -5.18 16.87
N THR C 584 37.23 -5.63 17.40
CA THR C 584 36.60 -5.01 18.58
C THR C 584 36.98 -5.88 19.77
N TYR C 585 37.21 -5.26 20.92
CA TYR C 585 37.75 -5.97 22.07
C TYR C 585 36.94 -5.66 23.31
N GLY C 586 37.00 -6.58 24.27
CA GLY C 586 36.34 -6.36 25.54
C GLY C 586 36.69 -7.43 26.56
N VAL C 587 36.36 -7.11 27.81
CA VAL C 587 36.60 -8.00 28.95
C VAL C 587 35.39 -8.01 29.91
N ALA C 588 35.04 -9.20 30.41
CA ALA C 588 33.97 -9.31 31.40
C ALA C 588 34.36 -10.15 32.60
N CYS C 589 33.94 -9.70 33.78
CA CYS C 589 34.11 -10.47 35.01
C CYS C 589 32.73 -10.73 35.58
N SER C 590 32.44 -12.01 35.87
CA SER C 590 31.15 -12.37 36.49
C SER C 590 31.33 -13.26 37.73
N GLU C 591 30.40 -13.08 38.65
CA GLU C 591 30.33 -13.84 39.90
C GLU C 591 28.94 -14.49 40.01
N VAL C 592 28.91 -15.77 40.43
CA VAL C 592 27.66 -16.53 40.58
C VAL C 592 27.62 -17.27 41.93
N GLU C 593 26.43 -17.64 42.36
CA GLU C 593 26.29 -18.57 43.50
C GLU C 593 25.42 -19.72 43.02
N ILE C 594 25.90 -20.95 43.18
CA ILE C 594 25.11 -22.13 42.78
C ILE C 594 24.50 -22.83 44.01
N ASP C 595 23.32 -23.38 43.80
CA ASP C 595 22.72 -24.25 44.80
C ASP C 595 23.13 -25.67 44.43
N CYS C 596 24.04 -26.25 45.21
CA CYS C 596 24.60 -27.55 44.91
C CYS C 596 23.60 -28.72 44.98
N LEU C 597 22.49 -28.50 45.69
CA LEU C 597 21.46 -29.52 45.84
C LEU C 597 20.39 -29.49 44.73
N THR C 598 20.32 -28.38 43.99
CA THR C 598 19.25 -28.24 42.99
C THR C 598 19.73 -27.91 41.59
N GLY C 599 20.94 -27.35 41.50
CA GLY C 599 21.52 -26.91 40.21
C GLY C 599 21.11 -25.52 39.78
N ASP C 600 20.23 -24.89 40.55
CA ASP C 600 19.85 -23.48 40.33
C ASP C 600 21.03 -22.59 40.69
N HIS C 601 21.01 -21.37 40.16
CA HIS C 601 22.06 -20.41 40.47
C HIS C 601 21.57 -18.96 40.41
N LYS C 602 22.31 -18.09 41.07
CA LYS C 602 22.10 -16.63 41.04
C LYS C 602 23.28 -15.96 40.34
N ASN C 603 22.98 -15.07 39.39
CA ASN C 603 23.99 -14.18 38.83
C ASN C 603 24.16 -12.96 39.75
N LEU C 604 25.27 -12.92 40.48
CA LEU C 604 25.43 -11.91 41.53
C LEU C 604 25.87 -10.56 40.99
N ARG C 605 26.90 -10.57 40.14
CA ARG C 605 27.52 -9.32 39.68
C ARG C 605 28.31 -9.55 38.40
N THR C 606 28.16 -8.63 37.44
CA THR C 606 28.97 -8.64 36.23
C THR C 606 29.50 -7.24 35.97
N ASP C 607 30.78 -7.19 35.62
CA ASP C 607 31.44 -5.95 35.20
C ASP C 607 31.99 -6.15 33.80
N ILE C 608 31.72 -5.20 32.92
CA ILE C 608 32.20 -5.28 31.54
C ILE C 608 32.97 -4.00 31.18
N VAL C 609 34.11 -4.16 30.53
CA VAL C 609 34.80 -3.04 29.86
C VAL C 609 34.94 -3.34 28.37
N MET C 610 34.37 -2.48 27.53
CA MET C 610 34.30 -2.69 26.08
C MET C 610 35.04 -1.57 25.30
N ASP C 611 35.88 -1.96 24.35
CA ASP C 611 36.54 -1.03 23.43
C ASP C 611 35.67 -0.86 22.20
N VAL C 612 34.93 0.24 22.16
CA VAL C 612 34.13 0.56 20.96
C VAL C 612 34.66 1.82 20.26
N GLY C 613 35.96 2.07 20.38
CA GLY C 613 36.55 3.30 19.81
C GLY C 613 35.85 4.52 20.40
N SER C 614 35.71 5.56 19.58
CA SER C 614 34.97 6.74 20.02
C SER C 614 33.50 6.54 19.61
N SER C 615 32.67 6.18 20.59
CA SER C 615 31.26 5.88 20.33
C SER C 615 30.52 7.01 19.59
N LEU C 616 29.80 6.69 18.51
CA LEU C 616 28.88 7.68 17.89
C LEU C 616 27.72 8.03 18.85
N ASN C 617 27.39 7.09 19.73
CA ASN C 617 26.23 7.24 20.61
C ASN C 617 26.39 6.27 21.77
N PRO C 618 26.92 6.76 22.91
CA PRO C 618 27.20 5.83 24.02
C PRO C 618 25.97 5.16 24.58
N ALA C 619 24.79 5.78 24.47
CA ALA C 619 23.57 5.15 24.99
C ALA C 619 23.23 3.91 24.16
N ILE C 620 23.26 4.06 22.84
CA ILE C 620 23.04 2.93 21.93
C ILE C 620 24.10 1.83 22.10
N ASP C 621 25.37 2.21 22.15
CA ASP C 621 26.46 1.23 22.30
C ASP C 621 26.41 0.46 23.62
N ILE C 622 26.13 1.14 24.71
CA ILE C 622 25.99 0.46 26.02
C ILE C 622 24.80 -0.50 25.95
N GLY C 623 23.75 -0.08 25.24
CA GLY C 623 22.56 -0.92 25.02
C GLY C 623 22.90 -2.19 24.25
N GLN C 624 23.77 -2.05 23.25
CA GLN C 624 24.22 -3.19 22.45
C GLN C 624 25.09 -4.13 23.27
N VAL C 625 25.96 -3.57 24.12
CA VAL C 625 26.79 -4.40 25.01
C VAL C 625 25.92 -5.24 25.96
N GLU C 626 25.02 -4.57 26.68
CA GLU C 626 24.09 -5.24 27.61
C GLU C 626 23.23 -6.31 26.92
N GLY C 627 22.61 -5.95 25.80
CA GLY C 627 21.73 -6.87 25.07
C GLY C 627 22.48 -8.09 24.57
N ALA C 628 23.65 -7.85 23.97
CA ALA C 628 24.48 -8.94 23.46
C ALA C 628 24.93 -9.84 24.62
N PHE C 629 25.41 -9.24 25.71
CA PHE C 629 25.86 -10.04 26.87
C PHE C 629 24.73 -10.95 27.39
N VAL C 630 23.52 -10.40 27.47
CA VAL C 630 22.42 -11.20 28.01
C VAL C 630 22.03 -12.35 27.05
N GLN C 631 22.11 -12.09 25.74
CA GLN C 631 21.90 -13.18 24.77
C GLN C 631 22.95 -14.28 24.90
N GLY C 632 24.17 -13.86 25.27
CA GLY C 632 25.26 -14.83 25.48
C GLY C 632 25.03 -15.59 26.77
N LEU C 633 24.64 -14.88 27.83
CA LEU C 633 24.24 -15.54 29.06
C LEU C 633 23.16 -16.60 28.83
N GLY C 634 22.16 -16.28 28.01
CA GLY C 634 21.16 -17.27 27.56
C GLY C 634 21.80 -18.45 26.85
N LEU C 635 22.63 -18.17 25.84
CA LEU C 635 23.27 -19.28 25.09
C LEU C 635 23.99 -20.25 26.02
N PHE C 636 24.74 -19.69 26.98
CA PHE C 636 25.67 -20.50 27.77
C PHE C 636 25.07 -21.13 29.03
N THR C 637 23.90 -20.62 29.46
CA THR C 637 23.35 -21.04 30.76
C THR C 637 21.85 -21.37 30.84
N LEU C 638 21.03 -20.88 29.92
CA LEU C 638 19.57 -21.04 30.06
C LEU C 638 18.90 -21.76 28.91
N GLU C 639 19.34 -21.44 27.70
CA GLU C 639 18.60 -21.79 26.49
C GLU C 639 19.02 -23.15 25.98
N GLU C 640 18.05 -24.07 25.94
CA GLU C 640 18.33 -25.44 25.53
C GLU C 640 17.24 -25.89 24.56
N LEU C 641 17.64 -26.21 23.33
CA LEU C 641 16.69 -26.82 22.38
C LEU C 641 16.77 -28.33 22.58
N HIS C 642 15.64 -29.02 22.48
CA HIS C 642 15.55 -30.46 22.75
C HIS C 642 14.71 -31.14 21.65
N TYR C 643 15.22 -32.26 21.14
CA TYR C 643 14.62 -32.98 20.03
C TYR C 643 14.28 -34.40 20.47
N SER C 644 13.21 -34.96 19.93
CA SER C 644 12.93 -36.39 20.08
C SER C 644 14.01 -37.23 19.37
N PRO C 645 14.09 -38.54 19.67
CA PRO C 645 15.00 -39.39 18.91
C PRO C 645 14.69 -39.43 17.41
N GLU C 646 13.43 -39.18 17.05
CA GLU C 646 12.98 -39.09 15.65
C GLU C 646 13.35 -37.75 14.98
N GLY C 647 13.94 -36.83 15.75
CA GLY C 647 14.43 -35.57 15.20
C GLY C 647 13.41 -34.44 15.22
N SER C 648 12.37 -34.56 16.05
CA SER C 648 11.31 -33.55 16.17
C SER C 648 11.51 -32.60 17.35
N LEU C 649 11.54 -31.30 17.08
CA LEU C 649 11.76 -30.30 18.13
C LEU C 649 10.66 -30.35 19.19
N HIS C 650 11.05 -30.47 20.47
CA HIS C 650 10.12 -30.46 21.60
C HIS C 650 9.88 -29.06 22.15
N THR C 651 10.92 -28.23 22.07
CA THR C 651 10.90 -26.91 22.73
C THR C 651 10.48 -25.86 21.72
N ARG C 652 9.19 -25.52 21.71
CA ARG C 652 8.63 -24.69 20.62
C ARG C 652 7.96 -23.38 21.07
N GLY C 653 8.31 -22.93 22.25
CA GLY C 653 7.74 -21.69 22.75
C GLY C 653 8.31 -21.35 24.11
N PRO C 654 7.86 -20.21 24.67
CA PRO C 654 8.49 -19.73 25.93
C PRO C 654 8.22 -20.61 27.16
N SER C 655 7.23 -21.49 27.10
CA SER C 655 6.98 -22.41 28.24
C SER C 655 8.06 -23.49 28.35
N THR C 656 8.70 -23.82 27.22
CA THR C 656 9.71 -24.89 27.19
C THR C 656 11.08 -24.45 26.72
N TYR C 657 11.22 -23.18 26.36
CA TYR C 657 12.50 -22.64 25.91
C TYR C 657 12.67 -21.34 26.65
N LYS C 658 13.68 -21.30 27.51
CA LYS C 658 13.78 -20.24 28.49
C LYS C 658 14.83 -19.22 28.07
N ILE C 659 14.38 -18.10 27.49
CA ILE C 659 15.31 -16.98 27.27
C ILE C 659 15.48 -16.18 28.59
N PRO C 660 16.57 -15.40 28.72
CA PRO C 660 16.71 -14.60 29.95
C PRO C 660 15.50 -13.72 30.22
N ALA C 661 15.09 -13.68 31.49
CA ALA C 661 13.94 -12.90 31.93
C ALA C 661 14.43 -11.72 32.75
N PHE C 662 13.53 -10.82 33.14
CA PHE C 662 13.91 -9.68 34.00
C PHE C 662 14.75 -10.16 35.18
N GLY C 663 14.32 -11.26 35.80
CA GLY C 663 14.94 -11.78 37.02
C GLY C 663 16.20 -12.59 36.80
N SER C 664 16.60 -12.76 35.53
CA SER C 664 17.79 -13.55 35.19
C SER C 664 19.10 -12.76 35.21
N ILE C 665 19.01 -11.44 35.09
CA ILE C 665 20.22 -10.63 34.87
C ILE C 665 21.01 -10.46 36.16
N PRO C 666 22.35 -10.21 36.04
CA PRO C 666 23.17 -10.01 37.25
C PRO C 666 22.60 -8.94 38.16
N THR C 667 22.59 -9.20 39.46
CA THR C 667 22.02 -8.25 40.42
C THR C 667 22.69 -6.87 40.33
N GLU C 668 24.02 -6.88 40.20
CA GLU C 668 24.82 -5.69 39.96
C GLU C 668 25.41 -5.86 38.56
N PHE C 669 25.11 -4.94 37.66
CA PHE C 669 25.38 -5.14 36.23
C PHE C 669 26.01 -3.84 35.73
N ARG C 670 27.33 -3.85 35.56
CA ARG C 670 28.07 -2.64 35.23
C ARG C 670 28.76 -2.72 33.87
N VAL C 671 28.59 -1.70 33.03
CA VAL C 671 29.22 -1.64 31.71
C VAL C 671 29.92 -0.30 31.54
N SER C 672 31.18 -0.35 31.13
CA SER C 672 31.98 0.83 30.81
C SER C 672 32.53 0.72 29.39
N LEU C 673 32.52 1.85 28.69
CA LEU C 673 33.17 1.97 27.40
C LEU C 673 34.56 2.54 27.64
N LEU C 674 35.56 1.88 27.06
CA LEU C 674 36.95 2.30 27.24
C LEU C 674 37.12 3.70 26.69
N ARG C 675 37.89 4.52 27.42
CA ARG C 675 38.11 5.93 27.08
C ARG C 675 39.37 6.12 26.26
N ASP C 676 39.38 7.20 25.47
CA ASP C 676 40.56 7.63 24.71
C ASP C 676 41.17 6.50 23.89
N CYS C 677 40.34 5.91 23.04
CA CYS C 677 40.80 4.87 22.11
C CYS C 677 40.18 5.02 20.71
N PRO C 678 40.41 6.18 20.05
CA PRO C 678 39.85 6.40 18.70
C PRO C 678 40.29 5.31 17.72
N ASN C 679 39.35 4.90 16.88
CA ASN C 679 39.62 3.95 15.81
C ASN C 679 39.76 4.65 14.46
N LYS C 680 41.01 4.84 14.02
CA LYS C 680 41.28 5.45 12.71
C LYS C 680 40.60 4.77 11.51
N LYS C 681 40.22 3.49 11.66
CA LYS C 681 39.75 2.65 10.52
C LYS C 681 38.25 2.78 10.19
N ALA C 682 37.49 3.46 11.04
CA ALA C 682 36.04 3.59 10.81
C ALA C 682 35.49 5.01 11.04
N ILE C 683 34.26 5.19 10.58
CA ILE C 683 33.56 6.46 10.63
C ILE C 683 33.64 7.17 11.99
N TYR C 684 34.12 8.42 11.98
CA TYR C 684 34.25 9.27 13.16
C TYR C 684 34.95 8.58 14.37
N ALA C 685 35.90 7.70 14.05
CA ALA C 685 36.73 7.00 15.04
C ALA C 685 36.00 5.90 15.86
N SER C 686 34.81 5.50 15.40
CA SER C 686 33.97 4.50 16.10
C SER C 686 34.38 3.05 15.80
N LYS C 687 33.77 2.09 16.50
CA LYS C 687 33.97 0.66 16.21
C LYS C 687 32.61 -0.06 16.24
N ALA C 688 32.51 -1.11 15.43
CA ALA C 688 31.35 -2.01 15.43
C ALA C 688 31.13 -2.58 16.82
N VAL C 689 29.85 -2.70 17.23
CA VAL C 689 29.52 -3.12 18.61
C VAL C 689 28.47 -4.25 18.67
N GLY C 690 27.81 -4.55 17.57
CA GLY C 690 26.60 -5.37 17.68
C GLY C 690 26.81 -6.80 18.22
N GLU C 691 27.79 -7.49 17.64
CA GLU C 691 28.10 -8.89 17.95
C GLU C 691 29.25 -9.11 18.95
N PRO C 692 30.33 -8.30 18.86
CA PRO C 692 31.47 -8.57 19.75
C PRO C 692 31.21 -8.87 21.24
N PRO C 693 30.24 -8.18 21.88
CA PRO C 693 30.05 -8.44 23.30
C PRO C 693 29.35 -9.77 23.66
N LEU C 694 28.78 -10.48 22.67
CA LEU C 694 27.94 -11.62 23.05
C LEU C 694 28.75 -12.69 23.78
N PHE C 695 29.92 -13.01 23.26
CA PHE C 695 30.72 -14.06 23.90
C PHE C 695 31.08 -13.76 25.38
N LEU C 696 31.08 -12.48 25.78
CA LEU C 696 31.37 -12.15 27.17
C LEU C 696 30.38 -12.77 28.17
N GLY C 697 29.21 -13.19 27.68
CA GLY C 697 28.21 -13.90 28.47
C GLY C 697 28.80 -15.18 29.03
N ALA C 698 29.80 -15.74 28.33
CA ALA C 698 30.53 -16.93 28.80
C ALA C 698 31.24 -16.71 30.15
N SER C 699 31.48 -15.45 30.55
CA SER C 699 32.02 -15.21 31.90
C SER C 699 31.14 -15.87 32.98
N VAL C 700 29.82 -15.85 32.77
CA VAL C 700 28.87 -16.52 33.68
C VAL C 700 29.10 -18.05 33.68
N PHE C 701 29.29 -18.63 32.49
CA PHE C 701 29.52 -20.06 32.36
C PHE C 701 30.77 -20.45 33.13
N PHE C 702 31.86 -19.71 32.93
CA PHE C 702 33.12 -20.09 33.59
C PHE C 702 33.14 -19.79 35.10
N ALA C 703 32.37 -18.79 35.55
CA ALA C 703 32.08 -18.62 36.98
C ALA C 703 31.34 -19.84 37.56
N ILE C 704 30.33 -20.32 36.82
CA ILE C 704 29.59 -21.51 37.24
C ILE C 704 30.52 -22.74 37.33
N LYS C 705 31.40 -22.89 36.35
CA LYS C 705 32.36 -23.99 36.34
C LYS C 705 33.29 -23.92 37.55
N ASP C 706 33.67 -22.69 37.91
CA ASP C 706 34.51 -22.43 39.09
C ASP C 706 33.79 -22.90 40.37
N ALA C 707 32.51 -22.53 40.49
CA ALA C 707 31.63 -22.91 41.61
C ALA C 707 31.46 -24.43 41.71
N ILE C 708 31.28 -25.07 40.57
CA ILE C 708 31.19 -26.54 40.51
C ILE C 708 32.49 -27.19 41.02
N ARG C 709 33.63 -26.67 40.57
CA ARG C 709 34.92 -27.15 41.07
C ARG C 709 34.99 -27.11 42.60
N ALA C 710 34.49 -26.02 43.19
CA ALA C 710 34.42 -25.94 44.65
C ALA C 710 33.50 -27.01 45.25
N ALA C 711 32.35 -27.27 44.61
CA ALA C 711 31.43 -28.30 45.10
C ALA C 711 32.07 -29.68 45.04
N ARG C 712 32.84 -29.92 43.98
CA ARG C 712 33.52 -31.22 43.84
C ARG C 712 34.63 -31.41 44.87
N ALA C 713 35.37 -30.34 45.16
CA ALA C 713 36.33 -30.32 46.27
C ALA C 713 35.67 -30.59 47.62
N GLN C 714 34.42 -30.14 47.77
CA GLN C 714 33.67 -30.32 49.00
C GLN C 714 33.23 -31.80 49.17
N HIS C 715 32.65 -32.40 48.12
CA HIS C 715 31.95 -33.68 48.25
C HIS C 715 32.36 -34.84 47.31
N THR C 716 33.08 -34.56 46.23
CA THR C 716 33.33 -35.57 45.19
C THR C 716 34.61 -36.38 45.40
N ASN C 717 35.76 -35.71 45.38
CA ASN C 717 37.06 -36.33 45.66
C ASN C 717 38.07 -35.32 46.18
N ASN C 718 39.35 -35.68 46.13
CA ASN C 718 40.44 -34.87 46.67
C ASN C 718 41.41 -34.40 45.58
N ASN C 719 41.08 -34.69 44.33
CA ASN C 719 41.93 -34.35 43.20
C ASN C 719 41.66 -32.92 42.72
N THR C 720 42.53 -32.00 43.13
CA THR C 720 42.36 -30.57 42.83
C THR C 720 42.66 -30.24 41.37
N LYS C 721 43.32 -31.14 40.67
CA LYS C 721 43.70 -30.93 39.27
C LYS C 721 42.80 -31.70 38.31
N GLU C 722 41.67 -32.18 38.83
CA GLU C 722 40.71 -32.95 38.04
C GLU C 722 40.09 -32.10 36.93
N LEU C 723 40.01 -32.68 35.74
CA LEU C 723 39.27 -32.10 34.64
C LEU C 723 37.96 -32.86 34.48
N PHE C 724 36.84 -32.16 34.60
CA PHE C 724 35.54 -32.76 34.25
C PHE C 724 34.94 -32.04 33.06
N ARG C 725 34.22 -32.77 32.23
CA ARG C 725 33.58 -32.17 31.07
C ARG C 725 32.30 -31.46 31.47
N LEU C 726 32.18 -30.19 31.08
CA LEU C 726 30.93 -29.43 31.23
C LEU C 726 30.53 -28.82 29.88
N ASP C 727 29.51 -29.38 29.26
CA ASP C 727 29.05 -28.87 27.97
C ASP C 727 28.19 -27.62 28.18
N SER C 728 27.89 -26.91 27.07
CA SER C 728 26.99 -25.74 27.07
C SER C 728 25.67 -26.15 26.37
N PRO C 729 24.52 -25.66 26.87
CA PRO C 729 24.37 -24.75 28.01
C PRO C 729 24.49 -25.46 29.38
N ALA C 730 25.05 -24.74 30.36
CA ALA C 730 25.17 -25.22 31.72
C ALA C 730 23.83 -24.99 32.45
N THR C 731 22.87 -25.86 32.13
CA THR C 731 21.51 -25.83 32.69
C THR C 731 21.51 -26.40 34.10
N PRO C 732 20.41 -26.20 34.86
CA PRO C 732 20.34 -26.84 36.19
C PRO C 732 20.67 -28.35 36.15
N GLU C 733 20.16 -29.08 35.14
CA GLU C 733 20.54 -30.49 34.98
C GLU C 733 22.06 -30.74 34.96
N LYS C 734 22.80 -30.00 34.12
CA LYS C 734 24.24 -30.22 34.00
C LYS C 734 24.99 -29.80 35.26
N ILE C 735 24.56 -28.69 35.84
CA ILE C 735 25.17 -28.19 37.08
C ILE C 735 24.96 -29.21 38.20
N ARG C 736 23.70 -29.61 38.41
CA ARG C 736 23.40 -30.59 39.48
C ARG C 736 24.16 -31.91 39.33
N ASN C 737 24.14 -32.47 38.11
CA ASN C 737 24.80 -33.75 37.85
C ASN C 737 26.30 -33.68 38.08
N ALA C 738 26.86 -32.47 37.97
CA ALA C 738 28.32 -32.27 38.09
C ALA C 738 28.75 -32.16 39.54
N CYS C 739 27.82 -31.81 40.43
CA CYS C 739 28.10 -31.74 41.85
C CYS C 739 27.90 -33.15 42.44
N VAL C 740 28.83 -34.03 42.09
CA VAL C 740 28.79 -35.42 42.51
C VAL C 740 28.91 -35.49 44.04
N ASP C 741 27.96 -36.20 44.66
CA ASP C 741 27.83 -36.20 46.12
C ASP C 741 27.04 -37.43 46.54
N LYS C 742 26.65 -37.50 47.83
CA LYS C 742 25.99 -38.70 48.39
C LYS C 742 24.60 -38.95 47.76
N PHE C 743 24.06 -37.93 47.09
CA PHE C 743 22.77 -38.06 46.38
C PHE C 743 22.90 -38.56 44.96
N THR C 744 23.81 -37.97 44.18
CA THR C 744 23.98 -38.40 42.77
C THR C 744 24.44 -39.86 42.74
N THR C 745 25.27 -40.24 43.71
CA THR C 745 25.87 -41.57 43.79
C THR C 745 24.99 -42.62 44.46
N LEU C 746 23.96 -42.14 45.17
CA LEU C 746 23.10 -42.96 46.01
C LEU C 746 23.81 -43.51 47.26
N CYS C 747 24.99 -42.97 47.57
CA CYS C 747 25.65 -43.32 48.83
C CYS C 747 24.77 -43.01 50.05
N VAL C 748 23.92 -41.99 49.93
CA VAL C 748 22.99 -41.65 51.01
C VAL C 748 22.01 -42.79 51.35
N THR C 749 21.78 -43.68 50.37
CA THR C 749 20.89 -44.83 50.57
C THR C 749 21.56 -46.00 51.30
N GLY C 750 22.86 -45.91 51.54
CA GLY C 750 23.65 -47.01 52.09
C GLY C 750 24.52 -47.75 51.08
N ALA C 751 24.32 -47.47 49.79
CA ALA C 751 25.13 -48.07 48.72
C ALA C 751 26.56 -47.53 48.69
N PRO C 752 27.53 -48.34 48.23
CA PRO C 752 28.88 -47.84 47.96
C PRO C 752 28.83 -46.88 46.76
N GLY C 753 29.75 -45.92 46.70
CA GLY C 753 29.64 -44.88 45.68
C GLY C 753 30.89 -44.09 45.42
N ASN C 754 30.87 -43.38 44.30
CA ASN C 754 32.03 -42.63 43.84
C ASN C 754 32.06 -41.21 44.39
N CYS C 755 31.94 -41.08 45.71
CA CYS C 755 32.17 -39.82 46.41
C CYS C 755 32.94 -40.04 47.71
N THR D 1 -38.08 -7.95 3.25
CA THR D 1 -38.07 -9.28 2.54
C THR D 1 -37.80 -9.12 1.03
N ALA D 2 -36.52 -9.11 0.68
CA ALA D 2 -36.10 -8.90 -0.70
C ALA D 2 -35.75 -10.22 -1.38
N ASP D 3 -35.96 -10.26 -2.69
CA ASP D 3 -35.58 -11.40 -3.50
C ASP D 3 -34.09 -11.32 -3.81
N GLU D 4 -33.50 -12.46 -4.19
CA GLU D 4 -32.13 -12.49 -4.68
C GLU D 4 -32.05 -11.98 -6.10
N LEU D 5 -31.01 -11.17 -6.36
CA LEU D 5 -30.64 -10.78 -7.72
C LEU D 5 -29.53 -11.71 -8.21
N VAL D 6 -29.76 -12.31 -9.37
CA VAL D 6 -28.81 -13.26 -9.95
C VAL D 6 -28.45 -12.88 -11.39
N PHE D 7 -27.16 -12.63 -11.62
CA PHE D 7 -26.67 -12.34 -12.96
C PHE D 7 -25.29 -12.97 -13.14
N PHE D 8 -24.68 -12.80 -14.31
CA PHE D 8 -23.39 -13.41 -14.59
C PHE D 8 -22.41 -12.32 -15.06
N VAL D 9 -21.18 -12.40 -14.55
CA VAL D 9 -20.10 -11.50 -15.01
C VAL D 9 -18.92 -12.33 -15.50
N ASN D 10 -18.59 -12.16 -16.79
CA ASN D 10 -17.54 -12.96 -17.44
C ASN D 10 -17.69 -14.47 -17.19
N GLY D 11 -18.95 -14.92 -17.25
CA GLY D 11 -19.29 -16.34 -17.15
C GLY D 11 -19.37 -16.89 -15.74
N LYS D 12 -19.24 -16.03 -14.73
CA LYS D 12 -19.25 -16.41 -13.31
C LYS D 12 -20.54 -15.91 -12.65
N LYS D 13 -21.16 -16.76 -11.84
CA LYS D 13 -22.45 -16.43 -11.25
C LYS D 13 -22.32 -15.44 -10.09
N VAL D 14 -23.14 -14.39 -10.16
CA VAL D 14 -23.23 -13.39 -9.10
C VAL D 14 -24.60 -13.52 -8.42
N VAL D 15 -24.58 -13.77 -7.12
CA VAL D 15 -25.81 -13.86 -6.34
C VAL D 15 -25.79 -12.73 -5.32
N GLU D 16 -26.50 -11.67 -5.66
CA GLU D 16 -26.63 -10.53 -4.76
C GLU D 16 -27.90 -10.71 -3.92
N LYS D 17 -27.72 -10.90 -2.62
CA LYS D 17 -28.83 -11.16 -1.71
C LYS D 17 -29.45 -9.88 -1.14
N ASN D 18 -28.74 -8.76 -1.28
CA ASN D 18 -29.23 -7.49 -0.78
C ASN D 18 -28.98 -6.33 -1.75
N ALA D 19 -29.49 -6.48 -2.98
CA ALA D 19 -29.33 -5.47 -4.02
C ALA D 19 -30.00 -4.14 -3.65
N ASP D 20 -29.24 -3.05 -3.75
CA ASP D 20 -29.80 -1.71 -3.61
C ASP D 20 -30.19 -1.20 -5.01
N PRO D 21 -31.45 -0.75 -5.17
CA PRO D 21 -31.88 -0.24 -6.49
C PRO D 21 -31.07 0.92 -7.05
N GLU D 22 -30.36 1.64 -6.18
CA GLU D 22 -29.58 2.80 -6.60
C GLU D 22 -28.19 2.40 -7.09
N THR D 23 -27.85 1.12 -6.99
CA THR D 23 -26.50 0.67 -7.36
C THR D 23 -26.38 0.52 -8.86
N THR D 24 -25.39 1.18 -9.44
CA THR D 24 -25.12 1.06 -10.88
C THR D 24 -24.20 -0.15 -11.13
N LEU D 25 -24.23 -0.65 -12.35
CA LEU D 25 -23.39 -1.79 -12.69
C LEU D 25 -21.90 -1.40 -12.57
N LEU D 26 -21.56 -0.18 -12.98
CA LEU D 26 -20.17 0.32 -12.88
C LEU D 26 -19.68 0.29 -11.45
N ALA D 27 -20.49 0.81 -10.52
CA ALA D 27 -20.12 0.75 -9.09
C ALA D 27 -19.96 -0.70 -8.61
N TYR D 28 -20.89 -1.58 -9.01
CA TYR D 28 -20.81 -3.02 -8.65
C TYR D 28 -19.55 -3.71 -9.20
N LEU D 29 -19.26 -3.53 -10.48
CA LEU D 29 -18.09 -4.13 -11.10
C LEU D 29 -16.81 -3.68 -10.38
N ARG D 30 -16.68 -2.37 -10.16
CA ARG D 30 -15.44 -1.79 -9.64
C ARG D 30 -15.27 -2.04 -8.15
N ARG D 31 -16.34 -1.81 -7.38
CA ARG D 31 -16.25 -1.68 -5.91
C ARG D 31 -16.77 -2.87 -5.10
N LYS D 32 -17.46 -3.80 -5.76
CA LYS D 32 -17.86 -5.06 -5.15
C LYS D 32 -17.07 -6.22 -5.75
N LEU D 33 -17.03 -6.32 -7.08
CA LEU D 33 -16.34 -7.43 -7.76
C LEU D 33 -14.85 -7.17 -7.97
N GLY D 34 -14.43 -5.92 -7.84
CA GLY D 34 -13.03 -5.56 -8.04
C GLY D 34 -12.51 -5.78 -9.46
N LEU D 35 -13.39 -5.58 -10.44
CA LEU D 35 -13.03 -5.62 -11.85
C LEU D 35 -12.89 -4.18 -12.36
N ARG D 36 -11.68 -3.64 -12.30
CA ARG D 36 -11.48 -2.22 -12.52
C ARG D 36 -11.11 -1.79 -13.95
N GLY D 37 -11.19 -2.73 -14.90
CA GLY D 37 -10.97 -2.42 -16.31
C GLY D 37 -12.01 -1.45 -16.88
N THR D 38 -13.24 -1.58 -16.41
CA THR D 38 -14.32 -0.68 -16.80
C THR D 38 -14.19 0.63 -16.01
N LYS D 39 -14.19 1.77 -16.73
CA LYS D 39 -13.86 3.07 -16.13
C LYS D 39 -15.05 4.01 -16.03
N LEU D 40 -14.94 4.93 -15.07
CA LEU D 40 -15.81 6.10 -14.96
C LEU D 40 -15.14 7.28 -15.67
N GLY D 41 -15.83 7.85 -16.65
CA GLY D 41 -15.39 9.07 -17.33
C GLY D 41 -16.34 10.27 -17.31
N CYS D 42 -17.61 10.03 -16.96
CA CYS D 42 -18.63 11.11 -16.93
C CYS D 42 -19.87 10.82 -16.09
N GLY D 43 -20.27 9.55 -15.98
CA GLY D 43 -21.47 9.19 -15.23
C GLY D 43 -22.78 9.63 -15.86
N GLU D 44 -22.76 10.08 -17.12
CA GLU D 44 -23.99 10.61 -17.72
C GLU D 44 -24.26 10.07 -19.13
N GLY D 45 -23.57 9.00 -19.51
CA GLY D 45 -23.84 8.30 -20.77
C GLY D 45 -23.16 8.81 -22.02
N GLY D 46 -22.33 9.84 -21.90
CA GLY D 46 -21.81 10.50 -23.10
C GLY D 46 -20.45 10.04 -23.59
N CYS D 47 -19.70 9.34 -22.74
CA CYS D 47 -18.28 9.14 -23.04
C CYS D 47 -17.94 7.68 -23.37
N GLY D 48 -18.73 6.73 -22.88
CA GLY D 48 -18.51 5.30 -23.24
C GLY D 48 -17.32 4.62 -22.59
N ALA D 49 -16.63 5.33 -21.69
CA ALA D 49 -15.53 4.73 -20.92
C ALA D 49 -15.96 3.51 -20.11
N CYS D 50 -17.24 3.45 -19.79
CA CYS D 50 -17.81 2.42 -18.92
C CYS D 50 -18.52 1.32 -19.76
N THR D 51 -18.32 1.35 -21.09
CA THR D 51 -19.02 0.41 -22.00
C THR D 51 -18.75 -1.06 -21.64
N VAL D 52 -19.82 -1.86 -21.52
CA VAL D 52 -19.70 -3.32 -21.36
C VAL D 52 -20.61 -3.99 -22.41
N MET D 53 -20.50 -5.30 -22.56
CA MET D 53 -21.47 -6.01 -23.39
C MET D 53 -22.47 -6.76 -22.50
N LEU D 54 -23.74 -6.68 -22.86
CA LEU D 54 -24.80 -7.42 -22.18
C LEU D 54 -25.30 -8.50 -23.15
N SER D 55 -25.55 -9.70 -22.62
CA SER D 55 -26.17 -10.78 -23.39
C SER D 55 -27.40 -11.31 -22.67
N LYS D 56 -28.46 -11.57 -23.44
CA LYS D 56 -29.66 -12.17 -22.88
C LYS D 56 -30.34 -13.03 -23.93
N TYR D 57 -31.15 -13.98 -23.47
CA TYR D 57 -32.01 -14.77 -24.36
C TYR D 57 -33.27 -13.97 -24.63
N ASP D 58 -33.52 -13.69 -25.91
CA ASP D 58 -34.74 -13.04 -26.34
C ASP D 58 -35.79 -14.10 -26.63
N ARG D 59 -36.98 -13.91 -26.08
CA ARG D 59 -38.10 -14.82 -26.27
C ARG D 59 -38.78 -14.57 -27.62
N LEU D 60 -39.10 -13.30 -27.87
CA LEU D 60 -39.79 -12.88 -29.08
C LEU D 60 -38.97 -13.17 -30.35
N GLN D 61 -37.66 -12.99 -30.27
CA GLN D 61 -36.76 -13.25 -31.39
C GLN D 61 -36.22 -14.68 -31.37
N ASP D 62 -36.47 -15.39 -30.26
CA ASP D 62 -35.99 -16.76 -30.05
C ASP D 62 -34.50 -16.92 -30.34
N LYS D 63 -33.67 -16.08 -29.70
CA LYS D 63 -32.21 -16.15 -29.80
C LYS D 63 -31.49 -15.43 -28.65
N ILE D 64 -30.22 -15.77 -28.45
CA ILE D 64 -29.34 -14.97 -27.59
C ILE D 64 -28.99 -13.70 -28.36
N ILE D 65 -29.16 -12.55 -27.69
CA ILE D 65 -28.77 -11.28 -28.28
C ILE D 65 -27.62 -10.67 -27.49
N HIS D 66 -26.81 -9.86 -28.18
CA HIS D 66 -25.65 -9.20 -27.58
C HIS D 66 -25.72 -7.73 -27.95
N PHE D 67 -25.56 -6.85 -26.96
CA PHE D 67 -25.56 -5.42 -27.21
C PHE D 67 -24.66 -4.70 -26.21
N SER D 68 -24.25 -3.48 -26.57
CA SER D 68 -23.38 -2.69 -25.67
C SER D 68 -24.23 -1.79 -24.78
N ALA D 69 -23.69 -1.43 -23.62
CA ALA D 69 -24.42 -0.61 -22.66
C ALA D 69 -23.45 0.21 -21.82
N ASN D 70 -23.92 1.35 -21.33
CA ASN D 70 -23.12 2.17 -20.42
C ASN D 70 -23.30 1.64 -18.99
N ALA D 71 -22.26 1.03 -18.43
CA ALA D 71 -22.38 0.53 -17.05
C ALA D 71 -22.69 1.64 -16.02
N CYS D 72 -22.36 2.92 -16.33
CA CYS D 72 -22.57 4.03 -15.37
C CYS D 72 -24.06 4.35 -15.16
N LEU D 73 -24.89 3.91 -16.10
CA LEU D 73 -26.33 4.16 -16.04
C LEU D 73 -27.20 2.90 -15.89
N ALA D 74 -26.60 1.72 -16.03
CA ALA D 74 -27.35 0.46 -15.86
C ALA D 74 -27.59 0.12 -14.39
N PRO D 75 -28.86 0.15 -13.94
CA PRO D 75 -29.14 -0.32 -12.59
C PRO D 75 -28.87 -1.84 -12.52
N ILE D 76 -28.16 -2.31 -11.49
CA ILE D 76 -27.96 -3.78 -11.37
C ILE D 76 -29.29 -4.54 -11.30
N CYS D 77 -30.31 -3.86 -10.76
CA CYS D 77 -31.65 -4.44 -10.62
C CYS D 77 -32.39 -4.72 -11.95
N THR D 78 -31.88 -4.19 -13.07
CA THR D 78 -32.41 -4.52 -14.42
C THR D 78 -31.77 -5.78 -15.02
N LEU D 79 -30.79 -6.34 -14.31
CA LEU D 79 -29.88 -7.32 -14.89
C LEU D 79 -30.15 -8.74 -14.46
N HIS D 80 -31.26 -8.99 -13.77
CA HIS D 80 -31.61 -10.35 -13.38
C HIS D 80 -31.64 -11.29 -14.60
N HIS D 81 -30.81 -12.34 -14.53
CA HIS D 81 -30.63 -13.31 -15.62
C HIS D 81 -30.02 -12.75 -16.91
N VAL D 82 -29.19 -11.72 -16.77
CA VAL D 82 -28.45 -11.15 -17.89
C VAL D 82 -26.98 -11.51 -17.69
N ALA D 83 -26.25 -11.69 -18.79
CA ALA D 83 -24.82 -11.97 -18.72
C ALA D 83 -24.02 -10.74 -19.12
N VAL D 84 -23.14 -10.32 -18.23
CA VAL D 84 -22.25 -9.20 -18.45
C VAL D 84 -20.88 -9.68 -18.94
N THR D 85 -20.34 -9.01 -19.95
CA THR D 85 -18.94 -9.21 -20.40
C THR D 85 -18.20 -7.87 -20.32
N THR D 86 -17.07 -7.84 -19.60
CA THR D 86 -16.22 -6.67 -19.48
C THR D 86 -14.94 -6.93 -20.27
N VAL D 87 -14.06 -5.93 -20.31
CA VAL D 87 -12.81 -6.06 -21.03
C VAL D 87 -11.99 -7.25 -20.52
N GLU D 88 -12.04 -7.54 -19.21
CA GLU D 88 -11.26 -8.66 -18.69
C GLU D 88 -11.84 -10.03 -19.08
N GLY D 89 -13.08 -10.01 -19.59
CA GLY D 89 -13.76 -11.21 -20.01
C GLY D 89 -13.38 -11.72 -21.39
N ILE D 90 -12.64 -10.92 -22.17
CA ILE D 90 -12.34 -11.31 -23.57
C ILE D 90 -10.88 -11.68 -23.85
N GLY D 91 -10.01 -11.40 -22.91
CA GLY D 91 -8.58 -11.61 -23.10
C GLY D 91 -7.77 -10.82 -22.11
N SER D 92 -6.48 -11.17 -22.00
CA SER D 92 -5.55 -10.47 -21.13
C SER D 92 -4.11 -10.80 -21.51
N THR D 93 -3.18 -9.96 -21.06
CA THR D 93 -1.76 -10.15 -21.35
C THR D 93 -1.18 -11.34 -20.57
N LYS D 94 -1.94 -11.84 -19.61
CA LYS D 94 -1.50 -12.98 -18.79
C LYS D 94 -1.81 -14.32 -19.45
N THR D 95 -2.76 -14.29 -20.39
CA THR D 95 -3.19 -15.47 -21.12
C THR D 95 -2.97 -15.20 -22.60
N ARG D 96 -4.03 -14.74 -23.28
CA ARG D 96 -3.94 -14.28 -24.66
C ARG D 96 -4.86 -13.06 -24.83
N LEU D 97 -4.39 -12.05 -25.54
CA LEU D 97 -5.26 -10.95 -25.94
C LEU D 97 -6.29 -11.40 -26.97
N HIS D 98 -7.49 -10.81 -26.92
CA HIS D 98 -8.44 -10.91 -28.02
C HIS D 98 -7.89 -10.13 -29.24
N PRO D 99 -8.19 -10.57 -30.47
CA PRO D 99 -7.81 -9.75 -31.64
C PRO D 99 -8.10 -8.24 -31.56
N VAL D 100 -9.27 -7.85 -31.04
CA VAL D 100 -9.63 -6.43 -30.89
C VAL D 100 -8.59 -5.71 -30.01
N GLN D 101 -8.22 -6.38 -28.92
CA GLN D 101 -7.23 -5.82 -27.98
C GLN D 101 -5.85 -5.71 -28.61
N GLU D 102 -5.43 -6.77 -29.29
CA GLU D 102 -4.12 -6.75 -29.95
C GLU D 102 -4.05 -5.64 -31.00
N ARG D 103 -5.09 -5.53 -31.82
CA ARG D 103 -5.05 -4.60 -32.96
C ARG D 103 -5.08 -3.13 -32.56
N ILE D 104 -5.90 -2.77 -31.58
CA ILE D 104 -5.90 -1.37 -31.12
C ILE D 104 -4.53 -1.02 -30.53
N ALA D 105 -3.89 -1.98 -29.85
CA ALA D 105 -2.58 -1.71 -29.22
C ALA D 105 -1.47 -1.54 -30.25
N LYS D 106 -1.43 -2.47 -31.20
CA LYS D 106 -0.37 -2.47 -32.21
C LYS D 106 -0.51 -1.37 -33.27
N SER D 107 -1.73 -0.82 -33.39
CA SER D 107 -2.03 0.21 -34.40
C SER D 107 -1.87 1.65 -33.88
N HIS D 108 -1.37 1.77 -32.64
CA HIS D 108 -1.18 3.08 -32.01
C HIS D 108 -2.52 3.75 -31.70
N GLY D 109 -3.51 2.91 -31.42
CA GLY D 109 -4.85 3.40 -31.08
C GLY D 109 -5.06 3.68 -29.59
N SER D 110 -4.00 3.56 -28.78
CA SER D 110 -4.11 3.77 -27.35
C SER D 110 -2.95 4.63 -26.88
N GLN D 111 -3.27 5.81 -26.33
CA GLN D 111 -2.23 6.74 -25.80
C GLN D 111 -2.26 6.71 -24.26
N CYS D 112 -3.11 7.52 -23.62
CA CYS D 112 -3.24 7.42 -22.15
C CYS D 112 -3.90 6.11 -21.72
N GLY D 113 -4.73 5.55 -22.60
CA GLY D 113 -5.37 4.24 -22.39
C GLY D 113 -6.70 4.26 -21.67
N PHE D 114 -7.17 5.43 -21.21
CA PHE D 114 -8.33 5.43 -20.33
C PHE D 114 -9.63 5.06 -21.07
N CYS D 115 -9.74 5.48 -22.33
CA CYS D 115 -10.92 5.14 -23.16
C CYS D 115 -10.81 3.78 -23.83
N THR D 116 -9.62 3.18 -23.79
CA THR D 116 -9.37 1.94 -24.57
C THR D 116 -10.31 0.76 -24.22
N PRO D 117 -10.50 0.44 -22.92
CA PRO D 117 -11.47 -0.63 -22.58
C PRO D 117 -12.88 -0.43 -23.19
N GLY D 118 -13.43 0.79 -23.12
CA GLY D 118 -14.77 1.06 -23.61
C GLY D 118 -14.85 0.90 -25.11
N ILE D 119 -13.84 1.38 -25.81
CA ILE D 119 -13.73 1.23 -27.29
C ILE D 119 -13.58 -0.25 -27.67
N VAL D 120 -12.69 -0.96 -26.98
CA VAL D 120 -12.57 -2.41 -27.16
C VAL D 120 -13.93 -3.11 -27.06
N MET D 121 -14.70 -2.78 -26.03
CA MET D 121 -15.99 -3.42 -25.81
C MET D 121 -17.00 -3.01 -26.91
N SER D 122 -16.93 -1.78 -27.41
CA SER D 122 -17.80 -1.36 -28.53
C SER D 122 -17.48 -2.15 -29.80
N MET D 123 -16.19 -2.27 -30.10
CA MET D 123 -15.77 -3.07 -31.27
C MET D 123 -16.07 -4.57 -31.11
N TYR D 124 -15.75 -5.12 -29.94
CA TYR D 124 -16.08 -6.51 -29.59
C TYR D 124 -17.57 -6.83 -29.77
N THR D 125 -18.43 -5.93 -29.28
CA THR D 125 -19.89 -6.11 -29.40
C THR D 125 -20.33 -6.18 -30.85
N LEU D 126 -19.80 -5.27 -31.66
CA LEU D 126 -20.07 -5.26 -33.10
C LEU D 126 -19.73 -6.63 -33.71
N LEU D 127 -18.50 -7.10 -33.48
CA LEU D 127 -18.04 -8.38 -34.04
C LEU D 127 -18.85 -9.60 -33.56
N ARG D 128 -19.41 -9.52 -32.35
CA ARG D 128 -20.27 -10.59 -31.84
C ARG D 128 -21.63 -10.64 -32.58
N ASN D 129 -22.05 -9.49 -33.10
CA ASN D 129 -23.29 -9.39 -33.88
C ASN D 129 -23.02 -9.62 -35.36
N GLN D 130 -21.83 -9.20 -35.82
CA GLN D 130 -21.50 -9.21 -37.23
C GLN D 130 -19.99 -9.43 -37.41
N PRO D 131 -19.58 -10.69 -37.57
CA PRO D 131 -18.15 -11.04 -37.62
C PRO D 131 -17.43 -10.46 -38.85
N GLU D 132 -18.20 -10.10 -39.88
CA GLU D 132 -17.64 -9.47 -41.08
C GLU D 132 -18.29 -8.11 -41.36
N PRO D 133 -17.99 -7.08 -40.54
CA PRO D 133 -18.67 -5.80 -40.69
C PRO D 133 -18.11 -4.96 -41.83
N THR D 134 -18.88 -4.00 -42.31
CA THR D 134 -18.39 -3.04 -43.30
C THR D 134 -17.64 -1.91 -42.59
N VAL D 135 -16.86 -1.17 -43.36
CA VAL D 135 -16.18 0.02 -42.87
C VAL D 135 -17.17 1.01 -42.23
N GLU D 136 -18.35 1.15 -42.85
CA GLU D 136 -19.40 2.04 -42.37
C GLU D 136 -19.94 1.64 -41.00
N GLU D 137 -20.18 0.33 -40.82
CA GLU D 137 -20.62 -0.24 -39.55
C GLU D 137 -19.58 0.00 -38.44
N ILE D 138 -18.30 -0.10 -38.80
CA ILE D 138 -17.21 0.13 -37.83
C ILE D 138 -17.24 1.54 -37.21
N GLU D 139 -17.33 2.60 -38.02
CA GLU D 139 -17.35 3.96 -37.42
C GLU D 139 -18.59 4.26 -36.58
N ASP D 140 -19.75 3.79 -37.04
CA ASP D 140 -21.01 3.96 -36.30
C ASP D 140 -20.98 3.29 -34.93
N ALA D 141 -20.16 2.25 -34.81
CA ALA D 141 -20.04 1.49 -33.58
C ALA D 141 -19.58 2.37 -32.42
N PHE D 142 -18.97 3.51 -32.75
CA PHE D 142 -18.26 4.36 -31.76
C PHE D 142 -18.83 5.76 -31.53
N GLN D 143 -20.07 6.01 -31.92
CA GLN D 143 -20.65 7.36 -31.69
C GLN D 143 -20.71 7.68 -30.20
N GLY D 144 -20.70 6.64 -29.38
CA GLY D 144 -20.80 6.80 -27.94
C GLY D 144 -19.49 6.70 -27.18
N ASN D 145 -18.35 6.65 -27.89
CA ASN D 145 -17.03 6.58 -27.24
C ASN D 145 -16.17 7.79 -27.58
N LEU D 146 -15.65 8.49 -26.56
CA LEU D 146 -14.82 9.67 -26.75
C LEU D 146 -13.35 9.34 -26.44
N CYS D 147 -12.44 9.95 -27.18
CA CYS D 147 -11.01 9.81 -26.89
C CYS D 147 -10.41 11.19 -27.00
N ARG D 148 -9.64 11.58 -25.97
CA ARG D 148 -9.04 12.91 -25.97
C ARG D 148 -7.62 12.97 -26.57
N CYS D 149 -6.98 11.80 -26.71
CA CYS D 149 -5.55 11.72 -27.05
C CYS D 149 -5.22 11.42 -28.51
N THR D 150 -5.98 10.53 -29.14
CA THR D 150 -5.50 9.89 -30.39
C THR D 150 -5.89 10.64 -31.66
N GLY D 151 -6.98 11.39 -31.60
CA GLY D 151 -7.52 12.03 -32.79
C GLY D 151 -8.21 10.98 -33.67
N TYR D 152 -8.41 9.79 -33.10
CA TYR D 152 -9.28 8.74 -33.66
C TYR D 152 -8.77 7.99 -34.89
N ARG D 153 -8.06 8.68 -35.80
CA ARG D 153 -7.51 8.08 -37.04
C ARG D 153 -6.89 6.67 -36.83
N PRO D 154 -5.96 6.51 -35.87
CA PRO D 154 -5.33 5.19 -35.74
C PRO D 154 -6.27 4.07 -35.29
N ILE D 155 -7.29 4.42 -34.50
CA ILE D 155 -8.27 3.45 -33.99
C ILE D 155 -9.07 2.88 -35.16
N LEU D 156 -9.63 3.78 -35.97
CA LEU D 156 -10.38 3.38 -37.19
C LEU D 156 -9.49 2.62 -38.16
N GLN D 157 -8.26 3.06 -38.33
CA GLN D 157 -7.34 2.38 -39.25
C GLN D 157 -7.06 0.95 -38.78
N GLY D 158 -6.77 0.78 -37.49
CA GLY D 158 -6.51 -0.53 -36.91
C GLY D 158 -7.70 -1.47 -37.08
N PHE D 159 -8.90 -0.97 -36.76
CA PHE D 159 -10.11 -1.80 -36.84
C PHE D 159 -10.63 -2.02 -38.26
N ARG D 160 -10.19 -1.19 -39.21
CA ARG D 160 -10.55 -1.40 -40.63
C ARG D 160 -10.17 -2.80 -41.12
N THR D 161 -9.13 -3.37 -40.51
CA THR D 161 -8.63 -4.70 -40.86
C THR D 161 -9.67 -5.82 -40.66
N PHE D 162 -10.70 -5.56 -39.85
CA PHE D 162 -11.80 -6.51 -39.60
C PHE D 162 -12.87 -6.46 -40.68
N ALA D 163 -12.80 -5.45 -41.55
CA ALA D 163 -13.86 -5.16 -42.50
C ALA D 163 -13.75 -5.89 -43.84
N LYS D 164 -14.71 -5.58 -44.70
CA LYS D 164 -14.84 -6.06 -46.10
C LYS D 164 -15.66 -7.33 -46.12
N PRO E 1 -41.29 -15.79 -15.74
CA PRO E 1 -40.72 -14.92 -14.71
C PRO E 1 -41.74 -14.58 -13.63
N LYS E 2 -41.25 -14.35 -12.41
CA LYS E 2 -42.08 -13.85 -11.33
C LYS E 2 -41.61 -12.47 -10.89
N GLN E 3 -42.52 -11.73 -10.25
CA GLN E 3 -42.24 -10.41 -9.72
C GLN E 3 -41.12 -10.49 -8.68
N LEU E 4 -40.20 -9.53 -8.74
CA LEU E 4 -39.14 -9.45 -7.75
C LEU E 4 -39.19 -8.12 -7.01
N ARG E 5 -38.74 -8.14 -5.77
CA ARG E 5 -38.72 -6.97 -4.92
C ARG E 5 -37.29 -6.79 -4.44
N PHE E 6 -36.75 -5.59 -4.69
CA PHE E 6 -35.43 -5.20 -4.15
C PHE E 6 -35.60 -3.99 -3.24
N GLU E 7 -34.88 -3.99 -2.12
CA GLU E 7 -35.06 -3.01 -1.05
C GLU E 7 -33.72 -2.38 -0.69
N GLY E 8 -33.61 -1.07 -0.90
CA GLY E 8 -32.37 -0.36 -0.64
C GLY E 8 -32.48 0.58 0.54
N GLU E 9 -31.48 1.45 0.65
CA GLU E 9 -31.39 2.44 1.69
C GLU E 9 -32.55 3.45 1.62
N ARG E 10 -32.94 3.82 0.39
CA ARG E 10 -33.92 4.88 0.15
C ARG E 10 -35.04 4.45 -0.81
N VAL E 11 -34.82 3.38 -1.56
CA VAL E 11 -35.68 3.04 -2.70
C VAL E 11 -36.11 1.58 -2.63
N THR E 12 -37.36 1.33 -3.02
CA THR E 12 -37.84 -0.03 -3.25
C THR E 12 -38.08 -0.15 -4.76
N TRP E 13 -37.59 -1.24 -5.33
CA TRP E 13 -37.71 -1.54 -6.76
C TRP E 13 -38.55 -2.79 -6.92
N ILE E 14 -39.62 -2.69 -7.70
CA ILE E 14 -40.39 -3.87 -8.06
C ILE E 14 -40.24 -4.18 -9.54
N GLN E 15 -39.78 -5.38 -9.86
CA GLN E 15 -39.63 -5.81 -11.23
C GLN E 15 -40.93 -6.54 -11.59
N ALA E 16 -41.80 -5.90 -12.37
CA ALA E 16 -43.11 -6.46 -12.73
C ALA E 16 -42.99 -7.50 -13.83
N SER E 17 -43.59 -8.66 -13.60
CA SER E 17 -43.49 -9.79 -14.55
C SER E 17 -44.60 -9.76 -15.61
N THR E 18 -45.74 -9.15 -15.28
CA THR E 18 -46.81 -9.00 -16.30
C THR E 18 -47.58 -7.69 -16.20
N LEU E 19 -48.42 -7.45 -17.22
CA LEU E 19 -49.19 -6.22 -17.35
C LEU E 19 -50.11 -5.96 -16.17
N LYS E 20 -50.75 -7.03 -15.68
CA LYS E 20 -51.63 -6.91 -14.52
C LYS E 20 -50.86 -6.33 -13.33
N GLU E 21 -49.72 -6.94 -13.01
CA GLU E 21 -48.88 -6.47 -11.90
C GLU E 21 -48.54 -4.98 -12.04
N LEU E 22 -48.07 -4.58 -13.22
CA LEU E 22 -47.76 -3.16 -13.49
C LEU E 22 -48.94 -2.23 -13.20
N LEU E 23 -50.11 -2.56 -13.74
CA LEU E 23 -51.28 -1.70 -13.57
C LEU E 23 -51.75 -1.63 -12.12
N ASP E 24 -51.75 -2.77 -11.44
CA ASP E 24 -52.05 -2.82 -10.00
C ASP E 24 -51.08 -1.93 -9.22
N LEU E 25 -49.79 -2.07 -9.49
CA LEU E 25 -48.75 -1.31 -8.79
C LEU E 25 -48.87 0.20 -9.02
N LYS E 26 -49.17 0.59 -10.25
CA LYS E 26 -49.37 1.99 -10.60
C LYS E 26 -50.63 2.57 -9.94
N ALA E 27 -51.63 1.72 -9.72
CA ALA E 27 -52.84 2.12 -9.01
C ALA E 27 -52.60 2.23 -7.50
N GLN E 28 -51.85 1.27 -6.95
CA GLN E 28 -51.51 1.25 -5.52
C GLN E 28 -50.48 2.32 -5.16
N HIS E 29 -49.67 2.71 -6.15
CA HIS E 29 -48.62 3.71 -5.97
C HIS E 29 -48.51 4.63 -7.20
N PRO E 30 -49.43 5.63 -7.31
CA PRO E 30 -49.47 6.49 -8.50
C PRO E 30 -48.20 7.30 -8.68
N GLU E 31 -47.51 7.58 -7.58
CA GLU E 31 -46.28 8.36 -7.58
C GLU E 31 -45.08 7.58 -8.16
N ALA E 32 -45.15 6.25 -8.09
CA ALA E 32 -44.09 5.34 -8.55
C ALA E 32 -43.54 5.71 -9.92
N LYS E 33 -42.22 5.61 -10.06
CA LYS E 33 -41.56 5.88 -11.33
C LYS E 33 -41.33 4.57 -12.06
N LEU E 34 -41.75 4.53 -13.33
CA LEU E 34 -41.36 3.43 -14.19
C LEU E 34 -39.90 3.69 -14.53
N VAL E 35 -39.11 2.63 -14.59
CA VAL E 35 -37.76 2.72 -15.12
C VAL E 35 -37.60 1.56 -16.10
N VAL E 36 -37.08 1.88 -17.29
CA VAL E 36 -36.71 0.88 -18.29
C VAL E 36 -35.20 0.97 -18.54
N GLY E 37 -34.80 1.96 -19.33
CA GLY E 37 -33.37 2.18 -19.61
C GLY E 37 -32.61 2.94 -18.54
N ASN E 38 -33.32 3.69 -17.69
CA ASN E 38 -32.68 4.54 -16.67
C ASN E 38 -31.82 5.71 -17.22
N THR E 39 -31.92 5.99 -18.52
CA THR E 39 -31.07 7.03 -19.13
C THR E 39 -31.56 8.46 -18.87
N GLU E 40 -32.75 8.58 -18.30
CA GLU E 40 -33.30 9.84 -17.79
C GLU E 40 -33.33 9.82 -16.25
N ILE E 41 -33.95 8.79 -15.69
CA ILE E 41 -34.09 8.69 -14.23
C ILE E 41 -32.72 8.66 -13.51
N GLY E 42 -31.77 7.94 -14.07
CA GLY E 42 -30.39 7.93 -13.53
C GLY E 42 -29.79 9.33 -13.49
N ILE E 43 -30.09 10.14 -14.51
CA ILE E 43 -29.60 11.52 -14.58
C ILE E 43 -30.35 12.38 -13.56
N GLU E 44 -31.67 12.27 -13.51
CA GLU E 44 -32.46 13.02 -12.51
C GLU E 44 -32.01 12.75 -11.07
N MET E 45 -31.72 11.50 -10.75
CA MET E 45 -31.31 11.12 -9.40
C MET E 45 -29.90 11.59 -9.04
N LYS E 46 -28.96 11.42 -9.97
CA LYS E 46 -27.57 11.81 -9.71
C LYS E 46 -27.34 13.33 -9.81
N PHE E 47 -27.89 13.95 -10.83
CA PHE E 47 -27.54 15.34 -11.15
C PHE E 47 -28.59 16.38 -10.76
N LYS E 48 -29.85 15.96 -10.68
CA LYS E 48 -30.92 16.87 -10.30
C LYS E 48 -31.36 16.61 -8.85
N ASN E 49 -30.66 15.68 -8.19
CA ASN E 49 -30.90 15.33 -6.77
C ASN E 49 -32.36 14.96 -6.44
N GLN E 50 -33.02 14.32 -7.41
CA GLN E 50 -34.38 13.83 -7.23
C GLN E 50 -34.33 12.50 -6.50
N LEU E 51 -35.31 12.27 -5.63
CA LEU E 51 -35.43 10.97 -4.99
C LEU E 51 -36.80 10.38 -5.29
N PHE E 52 -36.78 9.20 -5.91
CA PHE E 52 -38.00 8.46 -6.22
C PHE E 52 -37.98 7.17 -5.37
N PRO E 53 -38.69 7.17 -4.22
CA PRO E 53 -38.54 6.04 -3.30
C PRO E 53 -39.26 4.75 -3.72
N MET E 54 -40.06 4.83 -4.79
CA MET E 54 -40.75 3.66 -5.34
C MET E 54 -40.52 3.63 -6.84
N ILE E 55 -39.88 2.56 -7.32
CA ILE E 55 -39.66 2.36 -8.75
C ILE E 55 -40.28 1.04 -9.20
N ILE E 56 -40.95 1.06 -10.35
CA ILE E 56 -41.44 -0.18 -10.99
C ILE E 56 -40.72 -0.33 -12.32
N CYS E 57 -40.09 -1.50 -12.54
CA CYS E 57 -39.48 -1.79 -13.86
C CYS E 57 -40.36 -2.75 -14.68
N PRO E 58 -40.98 -2.24 -15.77
CA PRO E 58 -41.88 -3.03 -16.61
C PRO E 58 -41.22 -3.71 -17.82
N ALA E 59 -39.89 -3.69 -17.88
CA ALA E 59 -39.16 -4.20 -19.05
C ALA E 59 -39.42 -5.66 -19.49
N TRP E 60 -39.87 -6.50 -18.56
CA TRP E 60 -40.06 -7.93 -18.85
C TRP E 60 -41.41 -8.21 -19.51
N ILE E 61 -42.34 -7.27 -19.36
CA ILE E 61 -43.74 -7.46 -19.76
C ILE E 61 -43.89 -7.54 -21.29
N PRO E 62 -44.38 -8.69 -21.80
CA PRO E 62 -44.45 -8.89 -23.25
C PRO E 62 -45.19 -7.80 -24.02
N GLU E 63 -46.30 -7.29 -23.47
CA GLU E 63 -47.11 -6.24 -24.12
C GLU E 63 -46.30 -4.96 -24.39
N LEU E 64 -45.36 -4.67 -23.49
CA LEU E 64 -44.53 -3.47 -23.62
C LEU E 64 -43.35 -3.66 -24.57
N ASN E 65 -43.21 -4.88 -25.10
CA ASN E 65 -42.10 -5.24 -25.99
C ASN E 65 -42.53 -5.69 -27.39
N ALA E 66 -43.85 -5.71 -27.59
CA ALA E 66 -44.46 -6.25 -28.81
C ALA E 66 -44.24 -5.35 -30.01
N VAL E 67 -43.88 -5.95 -31.15
CA VAL E 67 -43.79 -5.24 -32.42
C VAL E 67 -44.83 -5.81 -33.40
N GLU E 68 -45.70 -4.95 -33.92
CA GLU E 68 -46.81 -5.38 -34.78
C GLU E 68 -47.00 -4.51 -36.01
N HIS E 69 -47.02 -5.14 -37.18
CA HIS E 69 -47.22 -4.43 -38.42
C HIS E 69 -48.71 -4.48 -38.75
N GLY E 70 -49.38 -3.34 -38.68
CA GLY E 70 -50.82 -3.27 -38.95
C GLY E 70 -51.05 -2.68 -40.32
N PRO E 71 -52.34 -2.49 -40.69
CA PRO E 71 -52.67 -1.88 -41.98
C PRO E 71 -52.38 -0.38 -42.07
N GLU E 72 -52.25 0.29 -40.92
CA GLU E 72 -52.12 1.75 -40.88
C GLU E 72 -50.72 2.22 -40.44
N GLY E 73 -49.93 1.30 -39.91
CA GLY E 73 -48.62 1.63 -39.38
C GLY E 73 -48.02 0.48 -38.59
N ILE E 74 -46.87 0.76 -37.98
CA ILE E 74 -46.15 -0.25 -37.21
C ILE E 74 -46.22 0.13 -35.75
N SER E 75 -46.67 -0.80 -34.91
CA SER E 75 -46.87 -0.54 -33.48
C SER E 75 -45.69 -1.09 -32.70
N PHE E 76 -45.14 -0.26 -31.80
CA PHE E 76 -44.10 -0.67 -30.86
C PHE E 76 -44.55 -0.59 -29.41
N GLY E 77 -44.26 -1.63 -28.62
CA GLY E 77 -44.46 -1.59 -27.19
C GLY E 77 -43.56 -0.50 -26.60
N ALA E 78 -44.02 0.10 -25.50
CA ALA E 78 -43.41 1.28 -24.93
C ALA E 78 -41.99 1.08 -24.39
N ALA E 79 -41.66 -0.16 -24.05
CA ALA E 79 -40.34 -0.50 -23.50
C ALA E 79 -39.33 -0.89 -24.59
N CYS E 80 -39.78 -0.96 -25.84
CA CYS E 80 -38.88 -1.24 -26.97
C CYS E 80 -37.71 -0.27 -27.02
N ALA E 81 -36.50 -0.82 -27.12
CA ALA E 81 -35.28 -0.02 -27.20
C ALA E 81 -35.26 0.77 -28.50
N LEU E 82 -34.64 1.95 -28.46
CA LEU E 82 -34.53 2.79 -29.65
C LEU E 82 -33.81 2.09 -30.81
N SER E 83 -32.84 1.23 -30.47
CA SER E 83 -32.12 0.44 -31.47
C SER E 83 -33.04 -0.58 -32.15
N SER E 84 -34.04 -1.08 -31.42
CA SER E 84 -35.02 -2.03 -31.97
C SER E 84 -35.96 -1.31 -32.94
N VAL E 85 -36.35 -0.09 -32.57
CA VAL E 85 -37.19 0.75 -33.42
C VAL E 85 -36.42 1.06 -34.71
N GLU E 86 -35.17 1.48 -34.57
CA GLU E 86 -34.32 1.78 -35.72
C GLU E 86 -34.23 0.59 -36.66
N LYS E 87 -33.95 -0.58 -36.09
CA LYS E 87 -33.81 -1.80 -36.88
C LYS E 87 -35.08 -2.17 -37.65
N THR E 88 -36.22 -2.13 -36.95
CA THR E 88 -37.53 -2.43 -37.53
C THR E 88 -37.91 -1.44 -38.65
N LEU E 89 -37.68 -0.16 -38.42
CA LEU E 89 -38.01 0.87 -39.40
C LEU E 89 -37.06 0.81 -40.61
N LEU E 90 -35.78 0.54 -40.38
CA LEU E 90 -34.84 0.32 -41.48
C LEU E 90 -35.29 -0.85 -42.36
N GLU E 91 -35.70 -1.94 -41.73
CA GLU E 91 -36.22 -3.10 -42.46
C GLU E 91 -37.42 -2.71 -43.33
N ALA E 92 -38.38 -2.00 -42.74
CA ALA E 92 -39.57 -1.52 -43.45
C ALA E 92 -39.24 -0.57 -44.60
N VAL E 93 -38.30 0.35 -44.38
CA VAL E 93 -37.87 1.30 -45.41
C VAL E 93 -37.25 0.57 -46.61
N ALA E 94 -36.50 -0.50 -46.35
CA ALA E 94 -35.87 -1.28 -47.42
C ALA E 94 -36.87 -2.07 -48.27
N LYS E 95 -38.02 -2.40 -47.68
CA LYS E 95 -39.01 -3.30 -48.30
C LYS E 95 -40.17 -2.58 -48.98
N LEU E 96 -40.60 -1.46 -48.41
CA LEU E 96 -41.81 -0.76 -48.84
C LEU E 96 -41.56 0.34 -49.87
N PRO E 97 -42.60 0.69 -50.67
CA PRO E 97 -42.45 1.80 -51.61
C PRO E 97 -42.11 3.10 -50.87
N THR E 98 -41.24 3.92 -51.46
CA THR E 98 -40.83 5.19 -50.86
C THR E 98 -42.02 6.00 -50.34
N GLN E 99 -43.14 5.97 -51.07
CA GLN E 99 -44.28 6.82 -50.74
C GLN E 99 -45.01 6.46 -49.44
N LYS E 100 -44.73 5.26 -48.92
CA LYS E 100 -45.33 4.78 -47.67
C LYS E 100 -44.44 5.01 -46.43
N THR E 101 -43.21 5.48 -46.66
CA THR E 101 -42.21 5.47 -45.59
C THR E 101 -41.65 6.86 -45.20
N GLU E 102 -42.35 7.91 -45.62
CA GLU E 102 -41.93 9.30 -45.36
C GLU E 102 -41.74 9.58 -43.87
N VAL E 103 -42.69 9.16 -43.04
CA VAL E 103 -42.61 9.36 -41.60
C VAL E 103 -41.50 8.50 -41.00
N PHE E 104 -41.44 7.22 -41.40
CA PHE E 104 -40.36 6.33 -40.92
C PHE E 104 -39.00 6.92 -41.18
N ARG E 105 -38.82 7.46 -42.38
CA ARG E 105 -37.57 8.08 -42.80
C ARG E 105 -37.25 9.28 -41.91
N GLY E 106 -38.29 10.04 -41.51
CA GLY E 106 -38.10 11.17 -40.57
C GLY E 106 -37.62 10.69 -39.21
N VAL E 107 -38.31 9.69 -38.66
CA VAL E 107 -37.90 9.07 -37.39
C VAL E 107 -36.44 8.62 -37.48
N LEU E 108 -36.09 7.91 -38.57
CA LEU E 108 -34.72 7.41 -38.73
C LEU E 108 -33.69 8.52 -38.81
N GLU E 109 -34.05 9.66 -39.40
CA GLU E 109 -33.14 10.80 -39.49
C GLU E 109 -32.82 11.37 -38.12
N GLN E 110 -33.86 11.46 -37.28
CA GLN E 110 -33.71 11.96 -35.92
C GLN E 110 -32.87 10.99 -35.08
N LEU E 111 -33.00 9.69 -35.36
CA LEU E 111 -32.24 8.67 -34.64
C LEU E 111 -30.76 8.55 -35.07
N ARG E 112 -30.41 9.19 -36.19
CA ARG E 112 -29.08 9.05 -36.83
C ARG E 112 -27.87 9.44 -35.96
N TRP E 113 -27.70 10.73 -35.70
CA TRP E 113 -26.64 11.22 -34.81
C TRP E 113 -27.30 11.62 -33.50
N PHE E 114 -27.70 10.58 -32.77
CA PHE E 114 -28.55 10.64 -31.59
C PHE E 114 -27.85 9.73 -30.61
N ALA E 115 -27.18 10.30 -29.63
CA ALA E 115 -26.37 9.50 -28.70
C ALA E 115 -25.42 8.54 -29.45
N GLY E 116 -25.21 7.34 -28.89
CA GLY E 116 -24.44 6.27 -29.55
C GLY E 116 -25.13 4.92 -29.35
N LYS E 117 -24.47 3.83 -29.74
CA LYS E 117 -25.08 2.48 -29.68
C LYS E 117 -25.46 2.08 -28.25
N GLN E 118 -24.61 2.43 -27.28
CA GLN E 118 -24.84 2.11 -25.86
C GLN E 118 -26.17 2.63 -25.34
N VAL E 119 -26.45 3.89 -25.62
CA VAL E 119 -27.66 4.54 -25.13
C VAL E 119 -28.88 4.01 -25.88
N LYS E 120 -28.75 3.88 -27.20
CA LYS E 120 -29.90 3.46 -28.01
C LYS E 120 -30.29 2.00 -27.76
N SER E 121 -29.36 1.17 -27.29
CA SER E 121 -29.67 -0.23 -26.93
C SER E 121 -30.50 -0.40 -25.65
N VAL E 122 -30.51 0.62 -24.78
CA VAL E 122 -31.26 0.51 -23.53
C VAL E 122 -32.38 1.55 -23.39
N ALA E 123 -32.22 2.69 -24.06
CA ALA E 123 -33.23 3.76 -24.02
C ALA E 123 -34.53 3.30 -24.67
N SER E 124 -35.64 3.45 -23.94
CA SER E 124 -36.93 3.03 -24.49
C SER E 124 -37.64 4.16 -25.26
N LEU E 125 -38.56 3.76 -26.14
CA LEU E 125 -39.38 4.69 -26.89
C LEU E 125 -40.32 5.46 -25.96
N GLY E 126 -41.05 4.71 -25.10
CA GLY E 126 -41.97 5.31 -24.13
C GLY E 126 -41.25 6.26 -23.20
N GLY E 127 -40.02 5.90 -22.83
CA GLY E 127 -39.19 6.75 -21.98
C GLY E 127 -38.93 8.12 -22.58
N ASN E 128 -38.54 8.15 -23.86
CA ASN E 128 -38.31 9.44 -24.53
C ASN E 128 -39.60 10.28 -24.60
N ILE E 129 -40.70 9.62 -24.98
CA ILE E 129 -41.99 10.28 -25.07
C ILE E 129 -42.46 10.89 -23.73
N ILE E 130 -42.54 10.07 -22.69
CA ILE E 130 -43.08 10.51 -21.38
C ILE E 130 -42.13 11.46 -20.64
N THR E 131 -40.82 11.36 -20.90
CA THR E 131 -39.85 12.31 -20.33
C THR E 131 -40.24 13.72 -20.75
N ALA E 132 -40.74 13.87 -21.98
CA ALA E 132 -41.26 15.16 -22.46
C ALA E 132 -40.26 16.33 -22.29
N SER E 133 -39.01 16.09 -22.66
CA SER E 133 -37.99 17.14 -22.68
C SER E 133 -38.34 18.13 -23.75
N PRO E 134 -38.18 19.44 -23.47
CA PRO E 134 -38.43 20.46 -24.50
C PRO E 134 -37.61 20.18 -25.75
N ILE E 135 -36.49 19.47 -25.60
CA ILE E 135 -35.58 19.23 -26.73
C ILE E 135 -35.57 17.78 -27.26
N SER E 136 -36.59 17.01 -26.92
CA SER E 136 -36.73 15.66 -27.49
C SER E 136 -36.75 15.75 -29.01
N ASP E 137 -35.97 14.87 -29.65
CA ASP E 137 -35.89 14.82 -31.10
C ASP E 137 -37.05 14.00 -31.71
N LEU E 138 -37.71 13.20 -30.88
CA LEU E 138 -38.78 12.30 -31.35
C LEU E 138 -40.17 12.92 -31.22
N ASN E 139 -40.44 13.60 -30.11
CA ASN E 139 -41.78 14.14 -29.88
C ASN E 139 -42.29 15.09 -30.99
N PRO E 140 -41.41 15.98 -31.56
CA PRO E 140 -41.85 16.79 -32.70
C PRO E 140 -42.27 15.95 -33.92
N VAL E 141 -41.60 14.82 -34.14
CA VAL E 141 -41.86 13.98 -35.29
C VAL E 141 -43.16 13.21 -35.08
N PHE E 142 -43.33 12.69 -33.87
CA PHE E 142 -44.56 12.02 -33.49
C PHE E 142 -45.75 12.97 -33.51
N MET E 143 -45.55 14.21 -33.09
CA MET E 143 -46.63 15.20 -33.09
C MET E 143 -47.02 15.57 -34.52
N ALA E 144 -46.01 15.81 -35.37
CA ALA E 144 -46.24 16.21 -36.77
C ALA E 144 -47.00 15.14 -37.55
N SER E 145 -46.71 13.88 -37.26
CA SER E 145 -47.24 12.72 -37.99
C SER E 145 -48.56 12.20 -37.41
N GLY E 146 -48.91 12.69 -36.22
CA GLY E 146 -50.08 12.21 -35.48
C GLY E 146 -49.97 10.76 -35.01
N THR E 147 -48.75 10.36 -34.68
CA THR E 147 -48.45 9.03 -34.13
C THR E 147 -49.41 8.69 -33.00
N LYS E 148 -49.96 7.47 -33.03
CA LYS E 148 -51.02 7.10 -32.11
C LYS E 148 -50.48 6.44 -30.85
N LEU E 149 -50.94 6.94 -29.71
CA LEU E 149 -50.51 6.46 -28.40
C LEU E 149 -51.62 5.65 -27.77
N THR E 150 -51.29 4.44 -27.33
CA THR E 150 -52.24 3.61 -26.59
C THR E 150 -51.90 3.66 -25.11
N ILE E 151 -52.85 4.16 -24.32
CA ILE E 151 -52.67 4.46 -22.91
C ILE E 151 -53.66 3.66 -22.07
N VAL E 152 -53.14 3.06 -21.01
CA VAL E 152 -53.82 2.02 -20.26
C VAL E 152 -53.66 2.23 -18.76
N SER E 153 -54.73 1.96 -18.01
CA SER E 153 -54.64 1.85 -16.56
C SER E 153 -55.41 0.60 -16.14
N ARG E 154 -55.42 0.32 -14.85
CA ARG E 154 -56.31 -0.70 -14.32
C ARG E 154 -57.72 -0.30 -14.77
N GLY E 155 -58.38 -1.16 -15.52
CA GLY E 155 -59.72 -0.84 -16.04
C GLY E 155 -59.79 -0.13 -17.38
N THR E 156 -59.05 0.97 -17.56
CA THR E 156 -59.23 1.85 -18.72
C THR E 156 -58.20 1.66 -19.84
N ARG E 157 -58.63 1.98 -21.07
CA ARG E 157 -57.81 1.81 -22.28
C ARG E 157 -58.28 2.80 -23.36
N ARG E 158 -57.35 3.59 -23.87
CA ARG E 158 -57.67 4.59 -24.88
C ARG E 158 -56.52 4.76 -25.87
N THR E 159 -56.87 5.14 -27.10
CA THR E 159 -55.88 5.42 -28.14
C THR E 159 -56.12 6.82 -28.70
N VAL E 160 -55.10 7.66 -28.60
CA VAL E 160 -55.15 9.05 -29.05
C VAL E 160 -53.96 9.37 -29.96
N PRO E 161 -54.20 10.10 -31.08
CA PRO E 161 -53.07 10.66 -31.82
C PRO E 161 -52.38 11.73 -30.97
N MET E 162 -51.06 11.79 -31.03
CA MET E 162 -50.34 12.87 -30.37
C MET E 162 -50.62 14.15 -31.14
N ASP E 163 -50.98 15.21 -30.42
CA ASP E 163 -51.09 16.55 -30.99
C ASP E 163 -50.59 17.55 -29.97
N HIS E 164 -50.83 18.83 -30.22
CA HIS E 164 -50.29 19.90 -29.35
C HIS E 164 -50.72 19.75 -27.90
N THR E 165 -51.91 19.20 -27.68
CA THR E 165 -52.49 19.14 -26.33
C THR E 165 -51.85 18.09 -25.43
N PHE E 166 -51.07 17.17 -26.01
CA PHE E 166 -50.49 16.06 -25.24
C PHE E 166 -49.45 16.52 -24.22
N PHE E 167 -48.82 17.67 -24.49
CA PHE E 167 -47.82 18.28 -23.60
C PHE E 167 -48.33 19.63 -23.09
N PRO E 168 -49.01 19.64 -21.93
CA PRO E 168 -49.64 20.89 -21.45
C PRO E 168 -48.66 21.88 -20.80
N SER E 169 -47.64 21.39 -20.13
CA SER E 169 -46.60 22.25 -19.51
C SER E 169 -45.26 21.53 -19.42
N TYR E 170 -44.25 22.25 -18.93
CA TYR E 170 -42.89 21.72 -18.79
C TYR E 170 -42.85 20.32 -18.17
N ARG E 171 -42.24 19.38 -18.92
CA ARG E 171 -42.00 17.98 -18.48
C ARG E 171 -43.27 17.18 -18.15
N LYS E 172 -44.42 17.71 -18.55
CA LYS E 172 -45.71 17.09 -18.28
C LYS E 172 -46.39 16.58 -19.56
N THR E 173 -47.10 15.47 -19.45
CA THR E 173 -47.91 14.93 -20.55
C THR E 173 -49.34 14.71 -20.07
N LEU E 174 -50.25 14.49 -21.01
CA LEU E 174 -51.67 14.29 -20.68
C LEU E 174 -51.93 12.83 -20.27
N LEU E 175 -51.33 12.41 -19.17
CA LEU E 175 -51.55 11.10 -18.59
C LEU E 175 -52.08 11.20 -17.17
N GLY E 176 -53.10 10.40 -16.86
CA GLY E 176 -53.65 10.32 -15.52
C GLY E 176 -52.66 9.67 -14.56
N PRO E 177 -52.79 9.96 -13.25
CA PRO E 177 -51.92 9.38 -12.22
C PRO E 177 -51.76 7.85 -12.29
N GLU E 178 -52.81 7.14 -12.71
CA GLU E 178 -52.77 5.67 -12.72
C GLU E 178 -52.40 5.07 -14.07
N GLU E 179 -52.11 5.92 -15.05
CA GLU E 179 -51.91 5.51 -16.43
C GLU E 179 -50.45 5.27 -16.83
N ILE E 180 -50.26 4.33 -17.76
CA ILE E 180 -48.96 4.09 -18.37
C ILE E 180 -49.15 4.07 -19.88
N LEU E 181 -48.10 4.44 -20.62
CA LEU E 181 -48.07 4.27 -22.07
C LEU E 181 -47.76 2.82 -22.43
N LEU E 182 -48.65 2.21 -23.21
CA LEU E 182 -48.55 0.79 -23.56
C LEU E 182 -47.83 0.56 -24.89
N SER E 183 -48.25 1.29 -25.92
CA SER E 183 -47.69 1.15 -27.26
C SER E 183 -47.82 2.42 -28.08
N ILE E 184 -47.05 2.49 -29.17
CA ILE E 184 -46.94 3.65 -30.04
C ILE E 184 -47.03 3.19 -31.50
N GLU E 185 -47.98 3.72 -32.27
CA GLU E 185 -48.08 3.31 -33.68
C GLU E 185 -47.62 4.43 -34.61
N ILE E 186 -46.48 4.20 -35.26
CA ILE E 186 -45.92 5.13 -36.23
C ILE E 186 -46.54 4.84 -37.60
N PRO E 187 -47.21 5.85 -38.19
CA PRO E 187 -48.01 5.66 -39.42
C PRO E 187 -47.22 5.53 -40.71
N TYR E 188 -47.76 4.74 -41.65
CA TYR E 188 -47.33 4.82 -43.05
C TYR E 188 -47.79 6.18 -43.58
N SER E 189 -47.02 6.74 -44.50
CA SER E 189 -47.44 7.95 -45.21
C SER E 189 -48.36 7.60 -46.39
N ARG E 190 -49.30 8.50 -46.68
CA ARG E 190 -50.31 8.29 -47.73
C ARG E 190 -49.81 8.85 -49.05
N GLU E 191 -50.56 8.61 -50.13
CA GLU E 191 -50.31 9.30 -51.40
C GLU E 191 -50.40 10.80 -51.20
N ASP E 192 -49.57 11.57 -51.93
CA ASP E 192 -49.55 13.05 -51.83
C ASP E 192 -49.15 13.59 -50.44
N GLU E 193 -48.55 12.73 -49.60
CA GLU E 193 -48.15 13.11 -48.25
C GLU E 193 -46.64 13.00 -48.11
N PHE E 194 -46.02 14.06 -47.61
CA PHE E 194 -44.57 14.15 -47.51
C PHE E 194 -44.13 14.63 -46.13
N PHE E 195 -42.92 14.26 -45.73
CA PHE E 195 -42.48 14.45 -44.36
C PHE E 195 -40.98 14.72 -44.31
N SER E 196 -40.56 15.59 -43.39
CA SER E 196 -39.13 15.83 -43.16
C SER E 196 -38.89 16.04 -41.67
N ALA E 197 -37.66 15.77 -41.23
CA ALA E 197 -37.27 16.08 -39.85
C ALA E 197 -35.88 16.68 -39.86
N PHE E 198 -35.65 17.66 -38.99
CA PHE E 198 -34.37 18.36 -38.89
C PHE E 198 -33.99 18.60 -37.42
N LYS E 199 -32.70 18.78 -37.17
CA LYS E 199 -32.24 19.14 -35.83
C LYS E 199 -30.96 19.97 -35.85
N GLN E 200 -30.91 20.91 -34.91
CA GLN E 200 -29.73 21.73 -34.61
C GLN E 200 -28.57 20.84 -34.25
N ALA E 201 -27.38 21.20 -34.70
CA ALA E 201 -26.19 20.36 -34.51
C ALA E 201 -25.28 20.88 -33.38
N SER E 202 -25.86 21.66 -32.47
CA SER E 202 -25.15 22.10 -31.27
C SER E 202 -26.07 22.00 -30.06
N ARG E 203 -25.48 21.73 -28.90
CA ARG E 203 -26.22 21.75 -27.65
C ARG E 203 -25.40 22.46 -26.59
N ARG E 204 -26.04 23.40 -25.92
CA ARG E 204 -25.38 24.27 -24.94
C ARG E 204 -25.99 24.13 -23.55
N GLU E 205 -27.30 23.88 -23.48
CA GLU E 205 -28.01 23.74 -22.21
C GLU E 205 -28.51 22.31 -22.05
N ASP E 206 -28.83 21.93 -20.81
CA ASP E 206 -29.20 20.54 -20.48
C ASP E 206 -30.47 20.05 -21.18
N ASP E 207 -31.52 20.86 -21.18
CA ASP E 207 -32.81 20.43 -21.74
C ASP E 207 -33.62 21.52 -22.44
N ILE E 208 -32.93 22.57 -22.90
CA ILE E 208 -33.61 23.68 -23.59
C ILE E 208 -32.80 24.20 -24.77
N ALA E 209 -33.48 24.89 -25.68
CA ALA E 209 -32.85 25.70 -26.73
C ALA E 209 -31.99 24.94 -27.74
N LYS E 210 -32.41 23.72 -28.07
CA LYS E 210 -31.91 23.00 -29.22
C LYS E 210 -33.08 22.81 -30.19
N VAL E 211 -33.06 23.53 -31.31
CA VAL E 211 -34.15 23.45 -32.31
C VAL E 211 -34.18 22.10 -33.04
N THR E 212 -35.35 21.48 -33.01
CA THR E 212 -35.55 20.17 -33.65
C THR E 212 -36.99 20.15 -34.11
N CYS E 213 -37.27 19.52 -35.25
CA CYS E 213 -38.60 19.62 -35.84
C CYS E 213 -39.06 18.40 -36.63
N GLY E 214 -40.38 18.28 -36.75
CA GLY E 214 -41.00 17.38 -37.71
C GLY E 214 -41.98 18.23 -38.52
N MET E 215 -42.07 17.91 -39.80
CA MET E 215 -42.84 18.73 -40.75
C MET E 215 -43.56 17.81 -41.73
N ARG E 216 -44.87 18.01 -41.86
CA ARG E 216 -45.70 17.16 -42.70
C ARG E 216 -46.64 17.99 -43.57
N VAL E 217 -46.76 17.60 -44.84
CA VAL E 217 -47.77 18.18 -45.72
C VAL E 217 -48.56 17.07 -46.41
N LEU E 218 -49.88 17.28 -46.51
CA LEU E 218 -50.76 16.42 -47.32
C LEU E 218 -51.48 17.31 -48.32
N PHE E 219 -51.31 16.98 -49.60
CA PHE E 219 -51.95 17.71 -50.69
C PHE E 219 -53.25 17.03 -51.14
N GLN E 220 -54.11 17.79 -51.84
CA GLN E 220 -55.25 17.20 -52.53
C GLN E 220 -54.72 16.29 -53.65
N PRO E 221 -55.43 15.17 -53.93
CA PRO E 221 -54.92 14.15 -54.86
C PRO E 221 -54.34 14.74 -56.14
N GLY E 222 -53.12 14.34 -56.48
CA GLY E 222 -52.41 14.76 -57.69
C GLY E 222 -52.15 16.24 -57.86
N SER E 223 -52.26 17.00 -56.77
CA SER E 223 -52.13 18.47 -56.83
C SER E 223 -51.04 19.02 -55.93
N MET E 224 -50.81 20.33 -56.03
CA MET E 224 -49.92 21.08 -55.15
C MET E 224 -50.72 21.98 -54.19
N GLN E 225 -51.98 21.61 -53.96
CA GLN E 225 -52.85 22.38 -53.09
C GLN E 225 -52.92 21.74 -51.70
N VAL E 226 -52.50 22.51 -50.69
CA VAL E 226 -52.38 22.01 -49.31
C VAL E 226 -53.75 21.60 -48.73
N LYS E 227 -53.82 20.38 -48.22
CA LYS E 227 -55.01 19.89 -47.49
C LYS E 227 -54.73 19.87 -45.99
N GLU E 228 -53.54 19.41 -45.60
CA GLU E 228 -53.08 19.44 -44.21
C GLU E 228 -51.61 19.88 -44.17
N LEU E 229 -51.23 20.61 -43.13
CA LEU E 229 -49.85 21.04 -42.92
C LEU E 229 -49.60 21.05 -41.42
N ALA E 230 -48.47 20.47 -41.01
CA ALA E 230 -48.13 20.40 -39.60
C ALA E 230 -46.65 20.69 -39.45
N LEU E 231 -46.35 21.70 -38.63
CA LEU E 231 -44.97 22.08 -38.34
C LEU E 231 -44.79 22.10 -36.83
N CYS E 232 -44.07 21.11 -36.29
CA CYS E 232 -43.86 20.96 -34.84
C CYS E 232 -42.38 21.11 -34.49
N TYR E 233 -42.11 21.84 -33.41
CA TYR E 233 -40.75 22.20 -33.03
C TYR E 233 -40.48 21.89 -31.56
N GLY E 234 -39.28 21.37 -31.30
CA GLY E 234 -38.72 21.39 -29.95
C GLY E 234 -37.71 22.53 -29.86
N GLY E 235 -37.26 22.83 -28.65
CA GLY E 235 -36.22 23.83 -28.43
C GLY E 235 -36.62 25.29 -28.61
N MET E 236 -37.93 25.54 -28.68
CA MET E 236 -38.47 26.91 -28.89
C MET E 236 -39.39 27.38 -27.75
N ALA E 237 -39.54 26.52 -26.75
CA ALA E 237 -40.40 26.76 -25.61
C ALA E 237 -40.06 25.68 -24.57
N ASP E 238 -40.79 25.68 -23.46
CA ASP E 238 -40.54 24.72 -22.39
C ASP E 238 -41.20 23.36 -22.67
N ARG E 239 -41.70 23.20 -23.89
CA ARG E 239 -42.33 21.97 -24.36
C ARG E 239 -42.33 21.91 -25.88
N THR E 240 -42.60 20.73 -26.44
CA THR E 240 -42.84 20.59 -27.87
C THR E 240 -44.12 21.33 -28.25
N ILE E 241 -44.02 22.18 -29.27
CA ILE E 241 -45.15 23.00 -29.73
C ILE E 241 -45.43 22.88 -31.23
N SER E 242 -46.66 23.24 -31.62
CA SER E 242 -47.06 23.25 -33.02
C SER E 242 -47.32 24.68 -33.50
N ALA E 243 -46.88 24.99 -34.73
CA ALA E 243 -47.13 26.31 -35.30
C ALA E 243 -48.55 26.35 -35.92
N LEU E 244 -49.54 26.15 -35.05
CA LEU E 244 -50.96 25.95 -35.43
C LEU E 244 -51.56 27.12 -36.19
N LYS E 245 -51.26 28.33 -35.73
CA LYS E 245 -51.79 29.56 -36.35
C LYS E 245 -51.27 29.71 -37.77
N THR E 246 -49.95 29.53 -37.93
CA THR E 246 -49.29 29.63 -39.23
C THR E 246 -49.81 28.62 -40.25
N THR E 247 -49.90 27.35 -39.84
CA THR E 247 -50.27 26.28 -40.77
C THR E 247 -51.76 26.30 -41.13
N GLN E 248 -52.60 26.76 -40.20
CA GLN E 248 -54.03 26.92 -40.45
C GLN E 248 -54.29 27.93 -41.57
N LYS E 249 -53.41 28.93 -41.68
CA LYS E 249 -53.51 29.97 -42.70
C LYS E 249 -53.18 29.47 -44.12
N GLN E 250 -52.47 28.35 -44.22
CA GLN E 250 -52.00 27.82 -45.51
C GLN E 250 -52.90 26.77 -46.17
N LEU E 251 -53.99 26.41 -45.51
CA LEU E 251 -54.88 25.37 -46.04
C LEU E 251 -55.60 25.82 -47.31
N SER E 252 -55.73 24.88 -48.24
CA SER E 252 -56.18 25.10 -49.63
C SER E 252 -55.34 26.11 -50.45
N LYS E 253 -54.16 26.47 -49.94
CA LYS E 253 -53.19 27.27 -50.71
C LYS E 253 -52.27 26.36 -51.53
N PHE E 254 -51.64 26.93 -52.55
CA PHE E 254 -50.71 26.18 -53.40
C PHE E 254 -49.25 26.29 -52.93
N TRP E 255 -48.46 25.26 -53.20
CA TRP E 255 -47.06 25.18 -52.77
C TRP E 255 -46.14 26.04 -53.67
N ASN E 256 -46.06 27.33 -53.37
CA ASN E 256 -45.28 28.27 -54.16
C ASN E 256 -44.53 29.27 -53.29
N GLU E 257 -43.84 30.22 -53.93
CA GLU E 257 -43.06 31.23 -53.22
C GLU E 257 -43.86 32.12 -52.29
N LYS E 258 -45.11 32.37 -52.64
CA LYS E 258 -46.02 33.13 -51.77
C LYS E 258 -46.25 32.37 -50.46
N LEU E 259 -46.41 31.04 -50.56
CA LEU E 259 -46.59 30.19 -49.39
C LEU E 259 -45.33 30.23 -48.52
N LEU E 260 -44.17 30.09 -49.15
CA LEU E 260 -42.88 30.23 -48.47
C LEU E 260 -42.80 31.51 -47.62
N GLN E 261 -43.10 32.66 -48.23
CA GLN E 261 -43.08 33.94 -47.53
C GLN E 261 -44.04 34.00 -46.35
N ASP E 262 -45.28 33.59 -46.61
CA ASP E 262 -46.35 33.63 -45.62
C ASP E 262 -46.04 32.72 -44.42
N VAL E 263 -45.48 31.55 -44.69
CA VAL E 263 -45.12 30.63 -43.59
C VAL E 263 -43.97 31.24 -42.79
N CYS E 264 -42.91 31.68 -43.46
CA CYS E 264 -41.78 32.32 -42.79
C CYS E 264 -42.24 33.52 -41.94
N ALA E 265 -43.14 34.33 -42.51
CA ALA E 265 -43.75 35.45 -41.77
C ALA E 265 -44.51 34.93 -40.56
N GLY E 266 -45.31 33.88 -40.76
CA GLY E 266 -46.07 33.26 -39.67
C GLY E 266 -45.21 32.71 -38.55
N LEU E 267 -44.12 32.02 -38.91
CA LEU E 267 -43.21 31.42 -37.93
C LEU E 267 -42.45 32.46 -37.11
N ALA E 268 -42.04 33.54 -37.78
CA ALA E 268 -41.32 34.64 -37.15
C ALA E 268 -42.15 35.31 -36.05
N GLU E 269 -43.47 35.34 -36.25
CA GLU E 269 -44.38 35.92 -35.26
C GLU E 269 -44.89 34.90 -34.23
N GLU E 270 -45.38 33.75 -34.72
CA GLU E 270 -45.96 32.74 -33.85
C GLU E 270 -44.93 32.17 -32.85
N LEU E 271 -43.68 32.02 -33.29
CA LEU E 271 -42.64 31.39 -32.47
C LEU E 271 -41.61 32.40 -31.93
N SER E 272 -41.93 33.70 -31.99
CA SER E 272 -40.98 34.73 -31.58
C SER E 272 -40.50 34.56 -30.15
N LEU E 273 -39.20 34.77 -29.96
CA LEU E 273 -38.56 34.59 -28.65
C LEU E 273 -38.33 35.94 -27.98
N SER E 274 -38.64 36.02 -26.69
CA SER E 274 -38.32 37.19 -25.91
C SER E 274 -36.80 37.30 -25.80
N PRO E 275 -36.26 38.54 -25.71
CA PRO E 275 -34.81 38.74 -25.63
C PRO E 275 -34.18 37.96 -24.47
N ASP E 276 -34.99 37.64 -23.46
CA ASP E 276 -34.53 36.90 -22.28
C ASP E 276 -35.05 35.47 -22.26
N ALA E 277 -35.38 34.92 -23.43
CA ALA E 277 -35.87 33.54 -23.49
C ALA E 277 -34.78 32.61 -22.97
N PRO E 278 -35.15 31.65 -22.10
CA PRO E 278 -34.18 30.68 -21.58
C PRO E 278 -33.37 30.02 -22.69
N GLY E 279 -32.06 29.94 -22.51
CA GLY E 279 -31.18 29.28 -23.47
C GLY E 279 -30.47 30.18 -24.47
N GLY E 280 -30.92 31.43 -24.61
CA GLY E 280 -30.27 32.39 -25.52
C GLY E 280 -30.26 31.92 -26.97
N MET E 281 -29.19 32.26 -27.69
CA MET E 281 -29.07 31.96 -29.13
C MET E 281 -30.35 32.36 -29.88
N ILE E 282 -30.94 33.49 -29.47
CA ILE E 282 -32.23 33.98 -29.96
C ILE E 282 -32.31 34.08 -31.48
N GLU E 283 -31.30 34.71 -32.07
CA GLU E 283 -31.26 34.93 -33.52
C GLU E 283 -31.06 33.62 -34.28
N PHE E 284 -30.12 32.81 -33.81
CA PHE E 284 -29.84 31.48 -34.39
C PHE E 284 -31.09 30.62 -34.41
N ARG E 285 -31.79 30.52 -33.27
CA ARG E 285 -32.96 29.65 -33.22
C ARG E 285 -34.07 30.11 -34.17
N ARG E 286 -34.30 31.43 -34.21
CA ARG E 286 -35.33 31.98 -35.10
C ARG E 286 -35.00 31.65 -36.55
N THR E 287 -33.74 31.88 -36.92
CA THR E 287 -33.23 31.61 -38.25
C THR E 287 -33.36 30.12 -38.63
N LEU E 288 -33.05 29.24 -37.67
CA LEU E 288 -33.23 27.80 -37.88
C LEU E 288 -34.68 27.39 -38.17
N THR E 289 -35.65 27.98 -37.45
CA THR E 289 -37.07 27.63 -37.69
C THR E 289 -37.49 27.93 -39.11
N LEU E 290 -37.04 29.07 -39.64
CA LEU E 290 -37.34 29.43 -41.03
C LEU E 290 -36.49 28.63 -42.02
N SER E 291 -35.23 28.38 -41.67
CA SER E 291 -34.30 27.68 -42.57
C SER E 291 -34.69 26.20 -42.74
N PHE E 292 -35.10 25.58 -41.63
CA PHE E 292 -35.64 24.22 -41.68
C PHE E 292 -36.88 24.16 -42.58
N PHE E 293 -37.77 25.14 -42.44
CA PHE E 293 -38.95 25.14 -43.31
C PHE E 293 -38.58 25.31 -44.78
N PHE E 294 -37.62 26.19 -45.07
CA PHE E 294 -37.14 26.36 -46.45
C PHE E 294 -36.61 25.05 -47.00
N LYS E 295 -35.86 24.31 -46.18
CA LYS E 295 -35.37 23.00 -46.62
C LYS E 295 -36.52 22.03 -46.92
N PHE E 296 -37.52 21.99 -46.05
CA PHE E 296 -38.76 21.23 -46.25
C PHE E 296 -39.46 21.66 -47.54
N TYR E 297 -39.65 22.97 -47.67
CA TYR E 297 -40.27 23.58 -48.86
C TYR E 297 -39.63 23.06 -50.15
N LEU E 298 -38.30 23.15 -50.21
CA LEU E 298 -37.55 22.71 -51.39
C LEU E 298 -37.62 21.20 -51.62
N THR E 299 -37.53 20.44 -50.53
CA THR E 299 -37.60 18.98 -50.58
C THR E 299 -38.94 18.51 -51.11
N VAL E 300 -40.03 19.10 -50.60
CA VAL E 300 -41.38 18.84 -51.10
C VAL E 300 -41.49 19.13 -52.60
N LEU E 301 -40.97 20.27 -53.06
CA LEU E 301 -40.99 20.60 -54.50
C LEU E 301 -40.32 19.53 -55.34
N LYS E 302 -39.21 18.99 -54.83
CA LYS E 302 -38.43 17.94 -55.51
C LYS E 302 -39.20 16.60 -55.53
N LYS E 303 -39.87 16.29 -54.43
CA LYS E 303 -40.71 15.09 -54.32
C LYS E 303 -41.97 15.19 -55.19
N LEU E 304 -42.33 16.42 -55.57
CA LEU E 304 -43.43 16.67 -56.50
C LEU E 304 -43.00 16.68 -57.96
N GLY E 305 -41.69 16.78 -58.20
CA GLY E 305 -41.12 16.94 -59.54
C GLY E 305 -41.48 15.83 -60.51
N ASP F 1 18.95 -1.37 -30.95
CA ASP F 1 18.65 0.08 -31.14
C ASP F 1 17.29 0.30 -31.83
N THR F 2 16.33 0.85 -31.08
CA THR F 2 14.97 1.05 -31.59
C THR F 2 14.67 2.52 -31.82
N VAL F 3 15.64 3.40 -31.55
CA VAL F 3 15.45 4.84 -31.71
C VAL F 3 15.23 5.16 -33.18
N GLY F 4 14.10 5.79 -33.50
CA GLY F 4 13.68 6.02 -34.86
C GLY F 4 12.69 4.99 -35.40
N ARG F 5 12.38 3.97 -34.58
CA ARG F 5 11.38 2.95 -34.96
C ARG F 5 10.02 3.19 -34.32
N PRO F 6 8.94 2.77 -35.01
CA PRO F 6 7.57 2.94 -34.52
C PRO F 6 7.17 1.91 -33.45
N LEU F 7 7.92 1.88 -32.35
CA LEU F 7 7.61 0.95 -31.25
C LEU F 7 6.30 1.40 -30.60
N PRO F 8 5.30 0.48 -30.48
CA PRO F 8 4.08 0.83 -29.76
C PRO F 8 4.37 1.26 -28.32
N HIS F 9 3.54 2.17 -27.80
CA HIS F 9 3.53 2.56 -26.38
C HIS F 9 3.65 1.31 -25.50
N LEU F 10 4.61 1.30 -24.58
CA LEU F 10 4.90 0.12 -23.77
C LEU F 10 3.73 -0.45 -23.00
N ALA F 11 2.80 0.41 -22.56
CA ALA F 11 1.65 -0.06 -21.79
C ALA F 11 0.40 -0.31 -22.65
N ALA F 12 0.50 -0.16 -23.98
CA ALA F 12 -0.72 -0.23 -24.81
C ALA F 12 -1.51 -1.54 -24.66
N ALA F 13 -0.81 -2.67 -24.61
CA ALA F 13 -1.48 -3.97 -24.51
C ALA F 13 -2.24 -4.08 -23.19
N MET F 14 -1.62 -3.59 -22.11
CA MET F 14 -2.30 -3.63 -20.81
C MET F 14 -3.43 -2.61 -20.73
N GLN F 15 -3.32 -1.54 -21.49
CA GLN F 15 -4.40 -0.55 -21.57
C GLN F 15 -5.62 -1.15 -22.30
N ALA F 16 -5.34 -1.92 -23.36
CA ALA F 16 -6.42 -2.56 -24.13
C ALA F 16 -7.08 -3.69 -23.36
N SER F 17 -6.34 -4.28 -22.42
CA SER F 17 -6.82 -5.39 -21.61
C SER F 17 -7.47 -4.97 -20.27
N GLY F 18 -7.38 -3.69 -19.93
CA GLY F 18 -7.91 -3.18 -18.66
C GLY F 18 -7.06 -3.58 -17.45
N GLU F 19 -5.83 -4.03 -17.71
CA GLU F 19 -4.87 -4.41 -16.67
C GLU F 19 -4.03 -3.21 -16.20
N ALA F 20 -3.85 -2.20 -17.05
CA ALA F 20 -3.13 -0.99 -16.65
C ALA F 20 -3.87 -0.34 -15.48
N VAL F 21 -3.11 -0.01 -14.45
CA VAL F 21 -3.71 0.51 -13.24
C VAL F 21 -3.63 2.05 -13.23
N TYR F 22 -4.80 2.69 -13.11
CA TYR F 22 -4.89 4.15 -12.86
C TYR F 22 -5.22 4.38 -11.39
N CYS F 23 -5.10 5.62 -10.93
CA CYS F 23 -5.21 5.91 -9.50
C CYS F 23 -6.38 5.22 -8.80
N ASP F 24 -7.62 5.42 -9.29
CA ASP F 24 -8.79 4.83 -8.61
C ASP F 24 -8.89 3.30 -8.72
N ASP F 25 -8.07 2.73 -9.61
CA ASP F 25 -8.02 1.27 -9.81
C ASP F 25 -7.23 0.60 -8.69
N ILE F 26 -6.44 1.39 -7.97
CA ILE F 26 -5.68 0.83 -6.83
C ILE F 26 -6.65 0.25 -5.77
N PRO F 27 -6.42 -0.99 -5.29
CA PRO F 27 -7.37 -1.54 -4.30
C PRO F 27 -7.49 -0.63 -3.07
N ARG F 28 -8.64 -0.71 -2.42
CA ARG F 28 -8.89 0.09 -1.23
C ARG F 28 -8.45 -0.69 0.03
N TYR F 29 -7.84 0.01 0.99
CA TYR F 29 -7.62 -0.58 2.30
C TYR F 29 -8.97 -0.84 2.98
N GLU F 30 -8.95 -1.80 3.90
CA GLU F 30 -10.16 -2.20 4.66
C GLU F 30 -10.84 -0.99 5.31
N ASN F 31 -10.02 -0.05 5.78
CA ASN F 31 -10.46 1.09 6.57
C ASN F 31 -10.48 2.41 5.77
N GLU F 32 -10.31 2.31 4.46
CA GLU F 32 -10.19 3.49 3.60
C GLU F 32 -11.51 4.23 3.45
N LEU F 33 -11.46 5.56 3.54
CA LEU F 33 -12.66 6.42 3.49
C LEU F 33 -12.67 7.25 2.20
N PHE F 34 -13.80 7.93 1.95
CA PHE F 34 -13.99 8.67 0.69
C PHE F 34 -14.33 10.12 0.96
N LEU F 35 -13.73 11.02 0.17
CA LEU F 35 -13.95 12.45 0.33
C LEU F 35 -14.73 13.04 -0.83
N ARG F 36 -15.62 13.99 -0.51
CA ARG F 36 -16.31 14.78 -1.51
C ARG F 36 -16.24 16.25 -1.15
N LEU F 37 -15.76 17.07 -2.08
CA LEU F 37 -15.62 18.50 -1.85
C LEU F 37 -16.97 19.21 -1.73
N VAL F 38 -17.01 20.21 -0.85
CA VAL F 38 -18.18 21.08 -0.70
C VAL F 38 -17.77 22.43 -1.29
N THR F 39 -18.57 22.94 -2.23
CA THR F 39 -18.16 23.98 -3.12
C THR F 39 -19.14 25.19 -3.18
N SER F 40 -18.61 26.40 -3.40
CA SER F 40 -19.43 27.61 -3.49
C SER F 40 -20.44 27.59 -4.65
N THR F 41 -21.67 28.02 -4.38
CA THR F 41 -22.66 28.18 -5.45
C THR F 41 -22.82 29.64 -5.87
N ARG F 42 -21.98 30.51 -5.31
CA ARG F 42 -21.99 31.95 -5.59
C ARG F 42 -20.64 32.46 -6.15
N ALA F 43 -20.70 33.38 -7.10
CA ALA F 43 -19.49 33.94 -7.72
C ALA F 43 -18.69 34.77 -6.72
N HIS F 44 -19.37 35.51 -5.85
CA HIS F 44 -18.67 36.33 -4.85
C HIS F 44 -19.63 36.60 -3.70
N ALA F 45 -19.25 36.18 -2.50
CA ALA F 45 -20.15 36.26 -1.35
C ALA F 45 -19.41 36.06 -0.03
N LYS F 46 -19.97 36.63 1.03
CA LYS F 46 -19.51 36.33 2.39
C LYS F 46 -20.14 35.00 2.78
N ILE F 47 -19.38 34.15 3.47
CA ILE F 47 -19.96 32.93 4.06
C ILE F 47 -20.56 33.30 5.42
N LYS F 48 -21.88 33.17 5.54
CA LYS F 48 -22.59 33.55 6.77
C LYS F 48 -22.63 32.41 7.77
N SER F 49 -22.92 31.20 7.28
CA SER F 49 -23.04 30.02 8.12
C SER F 49 -22.90 28.74 7.31
N ILE F 50 -22.46 27.67 7.96
CA ILE F 50 -22.43 26.33 7.36
C ILE F 50 -23.15 25.37 8.31
N ASP F 51 -24.19 24.71 7.79
CA ASP F 51 -25.00 23.77 8.58
C ASP F 51 -24.79 22.34 8.09
N VAL F 52 -24.30 21.47 8.98
CA VAL F 52 -24.02 20.06 8.63
C VAL F 52 -24.99 19.02 9.23
N SER F 53 -26.01 19.51 9.94
CA SER F 53 -26.96 18.64 10.65
C SER F 53 -27.67 17.61 9.79
N GLU F 54 -27.97 17.95 8.54
CA GLU F 54 -28.56 16.98 7.59
C GLU F 54 -27.52 15.99 7.07
N ALA F 55 -26.32 16.47 6.77
CA ALA F 55 -25.23 15.58 6.34
C ALA F 55 -24.93 14.49 7.39
N GLN F 56 -25.00 14.86 8.67
CA GLN F 56 -24.74 13.94 9.79
C GLN F 56 -25.74 12.77 9.87
N LYS F 57 -26.89 12.92 9.23
CA LYS F 57 -27.92 11.87 9.23
C LYS F 57 -27.74 10.85 8.11
N VAL F 58 -26.75 11.07 7.25
CA VAL F 58 -26.49 10.16 6.13
C VAL F 58 -25.71 8.96 6.64
N PRO F 59 -26.19 7.74 6.34
CA PRO F 59 -25.45 6.54 6.74
C PRO F 59 -23.99 6.61 6.28
N GLY F 60 -23.07 6.30 7.19
CA GLY F 60 -21.64 6.24 6.85
C GLY F 60 -20.89 7.56 6.89
N PHE F 61 -21.59 8.66 7.22
CA PHE F 61 -20.96 9.95 7.42
C PHE F 61 -19.90 9.88 8.53
N VAL F 62 -18.72 10.41 8.23
CA VAL F 62 -17.61 10.43 9.21
C VAL F 62 -17.42 11.85 9.82
N CYS F 63 -17.16 12.83 8.96
CA CYS F 63 -16.94 14.20 9.40
C CYS F 63 -17.06 15.20 8.26
N PHE F 64 -17.21 16.46 8.63
CA PHE F 64 -17.08 17.60 7.72
C PHE F 64 -15.81 18.38 8.08
N LEU F 65 -14.97 18.62 7.07
CA LEU F 65 -13.70 19.35 7.22
C LEU F 65 -13.81 20.76 6.65
N SER F 66 -13.24 21.72 7.38
CA SER F 66 -13.27 23.11 6.99
C SER F 66 -11.92 23.76 7.35
N ALA F 67 -11.78 25.04 7.03
CA ALA F 67 -10.52 25.76 7.27
C ALA F 67 -9.99 25.59 8.70
N ASP F 68 -10.90 25.50 9.68
CA ASP F 68 -10.51 25.38 11.09
C ASP F 68 -9.80 24.07 11.47
N ASP F 69 -9.93 23.05 10.61
CA ASP F 69 -9.32 21.74 10.83
C ASP F 69 -7.85 21.63 10.40
N ILE F 70 -7.39 22.61 9.63
CA ILE F 70 -6.03 22.61 9.09
C ILE F 70 -4.99 22.88 10.17
N PRO F 71 -4.02 21.96 10.34
CA PRO F 71 -3.00 22.10 11.40
C PRO F 71 -1.82 23.02 11.07
N GLY F 72 -1.57 23.21 9.78
CA GLY F 72 -0.40 23.92 9.31
C GLY F 72 -0.70 25.29 8.77
N SER F 73 -1.12 25.37 7.51
CA SER F 73 -1.41 26.64 6.85
C SER F 73 -2.57 26.50 5.87
N ASN F 74 -3.44 27.52 5.85
CA ASN F 74 -4.53 27.58 4.88
C ASN F 74 -4.13 28.41 3.65
N GLU F 75 -2.85 28.78 3.54
CA GLU F 75 -2.38 29.59 2.41
C GLU F 75 -1.71 28.68 1.39
N THR F 76 -2.19 28.70 0.16
CA THR F 76 -1.72 27.72 -0.82
C THR F 76 -1.70 28.34 -2.22
N GLY F 77 -1.38 27.50 -3.21
CA GLY F 77 -1.30 27.96 -4.59
C GLY F 77 0.07 28.46 -4.96
N LEU F 78 0.36 28.45 -6.25
CA LEU F 78 1.67 28.80 -6.79
C LEU F 78 2.19 30.13 -6.24
N PHE F 79 1.32 31.13 -6.15
CA PHE F 79 1.72 32.46 -5.66
C PHE F 79 1.15 32.80 -4.30
N ASN F 80 0.76 31.75 -3.57
CA ASN F 80 0.34 31.87 -2.17
C ASN F 80 -0.85 32.81 -2.01
N ASP F 81 -1.73 32.79 -3.01
CA ASP F 81 -2.89 33.69 -3.06
C ASP F 81 -4.21 32.92 -3.05
N GLU F 82 -4.13 31.65 -2.66
CA GLU F 82 -5.30 30.82 -2.55
C GLU F 82 -5.48 30.29 -1.13
N THR F 83 -6.72 29.89 -0.84
CA THR F 83 -7.03 29.13 0.36
C THR F 83 -7.13 27.64 0.02
N VAL F 84 -6.76 26.76 0.96
CA VAL F 84 -7.09 25.35 0.86
C VAL F 84 -8.61 25.21 0.96
N PHE F 85 -9.17 25.79 2.03
CA PHE F 85 -10.63 25.87 2.25
C PHE F 85 -10.99 27.34 2.49
N ALA F 86 -11.98 27.85 1.76
CA ALA F 86 -12.44 29.24 1.92
C ALA F 86 -12.88 29.50 3.34
N LYS F 87 -12.55 30.69 3.85
CA LYS F 87 -12.83 30.96 5.26
C LYS F 87 -14.02 31.91 5.47
N ASP F 88 -13.86 33.15 5.00
CA ASP F 88 -14.90 34.14 5.25
C ASP F 88 -15.66 34.53 3.99
N THR F 89 -14.98 34.43 2.84
CA THR F 89 -15.57 34.77 1.55
C THR F 89 -15.26 33.73 0.47
N VAL F 90 -16.23 33.53 -0.42
CA VAL F 90 -16.05 32.73 -1.62
C VAL F 90 -15.84 33.68 -2.80
N THR F 91 -15.00 33.28 -3.76
CA THR F 91 -14.65 34.20 -4.84
C THR F 91 -14.83 33.62 -6.25
N CYS F 92 -15.48 32.46 -6.33
CA CYS F 92 -15.99 31.92 -7.58
C CYS F 92 -17.00 30.81 -7.28
N VAL F 93 -17.86 30.54 -8.26
CA VAL F 93 -18.71 29.34 -8.20
C VAL F 93 -17.72 28.17 -8.36
N GLY F 94 -17.78 27.19 -7.45
CA GLY F 94 -16.78 26.11 -7.47
C GLY F 94 -15.67 26.27 -6.43
N HIS F 95 -15.59 27.47 -5.81
CA HIS F 95 -14.61 27.73 -4.75
C HIS F 95 -14.77 26.71 -3.61
N ILE F 96 -13.69 26.01 -3.29
CA ILE F 96 -13.75 24.93 -2.26
C ILE F 96 -13.92 25.52 -0.86
N ILE F 97 -15.04 25.15 -0.22
CA ILE F 97 -15.39 25.61 1.14
C ILE F 97 -14.97 24.58 2.22
N GLY F 98 -15.10 23.29 1.90
CA GLY F 98 -14.74 22.25 2.84
C GLY F 98 -14.90 20.89 2.17
N ALA F 99 -15.03 19.84 2.97
CA ALA F 99 -15.17 18.49 2.42
C ALA F 99 -15.91 17.58 3.39
N VAL F 100 -16.67 16.65 2.83
CA VAL F 100 -17.27 15.59 3.63
C VAL F 100 -16.46 14.32 3.45
N VAL F 101 -16.32 13.57 4.54
CA VAL F 101 -15.68 12.26 4.53
C VAL F 101 -16.74 11.22 4.93
N ALA F 102 -16.81 10.12 4.19
CA ALA F 102 -17.78 9.06 4.47
C ALA F 102 -17.22 7.69 4.09
N ASP F 103 -17.96 6.63 4.42
CA ASP F 103 -17.46 5.26 4.23
C ASP F 103 -17.58 4.71 2.81
N THR F 104 -18.35 5.38 1.96
CA THR F 104 -18.44 5.05 0.51
C THR F 104 -18.52 6.34 -0.32
N PRO F 105 -18.11 6.29 -1.61
CA PRO F 105 -18.27 7.48 -2.43
C PRO F 105 -19.73 7.92 -2.58
N GLU F 106 -20.64 6.96 -2.58
CA GLU F 106 -22.07 7.26 -2.70
C GLU F 106 -22.57 8.03 -1.49
N HIS F 107 -22.15 7.61 -0.29
CA HIS F 107 -22.54 8.31 0.94
C HIS F 107 -21.92 9.72 1.03
N ALA F 108 -20.67 9.85 0.57
CA ALA F 108 -20.01 11.16 0.52
C ALA F 108 -20.74 12.12 -0.42
N GLU F 109 -21.17 11.59 -1.57
CA GLU F 109 -21.96 12.36 -2.54
C GLU F 109 -23.26 12.82 -1.89
N ARG F 110 -23.98 11.88 -1.27
CA ARG F 110 -25.24 12.21 -0.58
C ARG F 110 -25.08 13.28 0.50
N ALA F 111 -24.05 13.14 1.33
CA ALA F 111 -23.86 14.05 2.46
C ALA F 111 -23.47 15.44 1.98
N ALA F 112 -22.58 15.50 0.98
CA ALA F 112 -22.10 16.79 0.45
C ALA F 112 -23.29 17.63 -0.04
N HIS F 113 -24.24 16.96 -0.70
CA HIS F 113 -25.39 17.64 -1.33
C HIS F 113 -26.31 18.32 -0.33
N VAL F 114 -26.36 17.80 0.89
CA VAL F 114 -27.22 18.39 1.93
C VAL F 114 -26.49 19.28 2.95
N VAL F 115 -25.22 19.62 2.69
CA VAL F 115 -24.54 20.61 3.53
C VAL F 115 -25.07 21.97 3.10
N LYS F 116 -25.68 22.71 4.05
CA LYS F 116 -26.33 23.98 3.72
C LYS F 116 -25.46 25.17 4.09
N VAL F 117 -25.10 25.95 3.07
CA VAL F 117 -24.30 27.15 3.25
C VAL F 117 -25.18 28.39 3.01
N THR F 118 -25.08 29.37 3.91
CA THR F 118 -25.78 30.64 3.76
C THR F 118 -24.78 31.71 3.35
N TYR F 119 -25.17 32.53 2.38
CA TYR F 119 -24.29 33.52 1.80
C TYR F 119 -24.87 34.92 1.91
N GLU F 120 -24.00 35.92 1.75
CA GLU F 120 -24.41 37.30 1.50
C GLU F 120 -23.62 37.75 0.27
N ASP F 121 -24.32 37.98 -0.83
CA ASP F 121 -23.68 38.30 -2.11
C ASP F 121 -22.87 39.59 -2.08
N LEU F 122 -21.76 39.58 -2.82
CA LEU F 122 -20.92 40.74 -3.03
C LEU F 122 -20.85 41.03 -4.54
N PRO F 123 -20.53 42.30 -4.93
CA PRO F 123 -20.45 42.61 -6.36
C PRO F 123 -19.37 41.77 -7.04
N ALA F 124 -19.71 41.18 -8.19
CA ALA F 124 -18.82 40.25 -8.89
C ALA F 124 -18.32 40.77 -10.24
N ILE F 125 -17.15 40.27 -10.64
CA ILE F 125 -16.51 40.61 -11.92
C ILE F 125 -16.28 39.31 -12.67
N ILE F 126 -16.97 39.16 -13.80
CA ILE F 126 -16.98 37.90 -14.52
C ILE F 126 -16.30 37.99 -15.88
N THR F 127 -16.64 39.01 -16.66
CA THR F 127 -16.12 39.14 -18.02
C THR F 127 -14.82 39.94 -18.04
N ILE F 128 -14.05 39.73 -19.11
CA ILE F 128 -12.83 40.50 -19.38
C ILE F 128 -13.19 41.99 -19.43
N GLU F 129 -14.28 42.28 -20.15
CA GLU F 129 -14.85 43.63 -20.18
C GLU F 129 -15.08 44.19 -18.76
N ASP F 130 -15.77 43.44 -17.90
CA ASP F 130 -15.97 43.81 -16.47
C ASP F 130 -14.62 44.14 -15.80
N ALA F 131 -13.63 43.27 -15.99
CA ALA F 131 -12.32 43.42 -15.35
C ALA F 131 -11.65 44.71 -15.81
N ILE F 132 -11.69 44.97 -17.10
CA ILE F 132 -11.08 46.16 -17.68
C ILE F 132 -11.71 47.44 -17.09
N LYS F 133 -13.05 47.51 -17.11
CA LYS F 133 -13.79 48.66 -16.55
C LYS F 133 -13.49 48.90 -15.06
N ASN F 134 -13.10 47.86 -14.34
CA ASN F 134 -12.81 47.98 -12.92
C ASN F 134 -11.31 48.00 -12.58
N ASN F 135 -10.48 47.96 -13.61
CA ASN F 135 -9.03 47.82 -13.44
C ASN F 135 -8.69 46.66 -12.53
N SER F 136 -9.40 45.54 -12.74
CA SER F 136 -9.21 44.36 -11.92
C SER F 136 -8.17 43.46 -12.58
N PHE F 137 -6.89 43.68 -12.25
CA PHE F 137 -5.78 42.95 -12.86
C PHE F 137 -4.83 42.35 -11.83
N TYR F 138 -4.15 41.25 -12.21
CA TYR F 138 -3.01 40.75 -11.44
C TYR F 138 -1.72 41.38 -11.95
N GLY F 139 -0.99 42.05 -11.06
CA GLY F 139 0.30 42.60 -11.41
C GLY F 139 0.21 43.75 -12.42
N SER F 140 1.28 43.95 -13.16
CA SER F 140 1.34 45.07 -14.08
C SER F 140 1.47 44.57 -15.52
N GLU F 141 1.35 45.51 -16.45
CA GLU F 141 1.37 45.19 -17.87
C GLU F 141 2.68 44.53 -18.27
N LEU F 142 2.57 43.45 -19.04
CA LEU F 142 3.72 42.87 -19.73
C LEU F 142 3.79 43.49 -21.12
N LYS F 143 5.00 43.64 -21.65
CA LYS F 143 5.16 44.28 -22.96
C LYS F 143 6.44 43.81 -23.61
N ILE F 144 6.37 43.59 -24.93
CA ILE F 144 7.52 43.43 -25.80
C ILE F 144 7.36 44.50 -26.89
N GLU F 145 8.40 45.30 -27.10
CA GLU F 145 8.40 46.33 -28.14
C GLU F 145 9.73 46.31 -28.89
N LYS F 146 9.63 46.36 -30.22
CA LYS F 146 10.79 46.41 -31.14
C LYS F 146 10.50 47.38 -32.30
N GLY F 147 11.52 48.10 -32.74
CA GLY F 147 11.39 49.03 -33.86
C GLY F 147 10.90 50.39 -33.42
N ASP F 148 10.26 51.10 -34.36
CA ASP F 148 9.67 52.43 -34.14
C ASP F 148 8.23 52.39 -34.67
N LEU F 149 7.27 52.28 -33.75
CA LEU F 149 5.87 52.14 -34.11
C LEU F 149 5.36 53.37 -34.85
N LYS F 150 5.71 54.54 -34.33
CA LYS F 150 5.31 55.83 -34.93
C LYS F 150 5.77 55.91 -36.38
N LYS F 151 7.05 55.63 -36.61
CA LYS F 151 7.61 55.65 -37.96
C LYS F 151 6.90 54.63 -38.85
N GLY F 152 6.74 53.41 -38.34
CA GLY F 152 6.03 52.35 -39.04
C GLY F 152 4.66 52.78 -39.55
N PHE F 153 3.84 53.31 -38.65
CA PHE F 153 2.47 53.71 -39.02
C PHE F 153 2.44 54.92 -39.95
N SER F 154 3.44 55.79 -39.84
CA SER F 154 3.59 56.95 -40.72
C SER F 154 3.77 56.61 -42.19
N GLU F 155 4.35 55.43 -42.45
CA GLU F 155 4.69 55.00 -43.82
C GLU F 155 3.71 53.98 -44.42
N ALA F 156 2.84 53.42 -43.58
CA ALA F 156 1.90 52.40 -44.03
C ALA F 156 0.86 52.94 -45.01
N ASP F 157 0.67 52.25 -46.13
CA ASP F 157 -0.40 52.59 -47.09
C ASP F 157 -1.78 52.46 -46.45
N ASN F 158 -1.93 51.50 -45.54
CA ASN F 158 -3.25 51.21 -44.97
C ASN F 158 -3.16 50.60 -43.58
N VAL F 159 -4.30 50.54 -42.92
CA VAL F 159 -4.40 49.98 -41.56
C VAL F 159 -5.62 49.06 -41.49
N VAL F 160 -5.58 48.09 -40.59
CA VAL F 160 -6.77 47.36 -40.18
C VAL F 160 -6.75 47.37 -38.66
N SER F 161 -7.89 47.70 -38.05
CA SER F 161 -8.00 47.66 -36.61
C SER F 161 -9.26 46.90 -36.21
N GLY F 162 -9.24 46.31 -35.03
CA GLY F 162 -10.37 45.51 -34.60
C GLY F 162 -10.20 44.91 -33.22
N GLU F 163 -11.17 44.10 -32.85
CA GLU F 163 -11.16 43.41 -31.58
C GLU F 163 -11.54 41.94 -31.85
N LEU F 164 -10.95 41.04 -31.07
CA LEU F 164 -11.15 39.60 -31.27
C LEU F 164 -11.23 38.91 -29.92
N TYR F 165 -12.10 37.91 -29.81
CA TYR F 165 -12.21 37.11 -28.59
C TYR F 165 -12.00 35.64 -28.93
N ILE F 166 -11.26 34.95 -28.09
CA ILE F 166 -11.12 33.50 -28.17
C ILE F 166 -11.55 32.83 -26.86
N GLY F 167 -12.60 32.01 -26.94
CA GLY F 167 -13.14 31.29 -25.77
C GLY F 167 -12.17 30.29 -25.15
N GLY F 168 -12.42 29.97 -23.88
CA GLY F 168 -11.61 28.99 -23.14
C GLY F 168 -11.79 27.54 -23.59
N GLN F 169 -11.40 26.60 -22.73
CA GLN F 169 -11.45 25.17 -23.11
C GLN F 169 -11.28 24.30 -21.87
N ASP F 170 -12.11 23.27 -21.76
CA ASP F 170 -11.96 22.33 -20.66
C ASP F 170 -11.04 21.22 -21.12
N HIS F 171 -10.18 20.75 -20.21
CA HIS F 171 -9.19 19.74 -20.55
C HIS F 171 -9.82 18.44 -21.03
N PHE F 172 -10.91 18.05 -20.38
CA PHE F 172 -11.58 16.78 -20.67
C PHE F 172 -10.59 15.62 -20.86
N TYR F 173 -9.56 15.53 -20.00
CA TYR F 173 -8.81 14.28 -19.82
C TYR F 173 -9.86 13.21 -19.50
N LEU F 174 -9.76 12.01 -20.08
CA LEU F 174 -10.81 11.03 -19.81
C LEU F 174 -10.81 10.59 -18.34
N GLU F 175 -9.64 10.60 -17.70
CA GLU F 175 -9.55 10.34 -16.25
C GLU F 175 -9.54 11.67 -15.52
N THR F 176 -10.53 11.91 -14.66
CA THR F 176 -10.60 13.17 -13.89
C THR F 176 -9.58 13.17 -12.75
N HIS F 177 -9.51 14.27 -12.00
CA HIS F 177 -8.53 14.34 -10.90
C HIS F 177 -8.78 13.28 -9.84
N CYS F 178 -7.72 12.74 -9.27
CA CYS F 178 -7.84 11.83 -8.14
C CYS F 178 -6.57 11.67 -7.36
N THR F 179 -6.77 11.43 -6.07
CA THR F 179 -5.70 11.23 -5.10
C THR F 179 -6.15 10.19 -4.09
N ILE F 180 -5.20 9.34 -3.70
CA ILE F 180 -5.31 8.49 -2.52
C ILE F 180 -4.21 8.95 -1.53
N ALA F 181 -4.57 9.19 -0.26
CA ALA F 181 -3.57 9.57 0.74
C ALA F 181 -3.54 8.56 1.87
N ILE F 182 -2.36 8.06 2.20
CA ILE F 182 -2.18 7.00 3.19
C ILE F 182 -1.39 7.57 4.37
N PRO F 183 -2.06 7.82 5.51
CA PRO F 183 -1.26 8.36 6.62
C PRO F 183 -0.53 7.19 7.28
N LYS F 184 0.78 7.35 7.57
CA LYS F 184 1.55 6.23 8.13
C LYS F 184 1.52 6.11 9.66
N GLY F 185 1.08 7.17 10.33
CA GLY F 185 0.96 7.17 11.80
C GLY F 185 2.22 7.52 12.56
N GLU F 186 3.32 7.74 11.84
CA GLU F 186 4.63 8.05 12.43
C GLU F 186 5.14 9.38 11.89
N GLU F 187 5.46 10.30 12.81
CA GLU F 187 6.25 11.48 12.46
C GLU F 187 5.63 12.34 11.35
N GLY F 188 4.32 12.21 11.16
CA GLY F 188 3.64 13.00 10.12
C GLY F 188 3.78 12.45 8.72
N GLU F 189 4.37 11.25 8.61
CA GLU F 189 4.61 10.63 7.31
C GLU F 189 3.32 10.30 6.56
N MET F 190 3.31 10.59 5.26
CA MET F 190 2.14 10.28 4.42
C MET F 190 2.64 9.88 3.04
N GLU F 191 1.97 8.90 2.42
CA GLU F 191 2.31 8.44 1.07
C GLU F 191 1.06 8.64 0.20
N LEU F 192 1.23 9.35 -0.91
CA LEU F 192 0.09 9.73 -1.78
C LEU F 192 0.27 9.16 -3.18
N PHE F 193 -0.81 8.60 -3.71
CA PHE F 193 -0.90 8.12 -5.09
C PHE F 193 -1.75 9.17 -5.80
N VAL F 194 -1.22 9.75 -6.87
CA VAL F 194 -1.84 10.94 -7.41
C VAL F 194 -1.82 11.03 -8.96
N SER F 195 -2.97 11.38 -9.54
CA SER F 195 -3.01 11.68 -10.97
C SER F 195 -2.54 13.14 -11.19
N THR F 196 -1.21 13.36 -11.24
CA THR F 196 -0.64 14.70 -11.41
C THR F 196 0.59 14.71 -12.31
N GLN F 197 0.79 15.85 -12.99
CA GLN F 197 1.99 16.13 -13.79
C GLN F 197 3.07 16.74 -12.89
N ASN F 198 2.73 17.01 -11.64
CA ASN F 198 3.59 17.82 -10.75
C ASN F 198 3.71 17.23 -9.35
N ALA F 199 4.46 16.14 -9.24
CA ALA F 199 4.63 15.49 -7.93
C ALA F 199 5.34 16.41 -6.92
N MET F 200 6.28 17.21 -7.42
CA MET F 200 7.01 18.13 -6.55
C MET F 200 6.10 19.11 -5.82
N LYS F 201 5.22 19.79 -6.57
CA LYS F 201 4.32 20.78 -5.96
C LYS F 201 3.26 20.10 -5.13
N THR F 202 2.83 18.90 -5.53
CA THR F 202 1.90 18.12 -4.71
C THR F 202 2.55 17.90 -3.33
N GLN F 203 3.79 17.42 -3.36
CA GLN F 203 4.52 17.13 -2.14
C GLN F 203 4.65 18.38 -1.27
N SER F 204 5.08 19.48 -1.87
CA SER F 204 5.28 20.74 -1.14
C SER F 204 4.01 21.29 -0.54
N PHE F 205 2.93 21.27 -1.31
CA PHE F 205 1.69 21.88 -0.88
C PHE F 205 1.05 21.05 0.24
N VAL F 206 1.15 19.72 0.12
CA VAL F 206 0.65 18.85 1.19
C VAL F 206 1.42 19.11 2.50
N ALA F 207 2.76 19.18 2.39
CA ALA F 207 3.62 19.42 3.57
C ALA F 207 3.31 20.79 4.21
N LYS F 208 3.09 21.78 3.36
CA LYS F 208 2.81 23.14 3.85
C LYS F 208 1.46 23.17 4.61
N MET F 209 0.44 22.55 4.01
CA MET F 209 -0.88 22.49 4.66
C MET F 209 -0.78 21.79 6.01
N LEU F 210 -0.05 20.67 6.04
CA LEU F 210 0.11 19.88 7.26
C LEU F 210 1.05 20.51 8.32
N GLY F 211 1.93 21.41 7.87
CA GLY F 211 2.97 22.00 8.73
C GLY F 211 4.08 21.02 9.11
N VAL F 212 4.51 20.18 8.16
CA VAL F 212 5.56 19.18 8.36
C VAL F 212 6.63 19.36 7.29
N PRO F 213 7.88 18.91 7.57
CA PRO F 213 8.91 19.00 6.55
C PRO F 213 8.54 18.23 5.29
N VAL F 214 9.06 18.69 4.18
CA VAL F 214 8.76 18.04 2.89
C VAL F 214 9.24 16.59 2.88
N ASN F 215 10.32 16.29 3.61
CA ASN F 215 10.87 14.90 3.63
C ASN F 215 9.91 13.83 4.20
N ARG F 216 8.78 14.26 4.79
CA ARG F 216 7.77 13.34 5.37
C ARG F 216 6.76 12.85 4.34
N ILE F 217 6.73 13.53 3.19
CA ILE F 217 5.66 13.31 2.22
C ILE F 217 6.20 12.62 0.96
N LEU F 218 5.64 11.46 0.63
CA LEU F 218 6.04 10.72 -0.57
C LEU F 218 4.90 10.80 -1.57
N VAL F 219 5.18 11.26 -2.79
CA VAL F 219 4.16 11.24 -3.85
C VAL F 219 4.61 10.32 -4.97
N ARG F 220 3.69 9.47 -5.40
CA ARG F 220 3.94 8.43 -6.41
C ARG F 220 2.92 8.58 -7.52
N VAL F 221 3.40 8.55 -8.76
CA VAL F 221 2.55 8.71 -9.94
C VAL F 221 2.94 7.61 -10.91
N LYS F 222 2.08 6.62 -11.07
CA LYS F 222 2.35 5.59 -12.09
C LYS F 222 1.99 6.10 -13.49
N ARG F 223 0.75 6.56 -13.64
CA ARG F 223 0.30 7.17 -14.91
C ARG F 223 -0.93 8.05 -14.69
N MET F 224 -1.21 8.88 -15.68
CA MET F 224 -2.48 9.63 -15.78
C MET F 224 -3.24 9.19 -17.03
N GLY F 225 -4.57 9.16 -16.92
CA GLY F 225 -5.44 9.02 -18.07
C GLY F 225 -5.63 10.40 -18.72
N GLY F 226 -4.51 10.99 -19.14
CA GLY F 226 -4.53 12.34 -19.72
C GLY F 226 -4.28 13.41 -18.66
N GLY F 227 -3.61 14.49 -19.10
CA GLY F 227 -3.29 15.64 -18.25
C GLY F 227 -3.50 16.94 -19.03
N PHE F 228 -2.78 17.08 -20.15
CA PHE F 228 -2.94 18.23 -21.06
C PHE F 228 -2.69 19.61 -20.42
N GLY F 229 -1.98 19.65 -19.29
CA GLY F 229 -1.72 20.91 -18.58
C GLY F 229 -2.62 21.08 -17.36
N GLY F 230 -3.79 20.46 -17.41
CA GLY F 230 -4.79 20.55 -16.36
C GLY F 230 -4.38 19.92 -15.04
N LYS F 231 -3.33 19.08 -15.08
CA LYS F 231 -2.82 18.40 -13.88
C LYS F 231 -1.41 18.91 -13.52
N GLU F 232 -1.06 20.09 -14.06
CA GLU F 232 0.25 20.71 -13.77
C GLU F 232 0.30 21.37 -12.40
N THR F 233 -0.81 22.00 -11.99
CA THR F 233 -0.90 22.65 -10.69
C THR F 233 -2.24 22.37 -10.00
N ARG F 234 -3.31 22.28 -10.80
CA ARG F 234 -4.68 22.25 -10.20
C ARG F 234 -5.07 20.93 -9.51
N SER F 235 -4.29 19.87 -9.76
CA SER F 235 -4.46 18.61 -9.04
C SER F 235 -4.34 18.76 -7.52
N THR F 236 -3.63 19.82 -7.07
CA THR F 236 -3.40 20.01 -5.62
C THR F 236 -4.69 20.38 -4.87
N LEU F 237 -5.67 20.91 -5.59
CA LEU F 237 -6.98 21.24 -4.99
C LEU F 237 -7.61 19.99 -4.37
N VAL F 238 -7.53 18.86 -5.06
CA VAL F 238 -7.98 17.59 -4.50
C VAL F 238 -6.94 16.97 -3.55
N SER F 239 -5.68 16.93 -3.96
CA SER F 239 -4.63 16.26 -3.16
C SER F 239 -4.53 16.80 -1.74
N VAL F 240 -4.57 18.12 -1.61
CA VAL F 240 -4.43 18.76 -0.29
C VAL F 240 -5.64 18.48 0.63
N ALA F 241 -6.85 18.56 0.07
CA ALA F 241 -8.08 18.20 0.80
C ALA F 241 -8.03 16.75 1.29
N VAL F 242 -7.65 15.82 0.42
CA VAL F 242 -7.58 14.40 0.75
C VAL F 242 -6.50 14.15 1.83
N ALA F 243 -5.34 14.79 1.67
CA ALA F 243 -4.30 14.72 2.68
C ALA F 243 -4.82 15.17 4.04
N LEU F 244 -5.59 16.27 4.05
CA LEU F 244 -6.12 16.76 5.33
C LEU F 244 -7.03 15.71 5.97
N ALA F 245 -7.87 15.08 5.14
CA ALA F 245 -8.77 14.04 5.62
C ALA F 245 -7.99 12.86 6.23
N ALA F 246 -6.92 12.44 5.56
CA ALA F 246 -6.10 11.31 6.04
C ALA F 246 -5.50 11.67 7.41
N TYR F 247 -4.98 12.90 7.49
CA TYR F 247 -4.35 13.43 8.71
C TYR F 247 -5.33 13.44 9.85
N LYS F 248 -6.52 13.98 9.60
CA LYS F 248 -7.55 14.17 10.62
C LYS F 248 -8.11 12.83 11.12
N THR F 249 -8.39 11.90 10.21
CA THR F 249 -9.04 10.64 10.57
C THR F 249 -8.07 9.55 11.02
N GLY F 250 -6.83 9.61 10.51
CA GLY F 250 -5.87 8.53 10.71
C GLY F 250 -6.10 7.36 9.76
N HIS F 251 -7.10 7.49 8.89
CA HIS F 251 -7.40 6.46 7.86
C HIS F 251 -6.88 6.88 6.48
N PRO F 252 -6.60 5.89 5.62
CA PRO F 252 -6.41 6.14 4.19
C PRO F 252 -7.69 6.81 3.67
N VAL F 253 -7.56 7.78 2.77
CA VAL F 253 -8.71 8.48 2.18
C VAL F 253 -8.46 8.64 0.69
N ARG F 254 -9.52 8.55 -0.12
CA ARG F 254 -9.42 8.86 -1.54
C ARG F 254 -10.57 9.73 -2.06
N CYS F 255 -10.31 10.37 -3.21
CA CYS F 255 -11.29 11.13 -3.92
C CYS F 255 -10.96 11.08 -5.40
N MET F 256 -11.94 10.66 -6.20
CA MET F 256 -11.91 10.92 -7.64
C MET F 256 -13.11 11.80 -7.98
N LEU F 257 -12.86 12.88 -8.72
CA LEU F 257 -13.94 13.85 -9.05
C LEU F 257 -14.87 13.29 -10.11
N ASP F 258 -16.17 13.56 -9.96
CA ASP F 258 -17.09 13.37 -11.07
C ASP F 258 -16.79 14.45 -12.13
N ARG F 259 -17.16 14.19 -13.37
CA ARG F 259 -16.91 15.12 -14.49
C ARG F 259 -17.42 16.51 -14.20
N ASN F 260 -18.64 16.62 -13.67
CA ASN F 260 -19.24 17.94 -13.46
C ASN F 260 -18.49 18.76 -12.39
N GLU F 261 -17.97 18.06 -11.38
CA GLU F 261 -17.12 18.72 -10.36
C GLU F 261 -15.81 19.17 -11.02
N ASP F 262 -15.22 18.28 -11.80
CA ASP F 262 -13.95 18.56 -12.46
C ASP F 262 -14.07 19.82 -13.33
N MET F 263 -15.09 19.88 -14.20
CA MET F 263 -15.21 21.01 -15.13
C MET F 263 -15.45 22.34 -14.40
N LEU F 264 -16.16 22.28 -13.27
CA LEU F 264 -16.47 23.48 -12.48
C LEU F 264 -15.26 24.03 -11.75
N ILE F 265 -14.58 23.13 -11.05
CA ILE F 265 -13.58 23.47 -10.00
C ILE F 265 -12.17 23.70 -10.53
N THR F 266 -11.75 22.89 -11.49
CA THR F 266 -10.30 22.74 -11.73
C THR F 266 -9.65 23.72 -12.73
N GLY F 267 -10.45 24.59 -13.37
CA GLY F 267 -9.91 25.57 -14.33
C GLY F 267 -9.68 24.99 -15.71
N GLY F 268 -9.55 25.87 -16.71
CA GLY F 268 -9.28 25.45 -18.07
C GLY F 268 -8.30 26.37 -18.78
N ARG F 269 -8.35 26.36 -20.11
CA ARG F 269 -7.59 27.30 -20.94
C ARG F 269 -8.08 28.73 -20.70
N HIS F 270 -7.16 29.68 -20.78
CA HIS F 270 -7.53 31.12 -20.65
C HIS F 270 -8.25 31.67 -21.87
N PRO F 271 -9.50 32.16 -21.69
CA PRO F 271 -10.06 33.02 -22.75
C PRO F 271 -9.15 34.25 -22.92
N PHE F 272 -9.06 34.75 -24.14
CA PHE F 272 -8.30 35.94 -24.45
C PHE F 272 -9.18 36.92 -25.21
N LEU F 273 -9.03 38.20 -24.86
CA LEU F 273 -9.51 39.29 -25.71
C LEU F 273 -8.30 40.04 -26.25
N ALA F 274 -8.40 40.47 -27.51
CA ALA F 274 -7.33 41.25 -28.12
C ALA F 274 -7.90 42.45 -28.85
N ARG F 275 -7.18 43.56 -28.76
CA ARG F 275 -7.47 44.75 -29.55
C ARG F 275 -6.21 45.05 -30.33
N TYR F 276 -6.37 45.19 -31.65
CA TYR F 276 -5.21 45.21 -32.56
C TYR F 276 -5.30 46.29 -33.66
N LYS F 277 -4.14 46.76 -34.07
CA LYS F 277 -3.99 47.74 -35.15
C LYS F 277 -2.78 47.28 -35.95
N VAL F 278 -3.00 46.96 -37.24
CA VAL F 278 -1.93 46.55 -38.15
C VAL F 278 -1.81 47.50 -39.33
N GLY F 279 -0.57 47.91 -39.63
CA GLY F 279 -0.28 48.79 -40.75
C GLY F 279 0.51 48.04 -41.81
N PHE F 280 0.14 48.25 -43.07
CA PHE F 280 0.72 47.46 -44.15
C PHE F 280 0.77 48.23 -45.47
N MET F 281 1.56 47.74 -46.41
CA MET F 281 1.61 48.31 -47.75
C MET F 281 0.55 47.66 -48.65
N LYS F 282 0.30 48.29 -49.82
CA LYS F 282 -0.63 47.75 -50.83
C LYS F 282 -0.26 46.37 -51.32
N THR F 283 1.01 46.01 -51.15
CA THR F 283 1.53 44.68 -51.49
C THR F 283 1.13 43.63 -50.45
N GLY F 284 0.64 44.06 -49.29
CA GLY F 284 0.35 43.14 -48.20
C GLY F 284 1.52 42.98 -47.23
N THR F 285 2.63 43.69 -47.49
CA THR F 285 3.79 43.67 -46.58
C THR F 285 3.49 44.40 -45.27
N ILE F 286 3.68 43.72 -44.15
CA ILE F 286 3.45 44.31 -42.82
C ILE F 286 4.56 45.27 -42.39
N VAL F 287 4.19 46.48 -41.99
CA VAL F 287 5.16 47.47 -41.52
C VAL F 287 5.02 47.89 -40.06
N ALA F 288 3.85 47.65 -39.46
CA ALA F 288 3.65 47.99 -38.05
C ALA F 288 2.53 47.17 -37.42
N LEU F 289 2.70 46.82 -36.15
CA LEU F 289 1.68 46.03 -35.46
C LEU F 289 1.63 46.39 -34.00
N GLU F 290 0.43 46.64 -33.50
CA GLU F 290 0.19 46.92 -32.10
C GLU F 290 -0.96 46.00 -31.66
N VAL F 291 -0.70 45.18 -30.64
CA VAL F 291 -1.73 44.27 -30.08
C VAL F 291 -1.76 44.31 -28.57
N ASP F 292 -2.93 44.63 -28.02
CA ASP F 292 -3.17 44.57 -26.59
C ASP F 292 -3.96 43.30 -26.25
N HIS F 293 -3.36 42.44 -25.44
CA HIS F 293 -3.92 41.14 -25.07
C HIS F 293 -4.49 41.22 -23.63
N TYR F 294 -5.63 40.57 -23.40
CA TYR F 294 -6.22 40.49 -22.06
C TYR F 294 -6.65 39.04 -21.85
N SER F 295 -6.16 38.38 -20.80
CA SER F 295 -6.60 37.01 -20.52
C SER F 295 -7.56 36.98 -19.33
N ASN F 296 -8.50 36.04 -19.33
CA ASN F 296 -9.37 35.87 -18.18
C ASN F 296 -8.75 34.85 -17.24
N ALA F 297 -8.08 35.39 -16.21
CA ALA F 297 -7.25 34.58 -15.30
C ALA F 297 -8.06 33.86 -14.22
N GLY F 298 -9.23 34.39 -13.88
CA GLY F 298 -10.01 33.79 -12.80
C GLY F 298 -9.51 34.24 -11.42
N ASN F 299 -9.79 33.42 -10.40
CA ASN F 299 -9.73 33.90 -9.01
C ASN F 299 -8.40 33.69 -8.27
N SER F 300 -7.36 33.30 -9.02
CA SER F 300 -6.00 33.28 -8.47
C SER F 300 -5.01 33.40 -9.61
N ARG F 301 -3.76 33.71 -9.26
CA ARG F 301 -2.74 33.88 -10.26
C ARG F 301 -2.42 32.57 -10.99
N ASP F 302 -2.04 31.54 -10.23
CA ASP F 302 -1.63 30.26 -10.85
C ASP F 302 -0.59 30.54 -11.94
N LEU F 303 -0.72 29.93 -13.12
CA LEU F 303 0.29 30.07 -14.18
C LEU F 303 0.00 31.19 -15.19
N SER F 304 -0.95 32.07 -14.84
CA SER F 304 -1.44 33.08 -15.80
C SER F 304 -0.34 33.99 -16.34
N HIS F 305 0.61 34.35 -15.47
CA HIS F 305 1.65 35.26 -15.91
C HIS F 305 2.52 34.64 -16.99
N SER F 306 2.98 33.41 -16.74
CA SER F 306 3.82 32.69 -17.70
C SER F 306 3.09 32.39 -19.01
N ILE F 307 1.77 32.18 -18.91
CA ILE F 307 0.93 31.95 -20.10
C ILE F 307 0.86 33.21 -20.98
N MET F 308 0.70 34.37 -20.35
CA MET F 308 0.75 35.64 -21.11
C MET F 308 2.14 35.91 -21.71
N GLU F 309 3.20 35.53 -21.01
CA GLU F 309 4.57 35.65 -21.52
C GLU F 309 4.66 34.87 -22.84
N ARG F 310 4.24 33.60 -22.79
CA ARG F 310 4.26 32.76 -23.98
C ARG F 310 3.40 33.36 -25.12
N ALA F 311 2.26 33.96 -24.76
CA ALA F 311 1.39 34.59 -25.76
C ALA F 311 2.18 35.69 -26.50
N LEU F 312 2.77 36.59 -25.72
CA LEU F 312 3.59 37.66 -26.28
C LEU F 312 4.76 37.16 -27.13
N PHE F 313 5.40 36.06 -26.73
CA PHE F 313 6.51 35.46 -27.50
C PHE F 313 6.03 34.88 -28.83
N HIS F 314 4.71 34.71 -28.98
CA HIS F 314 4.15 34.08 -30.18
C HIS F 314 3.24 34.97 -31.05
N MET F 315 3.13 36.26 -30.71
CA MET F 315 2.27 37.18 -31.45
C MET F 315 2.73 37.45 -32.90
N ASP F 316 3.96 37.03 -33.22
CA ASP F 316 4.53 37.08 -34.59
C ASP F 316 4.14 35.91 -35.50
N ASN F 317 3.69 34.80 -34.90
CA ASN F 317 3.71 33.51 -35.60
C ASN F 317 5.00 33.35 -36.45
N CYS F 318 4.86 33.24 -37.77
CA CYS F 318 6.03 33.04 -38.64
C CYS F 318 6.38 34.26 -39.48
N TYR F 319 5.95 35.43 -39.04
CA TYR F 319 6.00 36.64 -39.88
C TYR F 319 6.94 37.70 -39.31
N LYS F 320 7.79 38.27 -40.18
CA LYS F 320 8.73 39.33 -39.84
C LYS F 320 8.01 40.67 -39.81
N ILE F 321 8.00 41.29 -38.64
CA ILE F 321 7.34 42.59 -38.42
C ILE F 321 8.37 43.57 -37.84
N PRO F 322 8.86 44.53 -38.67
CA PRO F 322 9.95 45.43 -38.26
C PRO F 322 9.61 46.34 -37.07
N ASN F 323 8.34 46.73 -36.95
CA ASN F 323 7.90 47.66 -35.90
C ASN F 323 6.70 47.06 -35.20
N ILE F 324 6.88 46.72 -33.92
CA ILE F 324 5.92 45.82 -33.25
C ILE F 324 5.82 46.10 -31.75
N ARG F 325 4.59 46.14 -31.23
CA ARG F 325 4.38 46.34 -29.80
C ARG F 325 3.28 45.42 -29.35
N GLY F 326 3.59 44.51 -28.43
CA GLY F 326 2.52 43.67 -27.83
C GLY F 326 2.47 43.89 -26.33
N THR F 327 1.26 43.98 -25.77
CA THR F 327 1.10 44.08 -24.32
C THR F 327 0.15 42.98 -23.84
N GLY F 328 0.22 42.68 -22.54
CA GLY F 328 -0.74 41.76 -21.93
C GLY F 328 -1.14 42.16 -20.53
N ARG F 329 -2.42 42.01 -20.21
CA ARG F 329 -2.91 42.10 -18.83
C ARG F 329 -3.60 40.80 -18.44
N LEU F 330 -3.50 40.46 -17.15
CA LEU F 330 -4.13 39.29 -16.54
C LEU F 330 -5.36 39.78 -15.77
N CYS F 331 -6.54 39.43 -16.27
CA CYS F 331 -7.77 39.89 -15.66
C CYS F 331 -8.15 39.04 -14.45
N LYS F 332 -8.28 39.74 -13.34
CA LYS F 332 -8.68 39.15 -12.06
C LYS F 332 -10.21 39.11 -11.97
N THR F 333 -10.77 37.90 -12.01
CA THR F 333 -12.22 37.72 -12.01
C THR F 333 -12.73 36.65 -11.05
N ASN F 334 -14.03 36.68 -10.82
CA ASN F 334 -14.70 35.73 -9.95
C ASN F 334 -15.13 34.49 -10.73
N LEU F 335 -14.15 33.79 -11.28
CA LEU F 335 -14.34 32.51 -11.98
C LEU F 335 -13.23 31.58 -11.47
N SER F 336 -13.43 30.27 -11.58
CA SER F 336 -12.39 29.31 -11.22
C SER F 336 -11.09 29.69 -11.90
N SER F 337 -9.98 29.51 -11.18
CA SER F 337 -8.70 29.98 -11.66
C SER F 337 -8.28 29.18 -12.90
N ASN F 338 -8.03 29.87 -14.02
CA ASN F 338 -7.54 29.20 -15.25
C ASN F 338 -6.04 28.87 -15.19
N THR F 339 -5.60 27.94 -16.02
CA THR F 339 -4.31 27.30 -15.78
C THR F 339 -3.69 26.87 -17.13
N ALA F 340 -2.65 26.04 -17.06
CA ALA F 340 -2.01 25.48 -18.23
C ALA F 340 -2.97 24.61 -19.06
N PHE F 341 -2.90 24.77 -20.38
CA PHE F 341 -3.59 23.84 -21.29
C PHE F 341 -2.70 23.78 -22.54
N ARG F 342 -2.31 22.58 -22.93
CA ARG F 342 -1.52 22.29 -24.16
C ARG F 342 -1.42 23.49 -25.12
N GLY F 343 -0.25 24.13 -25.15
CA GLY F 343 -0.03 25.34 -25.97
C GLY F 343 0.29 26.55 -25.11
N PHE F 344 -0.37 26.64 -23.94
CA PHE F 344 0.07 27.53 -22.85
C PHE F 344 0.15 28.99 -23.33
N GLY F 345 -0.93 29.50 -23.91
CA GLY F 345 -0.97 30.89 -24.35
C GLY F 345 -0.55 31.08 -25.79
N GLY F 346 0.17 30.10 -26.33
CA GLY F 346 0.64 30.14 -27.71
C GLY F 346 -0.52 30.13 -28.71
N PRO F 347 -1.46 29.15 -28.61
CA PRO F 347 -2.58 29.07 -29.56
C PRO F 347 -3.43 30.36 -29.62
N GLN F 348 -3.69 30.96 -28.47
CA GLN F 348 -4.44 32.23 -28.42
C GLN F 348 -3.73 33.35 -29.21
N ALA F 349 -2.43 33.55 -28.92
CA ALA F 349 -1.66 34.62 -29.58
C ALA F 349 -1.48 34.34 -31.10
N LEU F 350 -1.27 33.07 -31.44
CA LEU F 350 -1.15 32.64 -32.84
C LEU F 350 -2.45 32.88 -33.63
N PHE F 351 -3.59 32.61 -32.98
CA PHE F 351 -4.91 32.81 -33.59
C PHE F 351 -5.13 34.30 -33.91
N ILE F 352 -4.77 35.14 -32.95
CA ILE F 352 -4.89 36.60 -33.09
C ILE F 352 -4.02 37.07 -34.28
N ALA F 353 -2.80 36.55 -34.38
CA ALA F 353 -1.91 36.85 -35.50
C ALA F 353 -2.52 36.43 -36.85
N GLU F 354 -3.04 35.21 -36.93
CA GLU F 354 -3.59 34.74 -38.22
C GLU F 354 -4.87 35.48 -38.60
N ASN F 355 -5.62 35.93 -37.59
CA ASN F 355 -6.83 36.69 -37.85
C ASN F 355 -6.52 38.02 -38.56
N TRP F 356 -5.59 38.82 -38.01
CA TRP F 356 -5.27 40.09 -38.69
C TRP F 356 -4.57 39.82 -40.02
N MET F 357 -3.79 38.74 -40.10
CA MET F 357 -3.12 38.42 -41.36
C MET F 357 -4.18 38.16 -42.42
N SER F 358 -5.25 37.48 -42.03
CA SER F 358 -6.33 37.15 -42.95
C SER F 358 -7.03 38.43 -43.42
N GLU F 359 -7.13 39.43 -42.55
CA GLU F 359 -7.80 40.70 -42.87
C GLU F 359 -6.91 41.60 -43.76
N VAL F 360 -5.60 41.48 -43.60
CA VAL F 360 -4.65 42.21 -44.46
C VAL F 360 -4.81 41.73 -45.91
N ALA F 361 -4.86 40.41 -46.09
CA ALA F 361 -5.04 39.80 -47.42
C ALA F 361 -6.36 40.24 -48.10
N VAL F 362 -7.45 40.23 -47.35
CA VAL F 362 -8.75 40.64 -47.89
C VAL F 362 -8.69 42.12 -48.30
N THR F 363 -8.16 42.96 -47.41
CA THR F 363 -8.00 44.40 -47.67
C THR F 363 -7.19 44.70 -48.95
N CYS F 364 -6.07 44.00 -49.13
CA CYS F 364 -5.25 44.22 -50.33
C CYS F 364 -5.81 43.51 -51.57
N GLY F 365 -6.84 42.70 -51.39
CA GLY F 365 -7.41 41.91 -52.48
C GLY F 365 -6.43 40.90 -53.06
N LEU F 366 -5.56 40.35 -52.22
CA LEU F 366 -4.55 39.39 -52.66
C LEU F 366 -4.80 37.99 -52.08
N PRO F 367 -4.30 36.95 -52.78
CA PRO F 367 -4.41 35.59 -52.25
C PRO F 367 -3.73 35.45 -50.88
N ALA F 368 -4.45 34.89 -49.91
CA ALA F 368 -3.95 34.71 -48.54
C ALA F 368 -2.57 34.02 -48.48
N GLU F 369 -2.35 32.97 -49.28
CA GLU F 369 -1.03 32.28 -49.27
C GLU F 369 0.10 33.17 -49.72
N GLU F 370 -0.20 34.09 -50.65
CA GLU F 370 0.81 35.01 -51.17
C GLU F 370 1.22 35.99 -50.07
N VAL F 371 0.23 36.51 -49.34
CA VAL F 371 0.48 37.51 -48.29
C VAL F 371 1.24 36.86 -47.13
N ARG F 372 0.87 35.62 -46.79
CA ARG F 372 1.61 34.86 -45.75
C ARG F 372 3.08 34.62 -46.14
N TRP F 373 3.29 34.09 -47.35
CA TRP F 373 4.65 33.87 -47.87
C TRP F 373 5.55 35.13 -47.87
N LYS F 374 5.03 36.24 -48.44
CA LYS F 374 5.76 37.52 -48.54
C LYS F 374 6.29 38.00 -47.19
N ASN F 375 5.54 37.70 -46.13
CA ASN F 375 5.80 38.22 -44.79
C ASN F 375 6.59 37.24 -43.90
N MET F 376 6.85 36.06 -44.42
CA MET F 376 7.54 35.00 -43.68
C MET F 376 8.97 35.39 -43.30
N TYR F 377 9.39 35.00 -42.10
CA TYR F 377 10.79 35.10 -41.72
C TYR F 377 11.70 34.38 -42.72
N LYS F 378 12.97 34.77 -42.76
CA LYS F 378 14.02 34.06 -43.49
C LYS F 378 14.97 33.43 -42.48
N GLU F 379 15.64 32.36 -42.87
CA GLU F 379 16.69 31.73 -42.06
C GLU F 379 17.64 32.79 -41.51
N GLY F 380 17.88 32.76 -40.19
CA GLY F 380 18.77 33.71 -39.56
C GLY F 380 18.13 35.03 -39.13
N ASP F 381 16.87 35.26 -39.50
CA ASP F 381 16.14 36.44 -39.02
C ASP F 381 16.03 36.40 -37.51
N LEU F 382 15.88 37.57 -36.90
CA LEU F 382 15.61 37.69 -35.47
C LEU F 382 14.13 37.88 -35.23
N THR F 383 13.62 37.25 -34.18
CA THR F 383 12.21 37.45 -33.78
C THR F 383 12.03 38.83 -33.16
N HIS F 384 10.79 39.17 -32.81
CA HIS F 384 10.50 40.46 -32.15
C HIS F 384 11.13 40.53 -30.76
N PHE F 385 11.50 39.37 -30.20
CA PHE F 385 12.21 39.33 -28.92
C PHE F 385 13.70 39.06 -29.14
N ASN F 386 14.15 39.32 -30.38
CA ASN F 386 15.55 39.33 -30.73
C ASN F 386 16.28 37.98 -30.63
N GLN F 387 15.54 36.89 -30.77
CA GLN F 387 16.18 35.57 -30.88
C GLN F 387 16.37 35.12 -32.34
N ARG F 388 17.55 34.57 -32.64
CA ARG F 388 17.90 34.18 -33.98
C ARG F 388 17.12 32.93 -34.36
N LEU F 389 16.56 32.94 -35.56
CA LEU F 389 15.88 31.78 -36.11
C LEU F 389 16.88 30.91 -36.87
N GLU F 390 17.43 29.92 -36.18
CA GLU F 390 18.39 28.99 -36.76
C GLU F 390 17.68 27.68 -37.11
N GLY F 391 17.86 27.23 -38.34
CA GLY F 391 17.18 26.03 -38.83
C GLY F 391 15.68 26.27 -38.96
N PHE F 392 15.35 27.34 -39.67
CA PHE F 392 13.96 27.76 -39.86
C PHE F 392 13.38 26.93 -41.00
N SER F 393 12.51 25.99 -40.66
CA SER F 393 12.08 25.01 -41.65
C SER F 393 10.69 25.23 -42.20
N VAL F 394 10.04 26.35 -41.85
CA VAL F 394 8.69 26.62 -42.34
C VAL F 394 8.66 26.66 -43.87
N PRO F 395 9.62 27.37 -44.52
CA PRO F 395 9.60 27.40 -45.98
C PRO F 395 9.58 25.99 -46.62
N ARG F 396 10.38 25.07 -46.08
CA ARG F 396 10.35 23.67 -46.54
C ARG F 396 9.00 23.02 -46.26
N CYS F 397 8.50 23.16 -45.02
CA CYS F 397 7.21 22.63 -44.64
C CYS F 397 6.07 23.15 -45.55
N TRP F 398 6.11 24.45 -45.82
CA TRP F 398 5.14 25.17 -46.64
C TRP F 398 5.13 24.60 -48.06
N ASP F 399 6.31 24.56 -48.69
CA ASP F 399 6.48 24.03 -50.04
C ASP F 399 5.97 22.59 -50.15
N GLU F 400 6.37 21.75 -49.21
CA GLU F 400 5.99 20.33 -49.26
C GLU F 400 4.49 20.11 -48.99
N CYS F 401 3.91 20.93 -48.11
CA CYS F 401 2.48 20.85 -47.84
C CYS F 401 1.66 21.33 -49.04
N LEU F 402 2.09 22.42 -49.69
CA LEU F 402 1.43 22.90 -50.91
C LEU F 402 1.39 21.83 -52.01
N LYS F 403 2.50 21.10 -52.16
CA LYS F 403 2.61 20.07 -53.19
C LYS F 403 1.79 18.80 -52.87
N SER F 404 1.97 18.28 -51.65
CA SER F 404 1.36 17.00 -51.28
C SER F 404 -0.15 17.13 -51.05
N SER F 405 -0.60 18.35 -50.72
CA SER F 405 -2.03 18.62 -50.57
C SER F 405 -2.70 19.02 -51.87
N GLN F 406 -1.90 19.26 -52.90
CA GLN F 406 -2.37 19.78 -54.21
C GLN F 406 -3.19 21.05 -54.03
N TYR F 407 -2.66 21.98 -53.23
CA TYR F 407 -3.39 23.18 -52.83
C TYR F 407 -3.95 24.01 -53.99
N TYR F 408 -3.14 24.25 -55.01
CA TYR F 408 -3.59 25.13 -56.12
C TYR F 408 -4.70 24.51 -56.99
N ALA F 409 -4.58 23.21 -57.26
CA ALA F 409 -5.61 22.47 -58.00
C ALA F 409 -6.92 22.42 -57.23
N ARG F 410 -6.82 22.20 -55.92
CA ARG F 410 -7.99 22.16 -55.07
C ARG F 410 -8.64 23.53 -54.86
N LYS F 411 -7.82 24.59 -54.87
CA LYS F 411 -8.34 25.95 -54.73
C LYS F 411 -9.27 26.28 -55.91
N SER F 412 -8.90 25.79 -57.09
CA SER F 412 -9.73 25.92 -58.30
C SER F 412 -11.06 25.19 -58.14
N GLU F 413 -10.99 23.96 -57.63
CA GLU F 413 -12.17 23.13 -57.40
C GLU F 413 -13.13 23.74 -56.38
N VAL F 414 -12.57 24.33 -55.32
CA VAL F 414 -13.37 25.08 -54.34
C VAL F 414 -14.16 26.21 -55.02
N ASP F 415 -13.46 26.99 -55.84
CA ASP F 415 -14.07 28.12 -56.58
C ASP F 415 -15.20 27.62 -57.47
N LYS F 416 -14.94 26.52 -58.17
CA LYS F 416 -15.94 25.85 -58.99
C LYS F 416 -17.16 25.46 -58.17
N PHE F 417 -16.93 24.81 -57.02
CA PHE F 417 -18.03 24.37 -56.15
C PHE F 417 -18.89 25.57 -55.75
N ASN F 418 -18.22 26.68 -55.42
CA ASN F 418 -18.88 27.88 -54.92
C ASN F 418 -19.67 28.63 -55.99
N LYS F 419 -19.31 28.40 -57.25
CA LYS F 419 -20.07 28.98 -58.35
C LYS F 419 -21.31 28.15 -58.67
N GLU F 420 -21.24 26.87 -58.34
CA GLU F 420 -22.27 25.90 -58.72
C GLU F 420 -23.25 25.59 -57.58
N ASN F 421 -22.96 26.12 -56.39
CA ASN F 421 -23.81 25.86 -55.22
C ASN F 421 -24.25 27.14 -54.50
N CYS F 422 -25.53 27.17 -54.14
CA CYS F 422 -26.12 28.37 -53.54
C CYS F 422 -26.12 28.32 -52.01
N TRP F 423 -26.53 27.19 -51.45
CA TRP F 423 -26.72 27.07 -49.99
C TRP F 423 -25.67 26.18 -49.29
N LYS F 424 -24.66 25.74 -50.04
CA LYS F 424 -23.46 25.13 -49.46
C LYS F 424 -22.24 25.83 -50.05
N LYS F 425 -21.21 26.03 -49.23
CA LYS F 425 -19.98 26.61 -49.72
C LYS F 425 -18.80 25.84 -49.16
N ARG F 426 -17.70 25.82 -49.92
CA ARG F 426 -16.45 25.24 -49.44
C ARG F 426 -15.41 26.33 -49.18
N GLY F 427 -14.45 25.97 -48.34
CA GLY F 427 -13.33 26.85 -48.02
C GLY F 427 -12.06 26.03 -47.91
N LEU F 428 -10.93 26.68 -48.16
CA LEU F 428 -9.63 26.02 -48.13
C LEU F 428 -8.62 27.01 -47.60
N CYS F 429 -7.76 26.58 -46.67
CA CYS F 429 -6.76 27.48 -46.12
C CYS F 429 -5.49 26.76 -45.70
N ILE F 430 -4.36 27.44 -45.86
CA ILE F 430 -3.06 26.89 -45.44
C ILE F 430 -2.38 27.84 -44.43
N ILE F 431 -1.96 27.25 -43.30
CA ILE F 431 -1.54 27.97 -42.09
C ILE F 431 -0.18 27.45 -41.61
N PRO F 432 0.80 28.35 -41.36
CA PRO F 432 2.04 27.92 -40.72
C PRO F 432 2.04 28.08 -39.20
N THR F 433 2.96 27.42 -38.51
CA THR F 433 3.18 27.72 -37.10
C THR F 433 4.62 27.54 -36.70
N LYS F 434 5.03 28.29 -35.68
CA LYS F 434 6.26 27.98 -34.95
C LYS F 434 5.98 28.02 -33.44
N PHE F 435 6.69 27.21 -32.70
CA PHE F 435 6.43 27.14 -31.26
C PHE F 435 7.74 27.03 -30.51
N GLY F 436 7.97 27.95 -29.57
CA GLY F 436 9.25 28.00 -28.89
C GLY F 436 9.36 26.91 -27.84
N ILE F 437 10.53 26.27 -27.78
CA ILE F 437 10.74 25.09 -26.94
C ILE F 437 11.63 25.39 -25.71
N SER F 438 11.00 25.41 -24.53
CA SER F 438 11.61 25.49 -23.18
C SER F 438 10.63 26.16 -22.21
N PHE F 439 10.75 25.88 -20.91
CA PHE F 439 10.04 26.71 -19.92
C PHE F 439 10.54 28.16 -20.05
N THR F 440 9.60 29.11 -20.06
CA THR F 440 9.98 30.53 -20.10
C THR F 440 10.61 30.99 -18.78
N VAL F 441 10.43 30.19 -17.73
CA VAL F 441 11.12 30.40 -16.46
C VAL F 441 12.39 29.54 -16.52
N PRO F 442 13.58 30.17 -16.62
CA PRO F 442 14.81 29.41 -16.79
C PRO F 442 15.01 28.26 -15.78
N PHE F 443 14.72 28.48 -14.49
CA PHE F 443 15.04 27.44 -13.48
C PHE F 443 14.27 26.11 -13.63
N LEU F 444 13.16 26.12 -14.37
CA LEU F 444 12.42 24.89 -14.57
C LEU F 444 13.07 23.95 -15.59
N ASN F 445 14.03 24.48 -16.37
CA ASN F 445 14.71 23.70 -17.39
C ASN F 445 15.84 22.84 -16.81
N GLN F 446 15.44 21.91 -15.96
CA GLN F 446 16.37 20.99 -15.29
C GLN F 446 15.67 19.64 -15.14
N ALA F 447 16.45 18.57 -15.15
CA ALA F 447 15.87 17.21 -15.14
C ALA F 447 16.82 16.22 -14.49
N GLY F 448 16.26 15.34 -13.65
CA GLY F 448 17.01 14.24 -13.03
C GLY F 448 16.56 12.83 -13.43
N ALA F 449 17.51 11.91 -13.35
CA ALA F 449 17.22 10.47 -13.45
C ALA F 449 18.02 9.68 -12.40
N LEU F 450 17.56 8.46 -12.11
CA LEU F 450 18.22 7.52 -11.21
C LEU F 450 18.10 6.13 -11.85
N ILE F 451 19.22 5.48 -12.06
CA ILE F 451 19.23 4.18 -12.73
C ILE F 451 19.92 3.16 -11.85
N HIS F 452 19.29 1.99 -11.69
CA HIS F 452 19.87 0.82 -10.99
C HIS F 452 20.02 -0.32 -11.98
N VAL F 453 21.16 -1.01 -11.91
CA VAL F 453 21.29 -2.30 -12.61
C VAL F 453 21.34 -3.38 -11.52
N TYR F 454 20.40 -4.31 -11.53
CA TYR F 454 20.37 -5.39 -10.54
C TYR F 454 21.30 -6.51 -10.99
N THR F 455 21.59 -7.46 -10.10
CA THR F 455 22.61 -8.49 -10.36
C THR F 455 22.19 -9.56 -11.38
N ASP F 456 20.93 -9.55 -11.81
CA ASP F 456 20.50 -10.34 -12.99
C ASP F 456 20.70 -9.61 -14.35
N GLY F 457 21.19 -8.37 -14.31
CA GLY F 457 21.36 -7.54 -15.48
C GLY F 457 20.13 -6.73 -15.88
N SER F 458 19.02 -6.91 -15.16
CA SER F 458 17.84 -6.10 -15.40
C SER F 458 18.04 -4.69 -14.86
N VAL F 459 17.47 -3.71 -15.57
CA VAL F 459 17.72 -2.29 -15.30
C VAL F 459 16.40 -1.63 -14.87
N LEU F 460 16.46 -0.80 -13.84
CA LEU F 460 15.30 -0.04 -13.38
C LEU F 460 15.62 1.44 -13.55
N VAL F 461 14.85 2.10 -14.42
CA VAL F 461 15.04 3.52 -14.71
C VAL F 461 13.95 4.34 -14.03
N SER F 462 14.36 5.40 -13.34
CA SER F 462 13.45 6.38 -12.75
C SER F 462 13.89 7.77 -13.21
N HIS F 463 12.91 8.61 -13.55
CA HIS F 463 13.22 9.98 -13.99
C HIS F 463 12.08 10.90 -13.53
N GLY F 464 12.28 12.20 -13.63
CA GLY F 464 11.36 13.14 -13.02
C GLY F 464 10.04 13.31 -13.77
N GLY F 465 9.99 12.79 -14.99
CA GLY F 465 8.81 12.96 -15.86
C GLY F 465 7.73 11.95 -15.54
N THR F 466 6.48 12.33 -15.84
CA THR F 466 5.32 11.47 -15.65
C THR F 466 4.72 11.05 -16.99
N GLU F 467 4.10 9.88 -17.01
CA GLU F 467 3.40 9.38 -18.19
C GLU F 467 1.93 9.76 -18.15
N MET F 468 1.47 10.46 -19.18
CA MET F 468 0.05 10.86 -19.29
C MET F 468 -0.57 10.41 -20.63
N GLY F 469 0.14 9.53 -21.34
CA GLY F 469 -0.33 8.97 -22.62
C GLY F 469 0.55 9.39 -23.78
N GLN F 470 1.50 10.27 -23.51
CA GLN F 470 2.36 10.84 -24.54
C GLN F 470 3.53 9.90 -24.91
N GLY F 471 3.67 8.81 -24.16
CA GLY F 471 4.70 7.81 -24.46
C GLY F 471 6.09 8.21 -24.00
N LEU F 472 6.17 9.01 -22.96
CA LEU F 472 7.46 9.41 -22.40
C LEU F 472 8.28 8.22 -21.90
N HIS F 473 7.67 7.33 -21.11
CA HIS F 473 8.44 6.17 -20.61
C HIS F 473 8.91 5.29 -21.74
N THR F 474 8.05 5.09 -22.75
CA THR F 474 8.46 4.37 -23.97
C THR F 474 9.73 4.98 -24.56
N LYS F 475 9.71 6.30 -24.80
CA LYS F 475 10.89 6.98 -25.35
C LYS F 475 12.12 6.88 -24.46
N MET F 476 11.91 6.92 -23.13
CA MET F 476 13.03 6.87 -22.20
C MET F 476 13.69 5.47 -22.23
N VAL F 477 12.85 4.44 -22.33
CA VAL F 477 13.33 3.06 -22.52
C VAL F 477 14.08 2.89 -23.85
N GLN F 478 13.53 3.45 -24.93
CA GLN F 478 14.27 3.44 -26.21
C GLN F 478 15.64 4.12 -26.10
N VAL F 479 15.69 5.26 -25.40
CA VAL F 479 16.97 5.98 -25.19
C VAL F 479 17.95 5.14 -24.34
N ALA F 480 17.46 4.62 -23.22
CA ALA F 480 18.28 3.81 -22.32
C ALA F 480 18.83 2.57 -23.04
N SER F 481 17.99 1.91 -23.84
CA SER F 481 18.39 0.74 -24.61
C SER F 481 19.47 1.06 -25.64
N LYS F 482 19.29 2.17 -26.35
CA LYS F 482 20.30 2.65 -27.30
C LYS F 482 21.62 2.97 -26.57
N ALA F 483 21.54 3.73 -25.48
CA ALA F 483 22.73 4.21 -24.76
C ALA F 483 23.53 3.06 -24.14
N LEU F 484 22.83 2.12 -23.50
CA LEU F 484 23.49 0.98 -22.85
C LEU F 484 23.87 -0.14 -23.82
N LYS F 485 23.27 -0.11 -25.01
CA LYS F 485 23.45 -1.13 -26.04
C LYS F 485 22.96 -2.51 -25.56
N ILE F 486 21.76 -2.51 -24.98
CA ILE F 486 21.09 -3.74 -24.53
C ILE F 486 19.62 -3.68 -24.99
N PRO F 487 18.97 -4.86 -25.15
CA PRO F 487 17.57 -4.88 -25.63
C PRO F 487 16.62 -4.15 -24.68
N ILE F 488 15.57 -3.55 -25.24
CA ILE F 488 14.56 -2.84 -24.44
C ILE F 488 13.94 -3.77 -23.39
N SER F 489 13.92 -5.07 -23.66
CA SER F 489 13.33 -6.05 -22.72
C SER F 489 14.04 -6.15 -21.36
N LYS F 490 15.29 -5.70 -21.31
CA LYS F 490 16.06 -5.66 -20.03
C LYS F 490 15.82 -4.42 -19.16
N ILE F 491 15.06 -3.47 -19.69
CA ILE F 491 14.86 -2.14 -19.02
C ILE F 491 13.39 -2.00 -18.63
N TYR F 492 13.15 -1.42 -17.45
CA TYR F 492 11.80 -1.18 -16.95
C TYR F 492 11.72 0.18 -16.28
N ILE F 493 10.58 0.85 -16.49
CA ILE F 493 10.20 2.03 -15.70
C ILE F 493 8.86 1.74 -15.01
N SER F 494 8.87 1.77 -13.69
CA SER F 494 7.68 1.43 -12.91
C SER F 494 6.77 2.65 -12.63
N GLU F 495 7.37 3.77 -12.24
CA GLU F 495 6.61 4.93 -11.78
C GLU F 495 7.53 6.14 -11.60
N THR F 496 6.90 7.28 -11.31
CA THR F 496 7.58 8.51 -10.99
C THR F 496 7.33 8.74 -9.49
N SER F 497 8.39 9.06 -8.74
CA SER F 497 8.22 9.22 -7.29
C SER F 497 9.23 10.23 -6.73
N THR F 498 8.79 10.94 -5.69
CA THR F 498 9.58 12.01 -5.09
C THR F 498 10.75 11.49 -4.25
N ASN F 499 10.77 10.20 -3.91
CA ASN F 499 11.90 9.60 -3.17
C ASN F 499 12.97 8.95 -4.06
N THR F 500 12.77 9.04 -5.37
CA THR F 500 13.78 8.60 -6.33
C THR F 500 14.41 9.78 -7.08
N VAL F 501 13.57 10.70 -7.57
CA VAL F 501 14.09 11.92 -8.20
C VAL F 501 13.40 13.14 -7.57
N PRO F 502 14.13 13.91 -6.76
CA PRO F 502 13.53 15.02 -6.02
C PRO F 502 13.48 16.32 -6.86
N ASN F 503 12.61 17.26 -6.47
CA ASN F 503 12.65 18.62 -6.99
C ASN F 503 12.43 18.70 -8.51
N SER F 504 11.62 17.79 -9.02
CA SER F 504 11.31 17.72 -10.46
C SER F 504 10.40 18.86 -10.90
N SER F 505 10.67 19.39 -12.10
CA SER F 505 9.76 20.33 -12.75
C SER F 505 8.48 19.60 -13.13
N PRO F 506 7.37 20.33 -13.34
CA PRO F 506 6.19 19.63 -13.83
C PRO F 506 6.50 19.00 -15.19
N THR F 507 5.83 17.89 -15.52
CA THR F 507 5.91 17.32 -16.85
C THR F 507 5.13 18.23 -17.81
N ALA F 508 5.83 19.17 -18.45
CA ALA F 508 5.17 20.24 -19.20
C ALA F 508 6.09 20.89 -20.23
N ALA F 509 5.55 21.86 -20.98
CA ALA F 509 6.34 22.61 -21.98
C ALA F 509 6.87 21.78 -23.16
N SER F 510 6.38 20.54 -23.30
CA SER F 510 6.78 19.64 -24.42
C SER F 510 8.26 19.19 -24.41
N VAL F 511 8.99 19.49 -23.33
CA VAL F 511 10.44 19.24 -23.31
C VAL F 511 10.86 17.99 -22.54
N SER F 512 9.91 17.20 -22.06
CA SER F 512 10.26 16.03 -21.23
C SER F 512 11.21 15.03 -21.90
N THR F 513 10.93 14.69 -23.15
CA THR F 513 11.83 13.82 -23.91
C THR F 513 13.23 14.44 -23.95
N ASP F 514 13.31 15.71 -24.31
CA ASP F 514 14.59 16.44 -24.39
C ASP F 514 15.38 16.33 -23.10
N ILE F 515 14.75 16.71 -21.99
CA ILE F 515 15.50 16.89 -20.73
C ILE F 515 15.69 15.60 -19.92
N TYR F 516 14.62 14.81 -19.76
CA TYR F 516 14.77 13.50 -19.12
C TYR F 516 15.58 12.55 -20.02
N GLY F 517 15.46 12.72 -21.34
CA GLY F 517 16.30 11.93 -22.27
C GLY F 517 17.78 12.16 -22.01
N GLN F 518 18.15 13.41 -21.79
CA GLN F 518 19.55 13.74 -21.52
C GLN F 518 19.99 13.19 -20.15
N ALA F 519 19.15 13.37 -19.13
CA ALA F 519 19.45 12.84 -17.79
C ALA F 519 19.67 11.32 -17.80
N VAL F 520 18.77 10.59 -18.46
CA VAL F 520 18.88 9.14 -18.61
C VAL F 520 20.15 8.77 -19.38
N TYR F 521 20.41 9.51 -20.47
CA TYR F 521 21.62 9.27 -21.27
C TYR F 521 22.87 9.40 -20.39
N GLU F 522 22.93 10.46 -19.59
CA GLU F 522 24.09 10.71 -18.72
C GLU F 522 24.29 9.60 -17.67
N ALA F 523 23.19 9.16 -17.06
CA ALA F 523 23.29 8.05 -16.11
C ALA F 523 23.77 6.76 -16.78
N CYS F 524 23.34 6.53 -18.01
CA CYS F 524 23.73 5.37 -18.80
C CYS F 524 25.23 5.37 -19.10
N GLN F 525 25.74 6.54 -19.47
CA GLN F 525 27.16 6.68 -19.75
C GLN F 525 28.01 6.36 -18.52
N THR F 526 27.55 6.81 -17.35
CA THR F 526 28.22 6.51 -16.08
C THR F 526 28.29 5.00 -15.83
N ILE F 527 27.14 4.32 -15.99
CA ILE F 527 27.12 2.85 -15.93
C ILE F 527 28.13 2.20 -16.92
N LEU F 528 28.09 2.60 -18.18
CA LEU F 528 29.02 2.05 -19.18
C LEU F 528 30.48 2.21 -18.77
N LYS F 529 30.81 3.39 -18.24
CA LYS F 529 32.19 3.66 -17.81
C LYS F 529 32.61 2.68 -16.69
N ARG F 530 31.70 2.41 -15.77
CA ARG F 530 31.96 1.51 -14.65
C ARG F 530 32.07 0.06 -15.08
N LEU F 531 31.32 -0.32 -16.11
CA LEU F 531 31.35 -1.70 -16.59
C LEU F 531 32.51 -2.00 -17.54
N GLU F 532 33.09 -0.96 -18.14
CA GLU F 532 34.12 -1.13 -19.17
C GLU F 532 35.26 -2.08 -18.80
N PRO F 533 35.82 -1.98 -17.58
CA PRO F 533 36.93 -2.91 -17.25
C PRO F 533 36.52 -4.38 -17.28
N PHE F 534 35.25 -4.66 -16.99
CA PHE F 534 34.78 -6.04 -16.90
C PHE F 534 34.48 -6.58 -18.28
N LYS F 535 34.04 -5.70 -19.17
CA LYS F 535 33.93 -6.01 -20.60
C LYS F 535 35.29 -6.44 -21.16
N LYS F 536 36.34 -5.72 -20.80
CA LYS F 536 37.69 -6.00 -21.30
C LYS F 536 38.29 -7.29 -20.77
N LYS F 537 37.91 -7.70 -19.57
CA LYS F 537 38.37 -8.95 -18.97
C LYS F 537 37.63 -10.15 -19.54
N ASN F 538 36.43 -9.91 -20.07
CA ASN F 538 35.56 -10.98 -20.57
C ASN F 538 34.88 -10.55 -21.87
N PRO F 539 35.68 -10.34 -22.94
CA PRO F 539 35.15 -9.71 -24.15
C PRO F 539 34.18 -10.59 -24.93
N ASP F 540 34.25 -11.92 -24.72
CA ASP F 540 33.31 -12.84 -25.35
C ASP F 540 32.02 -13.01 -24.53
N GLY F 541 32.01 -12.41 -23.33
CA GLY F 541 30.90 -12.54 -22.39
C GLY F 541 29.62 -11.78 -22.67
N SER F 542 28.67 -11.89 -21.75
CA SER F 542 27.34 -11.27 -21.87
C SER F 542 27.21 -10.08 -20.94
N TRP F 543 26.26 -9.20 -21.24
CA TRP F 543 25.84 -8.14 -20.32
C TRP F 543 25.72 -8.64 -18.89
N GLU F 544 25.00 -9.75 -18.71
CA GLU F 544 24.75 -10.33 -17.38
C GLU F 544 26.06 -10.70 -16.66
N ASP F 545 27.00 -11.28 -17.41
CA ASP F 545 28.32 -11.66 -16.88
C ASP F 545 29.11 -10.45 -16.40
N TRP F 546 29.08 -9.38 -17.18
CA TRP F 546 29.81 -8.14 -16.87
C TRP F 546 29.24 -7.49 -15.60
N VAL F 547 27.90 -7.42 -15.51
CA VAL F 547 27.21 -6.85 -14.34
C VAL F 547 27.55 -7.63 -13.06
N MET F 548 27.45 -8.96 -13.11
CA MET F 548 27.83 -9.77 -11.96
C MET F 548 29.32 -9.60 -11.58
N ALA F 549 30.21 -9.55 -12.58
CA ALA F 549 31.65 -9.29 -12.31
C ALA F 549 31.84 -7.96 -11.58
N ALA F 550 31.15 -6.91 -12.06
CA ALA F 550 31.23 -5.57 -11.44
C ALA F 550 30.72 -5.62 -9.98
N TYR F 551 29.56 -6.23 -9.76
CA TYR F 551 29.01 -6.41 -8.41
C TYR F 551 30.01 -7.08 -7.47
N GLN F 552 30.60 -8.19 -7.93
CA GLN F 552 31.49 -8.99 -7.09
C GLN F 552 32.83 -8.28 -6.81
N ASP F 553 33.16 -7.28 -7.64
CA ASP F 553 34.33 -6.44 -7.45
C ASP F 553 33.97 -5.12 -6.70
N ARG F 554 32.73 -5.08 -6.19
CA ARG F 554 32.26 -3.96 -5.38
C ARG F 554 32.34 -2.62 -6.12
N VAL F 555 31.86 -2.65 -7.36
CA VAL F 555 31.63 -1.45 -8.17
C VAL F 555 30.12 -1.14 -8.11
N SER F 556 29.79 0.12 -7.82
CA SER F 556 28.39 0.52 -7.70
C SER F 556 27.66 0.46 -9.02
N LEU F 557 26.48 -0.15 -9.00
CA LEU F 557 25.63 -0.27 -10.19
C LEU F 557 24.40 0.65 -10.07
N SER F 558 24.54 1.72 -9.29
CA SER F 558 23.49 2.72 -9.16
C SER F 558 24.06 4.12 -9.41
N THR F 559 23.35 4.91 -10.20
CA THR F 559 23.78 6.28 -10.48
C THR F 559 22.65 7.27 -10.76
N THR F 560 22.92 8.54 -10.45
CA THR F 560 22.06 9.63 -10.88
C THR F 560 22.53 10.20 -12.23
N GLY F 561 21.64 10.89 -12.91
CA GLY F 561 21.94 11.65 -14.13
C GLY F 561 21.19 12.96 -14.00
N PHE F 562 21.71 14.01 -14.62
CA PHE F 562 21.13 15.37 -14.49
C PHE F 562 21.42 16.17 -15.74
N TYR F 563 20.48 17.03 -16.13
CA TYR F 563 20.64 17.90 -17.32
C TYR F 563 20.06 19.28 -17.03
N ARG F 564 20.79 20.31 -17.45
CA ARG F 564 20.36 21.71 -17.29
C ARG F 564 20.50 22.34 -18.69
N THR F 565 19.40 22.81 -19.27
CA THR F 565 19.40 23.39 -20.63
C THR F 565 20.28 24.64 -20.62
N PRO F 566 21.27 24.70 -21.53
CA PRO F 566 22.20 25.84 -21.51
C PRO F 566 21.65 27.10 -22.17
N ASN F 567 22.20 28.25 -21.75
CA ASN F 567 22.05 29.53 -22.44
C ASN F 567 20.60 30.03 -22.58
N LEU F 568 19.84 29.87 -21.51
CA LEU F 568 18.49 30.43 -21.44
C LEU F 568 18.46 31.56 -20.44
N GLY F 569 17.75 32.64 -20.78
CA GLY F 569 17.56 33.73 -19.82
C GLY F 569 17.17 35.02 -20.52
N TYR F 570 15.94 35.09 -20.99
CA TYR F 570 15.44 36.29 -21.64
C TYR F 570 15.09 37.35 -20.61
N SER F 571 15.43 38.60 -20.93
CA SER F 571 15.04 39.71 -20.08
C SER F 571 14.06 40.67 -20.74
N PHE F 572 12.94 40.89 -20.04
CA PHE F 572 11.90 41.80 -20.49
C PHE F 572 12.34 43.27 -20.39
N GLU F 573 13.37 43.53 -19.58
CA GLU F 573 13.91 44.89 -19.47
C GLU F 573 15.07 45.24 -20.43
N THR F 574 15.62 44.26 -21.14
CA THR F 574 16.58 44.54 -22.22
C THR F 574 16.15 44.00 -23.60
N ASN F 575 15.00 43.30 -23.65
CA ASN F 575 14.57 42.56 -24.86
C ASN F 575 15.71 41.78 -25.52
N SER F 576 16.43 41.00 -24.72
CA SER F 576 17.49 40.15 -25.22
C SER F 576 17.69 38.93 -24.30
N GLY F 577 18.51 38.00 -24.78
CA GLY F 577 18.77 36.72 -24.11
C GLY F 577 17.80 35.69 -24.66
N ASN F 578 18.26 34.46 -24.84
CA ASN F 578 17.43 33.41 -25.41
C ASN F 578 16.22 33.08 -24.54
N ALA F 579 15.03 33.18 -25.11
CA ALA F 579 13.83 32.70 -24.43
C ALA F 579 13.65 31.18 -24.59
N PHE F 580 14.05 30.65 -25.74
CA PHE F 580 13.83 29.25 -26.09
C PHE F 580 15.11 28.54 -26.49
N HIS F 581 15.11 27.22 -26.44
CA HIS F 581 16.29 26.46 -26.85
C HIS F 581 16.32 26.33 -28.37
N TYR F 582 15.16 26.04 -28.96
CA TYR F 582 14.94 26.02 -30.40
C TYR F 582 13.43 26.16 -30.63
N PHE F 583 13.01 26.03 -31.89
CA PHE F 583 11.59 26.16 -32.25
C PHE F 583 11.15 24.93 -33.03
N THR F 584 9.92 24.49 -32.81
CA THR F 584 9.33 23.39 -33.61
C THR F 584 8.42 24.06 -34.65
N TYR F 585 8.36 23.50 -35.86
CA TYR F 585 7.65 24.13 -36.98
C TYR F 585 6.69 23.17 -37.65
N GLY F 586 5.68 23.73 -38.32
CA GLY F 586 4.75 22.91 -39.10
C GLY F 586 3.82 23.74 -39.95
N VAL F 587 3.12 23.06 -40.86
CA VAL F 587 2.14 23.69 -41.73
C VAL F 587 0.97 22.73 -41.90
N ALA F 588 -0.25 23.27 -41.91
CA ALA F 588 -1.45 22.46 -42.16
C ALA F 588 -2.35 23.16 -43.17
N CYS F 589 -2.93 22.37 -44.06
CA CYS F 589 -3.88 22.85 -45.04
C CYS F 589 -5.17 22.07 -44.83
N SER F 590 -6.29 22.78 -44.64
CA SER F 590 -7.58 22.13 -44.42
C SER F 590 -8.65 22.66 -45.34
N GLU F 591 -9.57 21.78 -45.70
CA GLU F 591 -10.71 22.09 -46.56
C GLU F 591 -12.00 21.69 -45.83
N VAL F 592 -13.00 22.56 -45.92
CA VAL F 592 -14.30 22.31 -45.29
C VAL F 592 -15.45 22.59 -46.24
N GLU F 593 -16.61 22.03 -45.93
CA GLU F 593 -17.85 22.39 -46.61
C GLU F 593 -18.81 22.87 -45.52
N ILE F 594 -19.38 24.07 -45.67
CA ILE F 594 -20.41 24.55 -44.75
C ILE F 594 -21.83 24.45 -45.34
N ASP F 595 -22.80 24.19 -44.46
CA ASP F 595 -24.22 24.26 -44.79
C ASP F 595 -24.67 25.65 -44.37
N CYS F 596 -24.84 26.55 -45.35
CA CYS F 596 -25.21 27.94 -45.08
C CYS F 596 -26.58 28.10 -44.38
N LEU F 597 -27.42 27.09 -44.50
CA LEU F 597 -28.76 27.13 -43.92
C LEU F 597 -28.83 26.64 -42.46
N THR F 598 -27.83 25.87 -42.03
CA THR F 598 -27.86 25.31 -40.67
C THR F 598 -26.65 25.69 -39.79
N GLY F 599 -25.55 26.09 -40.41
CA GLY F 599 -24.31 26.31 -39.66
C GLY F 599 -23.47 25.08 -39.38
N ASP F 600 -23.97 23.88 -39.73
CA ASP F 600 -23.16 22.66 -39.68
C ASP F 600 -22.07 22.68 -40.75
N HIS F 601 -21.06 21.84 -40.57
CA HIS F 601 -19.99 21.75 -41.55
C HIS F 601 -19.34 20.38 -41.54
N LYS F 602 -18.64 20.07 -42.62
CA LYS F 602 -17.91 18.82 -42.78
C LYS F 602 -16.45 19.18 -42.94
N ASN F 603 -15.57 18.49 -42.21
CA ASN F 603 -14.14 18.62 -42.40
C ASN F 603 -13.74 17.61 -43.46
N LEU F 604 -13.43 18.11 -44.66
CA LEU F 604 -13.30 17.22 -45.82
C LEU F 604 -11.92 16.58 -45.92
N ARG F 605 -10.90 17.39 -45.69
CA ARG F 605 -9.52 16.94 -45.81
C ARG F 605 -8.58 17.87 -45.09
N THR F 606 -7.58 17.27 -44.46
CA THR F 606 -6.49 17.99 -43.82
C THR F 606 -5.14 17.34 -44.14
N ASP F 607 -4.18 18.17 -44.55
CA ASP F 607 -2.80 17.73 -44.78
C ASP F 607 -1.87 18.51 -43.84
N ILE F 608 -1.03 17.79 -43.10
CA ILE F 608 -0.08 18.41 -42.16
C ILE F 608 1.36 18.00 -42.53
N VAL F 609 2.29 18.95 -42.53
CA VAL F 609 3.71 18.64 -42.60
C VAL F 609 4.38 19.26 -41.39
N MET F 610 5.01 18.42 -40.56
CA MET F 610 5.53 18.85 -39.26
C MET F 610 7.03 18.56 -39.15
N ASP F 611 7.80 19.53 -38.72
CA ASP F 611 9.23 19.35 -38.49
C ASP F 611 9.42 18.91 -37.05
N VAL F 612 9.63 17.61 -36.85
CA VAL F 612 9.92 17.09 -35.49
C VAL F 612 11.39 16.65 -35.38
N GLY F 613 12.23 17.19 -36.25
CA GLY F 613 13.65 16.78 -36.31
C GLY F 613 13.75 15.31 -36.70
N SER F 614 14.72 14.60 -36.12
CA SER F 614 14.83 13.16 -36.34
C SER F 614 14.09 12.46 -35.21
N SER F 615 12.86 12.02 -35.51
CA SER F 615 11.96 11.43 -34.51
C SER F 615 12.55 10.22 -33.78
N LEU F 616 12.40 10.18 -32.45
CA LEU F 616 12.81 8.98 -31.68
C LEU F 616 11.84 7.82 -31.94
N ASN F 617 10.59 8.17 -32.24
CA ASN F 617 9.54 7.21 -32.48
C ASN F 617 8.47 7.85 -33.37
N PRO F 618 8.51 7.58 -34.69
CA PRO F 618 7.55 8.22 -35.63
C PRO F 618 6.10 7.90 -35.33
N ALA F 619 5.82 6.73 -34.76
CA ALA F 619 4.45 6.33 -34.40
C ALA F 619 3.92 7.22 -33.28
N ILE F 620 4.71 7.38 -32.23
CA ILE F 620 4.31 8.22 -31.09
C ILE F 620 4.19 9.68 -31.53
N ASP F 621 5.15 10.12 -32.35
CA ASP F 621 5.19 11.52 -32.83
C ASP F 621 4.04 11.86 -33.78
N ILE F 622 3.74 10.99 -34.74
CA ILE F 622 2.55 11.20 -35.59
C ILE F 622 1.29 11.22 -34.72
N GLY F 623 1.25 10.37 -33.70
CA GLY F 623 0.12 10.30 -32.75
C GLY F 623 -0.06 11.60 -32.00
N GLN F 624 1.06 12.21 -31.63
CA GLN F 624 1.05 13.51 -30.94
C GLN F 624 0.58 14.63 -31.85
N VAL F 625 1.03 14.61 -33.10
CA VAL F 625 0.52 15.54 -34.14
C VAL F 625 -0.99 15.46 -34.38
N GLU F 626 -1.49 14.24 -34.60
CA GLU F 626 -2.92 14.00 -34.74
C GLU F 626 -3.75 14.40 -33.51
N GLY F 627 -3.30 14.00 -32.32
CA GLY F 627 -4.05 14.30 -31.09
C GLY F 627 -4.08 15.80 -30.82
N ALA F 628 -2.92 16.45 -30.97
CA ALA F 628 -2.86 17.91 -30.76
C ALA F 628 -3.78 18.64 -31.76
N PHE F 629 -3.63 18.33 -33.04
CA PHE F 629 -4.46 18.92 -34.10
C PHE F 629 -5.95 18.78 -33.79
N VAL F 630 -6.39 17.60 -33.38
CA VAL F 630 -7.82 17.42 -33.05
C VAL F 630 -8.25 18.23 -31.81
N GLN F 631 -7.41 18.29 -30.77
CA GLN F 631 -7.73 19.23 -29.67
C GLN F 631 -7.84 20.69 -30.12
N GLY F 632 -7.00 21.09 -31.07
CA GLY F 632 -7.07 22.43 -31.67
C GLY F 632 -8.35 22.64 -32.47
N LEU F 633 -8.68 21.66 -33.29
CA LEU F 633 -9.95 21.68 -34.03
C LEU F 633 -11.15 21.83 -33.06
N GLY F 634 -11.09 21.15 -31.92
CA GLY F 634 -12.08 21.31 -30.86
C GLY F 634 -12.15 22.74 -30.33
N LEU F 635 -10.97 23.28 -29.96
CA LEU F 635 -10.89 24.62 -29.40
C LEU F 635 -11.50 25.68 -30.32
N PHE F 636 -11.19 25.58 -31.61
CA PHE F 636 -11.57 26.63 -32.57
C PHE F 636 -12.95 26.43 -33.22
N THR F 637 -13.52 25.23 -33.13
CA THR F 637 -14.78 24.93 -33.85
C THR F 637 -15.92 24.21 -33.11
N LEU F 638 -15.65 23.55 -32.00
CA LEU F 638 -16.68 22.72 -31.35
C LEU F 638 -16.92 23.08 -29.90
N GLU F 639 -15.84 23.34 -29.16
CA GLU F 639 -15.91 23.39 -27.70
C GLU F 639 -16.26 24.78 -27.23
N GLU F 640 -17.36 24.90 -26.50
CA GLU F 640 -17.84 26.18 -26.01
C GLU F 640 -18.29 26.06 -24.55
N LEU F 641 -17.64 26.79 -23.66
CA LEU F 641 -18.08 26.86 -22.29
C LEU F 641 -19.06 28.02 -22.15
N HIS F 642 -20.15 27.79 -21.44
CA HIS F 642 -21.15 28.83 -21.29
C HIS F 642 -21.50 29.04 -19.82
N TYR F 643 -21.60 30.31 -19.40
CA TYR F 643 -21.83 30.71 -18.01
C TYR F 643 -23.12 31.51 -17.86
N SER F 644 -23.81 31.33 -16.73
CA SER F 644 -24.95 32.18 -16.39
C SER F 644 -24.49 33.65 -16.21
N PRO F 645 -25.44 34.61 -16.27
CA PRO F 645 -25.08 36.02 -16.00
C PRO F 645 -24.47 36.18 -14.60
N GLU F 646 -24.79 35.25 -13.70
CA GLU F 646 -24.29 35.27 -12.33
C GLU F 646 -22.91 34.59 -12.21
N GLY F 647 -22.41 34.05 -13.31
CA GLY F 647 -21.07 33.46 -13.35
C GLY F 647 -20.99 31.98 -13.01
N SER F 648 -22.09 31.26 -13.19
CA SER F 648 -22.15 29.81 -12.94
C SER F 648 -22.09 29.01 -14.24
N LEU F 649 -21.11 28.12 -14.33
CA LEU F 649 -20.90 27.31 -15.52
C LEU F 649 -22.13 26.41 -15.82
N HIS F 650 -22.64 26.50 -17.05
CA HIS F 650 -23.79 25.68 -17.50
C HIS F 650 -23.31 24.35 -18.10
N THR F 651 -22.19 24.40 -18.80
CA THR F 651 -21.71 23.28 -19.61
C THR F 651 -20.77 22.40 -18.76
N ARG F 652 -21.32 21.36 -18.15
CA ARG F 652 -20.62 20.55 -17.13
C ARG F 652 -20.49 19.05 -17.45
N GLY F 653 -20.64 18.69 -18.72
CA GLY F 653 -20.58 17.31 -19.14
C GLY F 653 -20.64 17.13 -20.64
N PRO F 654 -20.40 15.89 -21.12
CA PRO F 654 -20.38 15.65 -22.58
C PRO F 654 -21.71 15.91 -23.31
N SER F 655 -22.83 15.97 -22.59
CA SER F 655 -24.11 16.32 -23.23
C SER F 655 -24.17 17.83 -23.62
N THR F 656 -23.42 18.68 -22.92
CA THR F 656 -23.47 20.14 -23.17
C THR F 656 -22.14 20.77 -23.59
N TYR F 657 -21.07 19.98 -23.50
CA TYR F 657 -19.74 20.36 -23.93
C TYR F 657 -19.22 19.32 -24.93
N LYS F 658 -19.04 19.76 -26.17
CA LYS F 658 -18.78 18.81 -27.24
C LYS F 658 -17.33 18.84 -27.66
N ILE F 659 -16.55 17.86 -27.19
CA ILE F 659 -15.18 17.64 -27.70
C ILE F 659 -15.28 16.85 -29.01
N PRO F 660 -14.21 16.88 -29.83
CA PRO F 660 -14.30 16.08 -31.08
C PRO F 660 -14.61 14.60 -30.86
N ALA F 661 -15.45 14.05 -31.74
CA ALA F 661 -15.84 12.63 -31.72
C ALA F 661 -15.30 11.89 -32.94
N PHE F 662 -15.52 10.57 -32.99
CA PHE F 662 -15.04 9.77 -34.13
C PHE F 662 -15.42 10.39 -35.46
N GLY F 663 -16.63 10.92 -35.55
CA GLY F 663 -17.13 11.49 -36.80
C GLY F 663 -16.71 12.92 -37.10
N SER F 664 -15.99 13.55 -36.17
CA SER F 664 -15.59 14.97 -36.28
C SER F 664 -14.32 15.20 -37.10
N ILE F 665 -13.52 14.15 -37.26
CA ILE F 665 -12.19 14.31 -37.85
C ILE F 665 -12.28 14.40 -39.38
N PRO F 666 -11.28 15.05 -40.02
CA PRO F 666 -11.32 15.16 -41.49
C PRO F 666 -11.43 13.81 -42.17
N THR F 667 -12.28 13.71 -43.18
CA THR F 667 -12.48 12.44 -43.90
C THR F 667 -11.15 11.89 -44.44
N GLU F 668 -10.34 12.77 -45.02
CA GLU F 668 -8.98 12.46 -45.46
C GLU F 668 -8.03 13.23 -44.56
N PHE F 669 -7.22 12.51 -43.80
CA PHE F 669 -6.47 13.11 -42.69
C PHE F 669 -5.03 12.63 -42.83
N ARG F 670 -4.17 13.49 -43.37
CA ARG F 670 -2.79 13.09 -43.71
C ARG F 670 -1.74 13.84 -42.93
N VAL F 671 -0.89 13.10 -42.22
CA VAL F 671 0.22 13.71 -41.48
C VAL F 671 1.55 13.18 -42.01
N SER F 672 2.48 14.10 -42.29
CA SER F 672 3.85 13.75 -42.69
C SER F 672 4.87 14.43 -41.79
N LEU F 673 5.89 13.68 -41.37
CA LEU F 673 7.04 14.26 -40.68
C LEU F 673 8.13 14.65 -41.68
N LEU F 674 8.60 15.90 -41.58
CA LEU F 674 9.66 16.41 -42.45
C LEU F 674 10.91 15.52 -42.38
N ARG F 675 11.47 15.22 -43.56
CA ARG F 675 12.67 14.38 -43.66
C ARG F 675 13.94 15.21 -43.69
N ASP F 676 15.04 14.60 -43.27
CA ASP F 676 16.39 15.18 -43.33
C ASP F 676 16.49 16.55 -42.66
N CYS F 677 16.00 16.62 -41.43
CA CYS F 677 16.07 17.86 -40.66
C CYS F 677 16.52 17.62 -39.21
N PRO F 678 17.75 17.08 -39.03
CA PRO F 678 18.20 16.76 -37.67
C PRO F 678 18.33 18.01 -36.81
N ASN F 679 17.96 17.89 -35.53
CA ASN F 679 18.06 19.00 -34.59
C ASN F 679 19.25 18.83 -33.65
N LYS F 680 20.31 19.61 -33.88
CA LYS F 680 21.54 19.53 -33.09
C LYS F 680 21.33 19.86 -31.60
N LYS F 681 20.21 20.52 -31.30
CA LYS F 681 19.96 21.04 -29.95
C LYS F 681 19.28 20.05 -28.99
N ALA F 682 18.88 18.86 -29.46
CA ALA F 682 18.21 17.89 -28.57
C ALA F 682 18.64 16.44 -28.76
N ILE F 683 18.28 15.60 -27.79
CA ILE F 683 18.69 14.19 -27.74
C ILE F 683 18.46 13.43 -29.04
N TYR F 684 19.53 12.85 -29.58
CA TYR F 684 19.48 12.08 -30.85
C TYR F 684 18.84 12.86 -32.02
N ALA F 685 19.00 14.19 -32.01
CA ALA F 685 18.56 15.06 -33.10
C ALA F 685 17.03 15.22 -33.24
N SER F 686 16.29 14.84 -32.20
CA SER F 686 14.83 14.95 -32.17
C SER F 686 14.36 16.35 -31.81
N LYS F 687 13.03 16.56 -31.86
CA LYS F 687 12.42 17.81 -31.39
C LYS F 687 11.15 17.52 -30.58
N ALA F 688 10.83 18.46 -29.70
CA ALA F 688 9.59 18.47 -28.94
C ALA F 688 8.39 18.47 -29.88
N VAL F 689 7.35 17.71 -29.53
CA VAL F 689 6.17 17.54 -30.40
C VAL F 689 4.81 17.71 -29.67
N GLY F 690 4.81 17.65 -28.34
CA GLY F 690 3.52 17.58 -27.60
C GLY F 690 2.56 18.70 -27.97
N GLU F 691 3.02 19.94 -27.79
CA GLU F 691 2.18 21.16 -27.96
C GLU F 691 2.21 21.86 -29.33
N PRO F 692 3.39 21.94 -29.99
CA PRO F 692 3.43 22.69 -31.28
C PRO F 692 2.31 22.46 -32.33
N PRO F 693 1.83 21.22 -32.51
CA PRO F 693 0.83 21.04 -33.59
C PRO F 693 -0.60 21.57 -33.30
N LEU F 694 -0.93 21.81 -32.03
CA LEU F 694 -2.32 22.11 -31.67
C LEU F 694 -2.89 23.31 -32.47
N PHE F 695 -2.07 24.36 -32.59
CA PHE F 695 -2.55 25.55 -33.27
C PHE F 695 -2.93 25.27 -34.73
N LEU F 696 -2.31 24.24 -35.33
CA LEU F 696 -2.60 23.93 -36.73
C LEU F 696 -4.06 23.56 -36.95
N GLY F 697 -4.76 23.20 -35.88
CA GLY F 697 -6.21 23.03 -35.90
C GLY F 697 -6.95 24.27 -36.40
N ALA F 698 -6.31 25.42 -36.27
CA ALA F 698 -6.87 26.69 -36.75
C ALA F 698 -7.05 26.73 -38.28
N SER F 699 -6.31 25.91 -39.03
CA SER F 699 -6.57 25.79 -40.49
C SER F 699 -8.03 25.43 -40.82
N VAL F 700 -8.68 24.66 -39.94
CA VAL F 700 -10.13 24.40 -40.08
C VAL F 700 -10.95 25.68 -39.87
N PHE F 701 -10.55 26.50 -38.88
CA PHE F 701 -11.27 27.75 -38.59
C PHE F 701 -11.21 28.70 -39.79
N PHE F 702 -10.01 28.90 -40.33
CA PHE F 702 -9.85 29.87 -41.41
C PHE F 702 -10.41 29.36 -42.74
N ALA F 703 -10.45 28.03 -42.91
CA ALA F 703 -11.17 27.42 -44.03
C ALA F 703 -12.66 27.72 -43.93
N ILE F 704 -13.21 27.59 -42.72
CA ILE F 704 -14.62 27.93 -42.45
C ILE F 704 -14.87 29.41 -42.75
N LYS F 705 -13.94 30.27 -42.29
CA LYS F 705 -14.05 31.72 -42.51
C LYS F 705 -14.15 32.05 -44.00
N ASP F 706 -13.31 31.38 -44.78
CA ASP F 706 -13.30 31.54 -46.25
C ASP F 706 -14.62 31.10 -46.88
N ALA F 707 -15.20 29.99 -46.38
CA ALA F 707 -16.51 29.53 -46.86
C ALA F 707 -17.62 30.54 -46.55
N ILE F 708 -17.56 31.11 -45.35
CA ILE F 708 -18.53 32.13 -44.93
C ILE F 708 -18.44 33.34 -45.87
N ARG F 709 -17.20 33.74 -46.22
CA ARG F 709 -16.99 34.85 -47.14
C ARG F 709 -17.64 34.58 -48.49
N ALA F 710 -17.57 33.34 -48.94
CA ALA F 710 -18.20 32.91 -50.19
C ALA F 710 -19.72 32.96 -50.08
N ALA F 711 -20.27 32.52 -48.94
CA ALA F 711 -21.71 32.60 -48.68
C ALA F 711 -22.19 34.05 -48.66
N ARG F 712 -21.43 34.93 -48.00
CA ARG F 712 -21.79 36.35 -47.92
C ARG F 712 -21.73 37.07 -49.26
N ALA F 713 -20.76 36.71 -50.10
CA ALA F 713 -20.69 37.22 -51.47
C ALA F 713 -21.95 36.86 -52.26
N GLN F 714 -22.47 35.66 -52.06
CA GLN F 714 -23.66 35.14 -52.74
C GLN F 714 -24.98 35.82 -52.30
N HIS F 715 -25.14 36.00 -50.99
CA HIS F 715 -26.44 36.37 -50.42
C HIS F 715 -26.54 37.78 -49.79
N THR F 716 -25.41 38.43 -49.59
CA THR F 716 -25.40 39.80 -49.07
C THR F 716 -24.91 40.78 -50.15
N ASN F 717 -24.06 41.72 -49.75
CA ASN F 717 -23.42 42.71 -50.62
C ASN F 717 -22.58 42.16 -51.79
N ASN F 718 -21.93 43.06 -52.52
CA ASN F 718 -20.96 42.73 -53.57
C ASN F 718 -19.56 43.26 -53.22
N ASN F 719 -19.32 43.40 -51.92
CA ASN F 719 -18.03 43.81 -51.37
C ASN F 719 -17.17 42.59 -51.09
N THR F 720 -16.32 42.23 -52.06
CA THR F 720 -15.37 41.14 -51.87
C THR F 720 -14.25 41.54 -50.89
N LYS F 721 -14.11 42.84 -50.64
CA LYS F 721 -13.13 43.34 -49.66
C LYS F 721 -13.75 43.60 -48.28
N GLU F 722 -14.95 43.06 -48.07
CA GLU F 722 -15.67 43.21 -46.80
C GLU F 722 -15.05 42.42 -45.65
N LEU F 723 -14.88 43.08 -44.51
CA LEU F 723 -14.43 42.44 -43.26
C LEU F 723 -15.57 42.28 -42.26
N PHE F 724 -15.56 41.17 -41.55
CA PHE F 724 -16.53 40.89 -40.49
C PHE F 724 -15.83 40.17 -39.35
N ARG F 725 -16.35 40.35 -38.13
CA ARG F 725 -15.74 39.77 -36.95
C ARG F 725 -16.24 38.33 -36.73
N LEU F 726 -15.30 37.39 -36.67
CA LEU F 726 -15.62 36.01 -36.31
C LEU F 726 -14.74 35.54 -35.13
N ASP F 727 -15.32 35.52 -33.94
CA ASP F 727 -14.62 35.03 -32.74
C ASP F 727 -14.44 33.51 -32.78
N SER F 728 -13.64 32.99 -31.86
CA SER F 728 -13.52 31.54 -31.66
C SER F 728 -14.23 31.14 -30.36
N PRO F 729 -14.86 29.96 -30.34
CA PRO F 729 -14.98 28.95 -31.41
C PRO F 729 -16.04 29.33 -32.46
N ALA F 730 -15.79 28.93 -33.71
CA ALA F 730 -16.79 29.07 -34.77
C ALA F 730 -17.79 27.91 -34.70
N THR F 731 -18.73 28.03 -33.77
CA THR F 731 -19.80 27.05 -33.55
C THR F 731 -20.85 27.20 -34.66
N PRO F 732 -21.76 26.19 -34.80
CA PRO F 732 -22.89 26.33 -35.71
C PRO F 732 -23.67 27.63 -35.53
N GLU F 733 -23.89 28.07 -34.29
CA GLU F 733 -24.56 29.36 -34.06
C GLU F 733 -23.83 30.50 -34.78
N LYS F 734 -22.51 30.57 -34.59
CA LYS F 734 -21.70 31.65 -35.15
C LYS F 734 -21.61 31.59 -36.67
N ILE F 735 -21.44 30.38 -37.21
CA ILE F 735 -21.38 30.16 -38.66
C ILE F 735 -22.71 30.57 -39.30
N ARG F 736 -23.81 30.05 -38.80
CA ARG F 736 -25.13 30.38 -39.36
C ARG F 736 -25.43 31.87 -39.32
N ASN F 737 -25.21 32.49 -38.16
CA ASN F 737 -25.49 33.93 -38.00
C ASN F 737 -24.67 34.79 -38.97
N ALA F 738 -23.44 34.36 -39.27
CA ALA F 738 -22.54 35.10 -40.17
C ALA F 738 -22.89 34.91 -41.65
N CYS F 739 -23.63 33.84 -41.96
CA CYS F 739 -24.15 33.62 -43.31
C CYS F 739 -25.44 34.41 -43.47
N VAL F 740 -25.30 35.73 -43.46
CA VAL F 740 -26.44 36.66 -43.55
C VAL F 740 -27.15 36.45 -44.91
N ASP F 741 -28.48 36.34 -44.85
CA ASP F 741 -29.30 36.03 -46.04
C ASP F 741 -30.73 36.48 -45.79
N LYS F 742 -31.64 36.04 -46.67
CA LYS F 742 -33.07 36.41 -46.61
C LYS F 742 -33.80 35.88 -45.37
N PHE F 743 -33.23 34.85 -44.74
CA PHE F 743 -33.82 34.29 -43.51
C PHE F 743 -33.31 34.98 -42.24
N THR F 744 -32.00 35.20 -42.15
CA THR F 744 -31.43 35.88 -40.98
C THR F 744 -31.96 37.31 -40.86
N THR F 745 -32.12 37.97 -42.01
CA THR F 745 -32.64 39.34 -42.07
C THR F 745 -34.16 39.38 -41.90
FE1 FES G . 13.26 -5.63 21.24
FE2 FES G . 12.38 -5.62 23.79
S1 FES G . 13.19 -3.90 22.64
S2 FES G . 12.17 -7.26 22.35
FE1 FES H . 0.30 -13.28 24.52
FE2 FES H . 2.99 -13.94 24.11
S1 FES H . 1.84 -13.85 26.05
S2 FES H . 1.47 -13.17 22.61
PA FAD I . -9.30 -23.21 31.84
O1A FAD I . -8.33 -23.23 30.67
O2A FAD I . -10.40 -22.21 31.68
O5B FAD I . -9.80 -24.71 32.17
C5B FAD I . -8.85 -25.72 32.45
C4B FAD I . -9.48 -27.09 32.65
O4B FAD I . -10.15 -27.13 33.90
C3B FAD I . -10.50 -27.45 31.59
O3B FAD I . -10.43 -28.85 31.38
C2B FAD I . -11.81 -27.07 32.26
O2B FAD I . -12.89 -27.78 31.69
C1B FAD I . -11.53 -27.43 33.71
N9A FAD I . -12.23 -26.65 34.76
C8A FAD I . -12.08 -25.33 35.06
N7A FAD I . -12.87 -25.02 36.13
C5A FAD I . -13.50 -26.17 36.51
C6A FAD I . -14.40 -26.45 37.54
N6A FAD I . -14.49 -25.58 38.57
N1A FAD I . -14.87 -27.73 37.69
C2A FAD I . -14.47 -28.73 36.83
N3A FAD I . -13.57 -28.45 35.82
C4A FAD I . -13.10 -27.19 35.67
N1 FAD I . 0.87 -24.27 36.20
C2 FAD I . 1.72 -24.77 37.18
O2 FAD I . 1.32 -25.66 37.93
N3 FAD I . 3.01 -24.28 37.28
C4 FAD I . 3.46 -23.29 36.43
O4 FAD I . 4.61 -22.87 36.53
C4X FAD I . 2.59 -22.78 35.45
N5 FAD I . 2.99 -21.78 34.57
C5X FAD I . 2.14 -21.30 33.61
C6 FAD I . 2.60 -20.31 32.74
C7 FAD I . 1.75 -19.81 31.76
C7M FAD I . 2.35 -18.89 30.74
C8 FAD I . 0.44 -20.29 31.63
C8M FAD I . -0.41 -19.90 30.46
C9 FAD I . -0.02 -21.29 32.52
C9A FAD I . 0.83 -21.81 33.51
N10 FAD I . 0.41 -22.80 34.39
C10 FAD I . 1.29 -23.28 35.35
C1' FAD I . -0.92 -23.48 34.30
C2' FAD I . -2.03 -22.64 34.94
O2' FAD I . -1.94 -22.59 36.35
C3' FAD I . -3.38 -23.21 34.50
O3' FAD I . -3.45 -23.20 33.08
C4' FAD I . -4.58 -22.41 35.04
O4' FAD I . -4.63 -22.44 36.45
C5' FAD I . -5.86 -23.01 34.45
O5' FAD I . -6.94 -22.23 34.96
P FAD I . -7.96 -21.58 33.92
O1P FAD I . -9.02 -20.88 34.76
O2P FAD I . -7.25 -20.71 32.92
O3P FAD I . -8.49 -22.94 33.21
N1 MTE J . 20.15 -5.29 18.33
C2 MTE J . 18.81 -5.33 18.28
N2 MTE J . 18.09 -4.52 19.13
N3 MTE J . 18.14 -6.14 17.42
C4 MTE J . 18.76 -6.98 16.56
O4 MTE J . 18.16 -7.73 15.75
N5 MTE J . 20.97 -7.82 15.71
C6 MTE J . 22.38 -8.00 16.02
C7 MTE J . 23.01 -6.67 16.45
N8 MTE J . 22.25 -6.04 17.50
C9 MTE J . 20.23 -7.00 16.54
C10 MTE J . 20.89 -6.06 17.50
C1' MTE J . 23.21 -8.56 14.89
S1' MTE J . 23.13 -10.25 14.66
C2' MTE J . 24.01 -7.74 14.15
S2' MTE J . 25.01 -8.38 12.92
C3' MTE J . 24.06 -6.23 14.36
O3' MTE J . 23.09 -5.79 15.32
C4' MTE J . 23.74 -5.67 12.98
O4' MTE J . 23.53 -4.27 12.97
P MTE J . 24.80 -3.28 12.84
O1P MTE J . 25.65 -3.81 11.71
O2P MTE J . 25.41 -3.40 14.20
O3P MTE J . 24.05 -1.97 12.55
MO MOS K . 24.26 -10.70 12.55
S MOS K . 24.33 -12.76 13.10
O1 MOS K . 25.88 -11.08 11.42
O2 MOS K . 23.12 -10.83 11.26
O I3A L . 31.51 -12.81 8.37
C3' I3A L . 30.38 -12.50 8.77
C3 I3A L . 29.14 -12.75 7.88
C2 I3A L . 27.88 -12.52 8.22
N I3A L . 27.08 -12.88 7.19
C8 I3A L . 27.81 -13.35 6.21
C9 I3A L . 29.19 -13.29 6.61
C4 I3A L . 30.23 -13.73 5.76
C5 I3A L . 29.87 -14.24 4.49
C6 I3A L . 28.51 -14.31 4.09
C7 I3A L . 27.47 -13.85 4.92
FE1 FES M . -6.44 8.82 -23.87
FE2 FES M . -8.23 7.79 -25.57
S1 FES M . -6.10 7.20 -25.32
S2 FES M . -8.64 9.23 -23.95
FE1 FES N . -20.53 5.98 -18.57
FE2 FES N . -19.16 8.20 -19.42
S1 FES N . -20.79 7.07 -20.50
S2 FES N . -18.81 6.96 -17.58
PA FAD O . -36.13 6.00 -18.04
O1A FAD O . -34.95 6.81 -17.51
O2A FAD O . -36.07 4.57 -17.62
O5B FAD O . -37.54 6.71 -17.66
C5B FAD O . -37.79 8.02 -18.14
C4B FAD O . -39.19 8.54 -17.81
O4B FAD O . -40.18 7.88 -18.58
C3B FAD O . -39.59 8.36 -16.35
O3B FAD O . -40.33 9.51 -16.00
C2B FAD O . -40.50 7.14 -16.38
O2B FAD O . -41.41 7.08 -15.30
C1B FAD O . -41.18 7.30 -17.74
N9A FAD O . -41.66 6.08 -18.40
C8A FAD O . -40.89 5.09 -18.98
N7A FAD O . -41.73 4.17 -19.53
C5A FAD O . -43.01 4.56 -19.33
C6A FAD O . -44.25 4.02 -19.68
N6A FAD O . -44.31 3.12 -20.67
N1A FAD O . -45.41 4.67 -19.33
C2A FAD O . -45.35 5.87 -18.62
N3A FAD O . -44.13 6.42 -18.28
C4A FAD O . -42.98 5.77 -18.62
N1 FAD O . -33.01 12.23 -26.43
C2 FAD O . -33.29 12.90 -27.61
O2 FAD O . -34.46 13.15 -27.87
N3 FAD O . -32.30 13.29 -28.47
C4 FAD O . -30.98 13.00 -28.18
O4 FAD O . -30.12 13.35 -28.96
C4X FAD O . -30.66 12.33 -27.00
N5 FAD O . -29.35 12.00 -26.67
C5X FAD O . -29.07 11.35 -25.49
C6 FAD O . -27.74 11.07 -25.15
C7 FAD O . -27.44 10.40 -23.97
C7M FAD O . -25.98 10.30 -23.55
C8 FAD O . -28.47 10.01 -23.10
C8M FAD O . -28.16 9.64 -21.66
C9 FAD O . -29.79 10.29 -23.43
C9A FAD O . -30.10 10.96 -24.61
N10 FAD O . -31.41 11.25 -24.97
C10 FAD O . -31.69 11.94 -26.14
C1' FAD O . -32.53 10.92 -24.04
C2' FAD O . -33.01 9.49 -24.28
O2' FAD O . -33.64 9.34 -25.55
C3' FAD O . -34.00 9.17 -23.17
O3' FAD O . -33.30 9.38 -21.95
C4' FAD O . -34.56 7.74 -23.24
O4' FAD O . -35.39 7.54 -24.38
C5' FAD O . -35.39 7.49 -22.01
O5' FAD O . -35.78 6.15 -22.03
P FAD O . -35.46 5.27 -20.74
O1P FAD O . -36.02 3.88 -20.93
O2P FAD O . -33.96 5.31 -20.50
O3P FAD O . -36.21 6.14 -19.64
N1 MTE P . -0.60 13.44 -25.02
C2 MTE P . -1.42 12.63 -24.28
N2 MTE P . -1.79 11.42 -24.78
N3 MTE P . -1.87 12.99 -23.05
C4 MTE P . -1.55 14.17 -22.48
O4 MTE P . -1.98 14.49 -21.36
N5 MTE P . -0.28 16.34 -22.73
C6 MTE P . 0.24 17.33 -23.66
C7 MTE P . 1.23 16.61 -24.60
N8 MTE P . 0.60 15.46 -25.24
C9 MTE P . -0.69 15.10 -23.21
C10 MTE P . -0.20 14.64 -24.54
C1' MTE P . 0.94 18.50 -23.00
S1' MTE P . 0.01 19.79 -22.35
C2' MTE P . 2.30 18.49 -22.92
S2' MTE P . 3.18 19.83 -22.31
C3' MTE P . 3.15 17.31 -23.37
O3' MTE P . 2.38 16.19 -23.84
C4' MTE P . 4.04 16.94 -22.18
O4' MTE P . 4.78 15.73 -22.39
P MTE P . 6.24 15.76 -23.06
O1P MTE P . 6.97 16.94 -22.47
O2P MTE P . 5.86 15.91 -24.50
O3P MTE P . 6.79 14.41 -22.70
MO MOS Q . 1.47 21.16 -21.13
S MOS Q . 0.11 22.82 -21.08
O1 MOS Q . 2.93 22.53 -21.04
O2 MOS Q . 1.48 20.68 -19.47
O I3A R . 6.40 27.77 -21.13
C3' I3A R . 5.73 26.78 -20.81
C3 I3A R . 5.38 26.47 -19.35
C2 I3A R . 4.64 25.44 -18.94
N I3A R . 4.56 25.47 -17.61
C8 I3A R . 5.21 26.53 -17.14
C9 I3A R . 5.78 27.21 -18.24
C4 I3A R . 6.56 28.38 -18.07
C5 I3A R . 6.77 28.85 -16.75
C6 I3A R . 6.19 28.18 -15.64
C7 I3A R . 5.42 27.01 -15.82
#